data_3EXV
# 
_entry.id   3EXV 
# 
_audit_conform.dict_name       mmcif_pdbx.dic 
_audit_conform.dict_version    5.389 
_audit_conform.dict_location   http://mmcif.pdb.org/dictionaries/ascii/mmcif_pdbx.dic 
# 
loop_
_database_2.database_id 
_database_2.database_code 
_database_2.pdbx_database_accession 
_database_2.pdbx_DOI 
PDB   3EXV         pdb_00003exv 10.2210/pdb3exv/pdb 
RCSB  RCSB049903   ?            ?                   
WWPDB D_1000049903 ?            ?                   
# 
loop_
_pdbx_audit_revision_history.ordinal 
_pdbx_audit_revision_history.data_content_type 
_pdbx_audit_revision_history.major_revision 
_pdbx_audit_revision_history.minor_revision 
_pdbx_audit_revision_history.revision_date 
1 'Structure model' 1 0 2008-11-25 
2 'Structure model' 1 1 2011-07-13 
3 'Structure model' 1 2 2018-01-24 
4 'Structure model' 1 3 2023-12-27 
5 'Structure model' 1 4 2024-04-03 
# 
_pdbx_audit_revision_details.ordinal             1 
_pdbx_audit_revision_details.revision_ordinal    1 
_pdbx_audit_revision_details.data_content_type   'Structure model' 
_pdbx_audit_revision_details.provider            repository 
_pdbx_audit_revision_details.type                'Initial release' 
_pdbx_audit_revision_details.description         ? 
_pdbx_audit_revision_details.details             ? 
# 
loop_
_pdbx_audit_revision_group.ordinal 
_pdbx_audit_revision_group.revision_ordinal 
_pdbx_audit_revision_group.data_content_type 
_pdbx_audit_revision_group.group 
1 2 'Structure model' 'Version format compliance' 
2 3 'Structure model' 'Structure summary'         
3 4 'Structure model' 'Data collection'           
4 4 'Structure model' 'Database references'       
5 5 'Structure model' 'Refinement description'    
# 
loop_
_pdbx_audit_revision_category.ordinal 
_pdbx_audit_revision_category.revision_ordinal 
_pdbx_audit_revision_category.data_content_type 
_pdbx_audit_revision_category.category 
1 3 'Structure model' audit_author                  
2 4 'Structure model' chem_comp_atom                
3 4 'Structure model' chem_comp_bond                
4 4 'Structure model' database_2                    
5 4 'Structure model' struct_ref_seq_dif            
6 5 'Structure model' pdbx_initial_refinement_model 
# 
loop_
_pdbx_audit_revision_item.ordinal 
_pdbx_audit_revision_item.revision_ordinal 
_pdbx_audit_revision_item.data_content_type 
_pdbx_audit_revision_item.item 
1 3 'Structure model' '_audit_author.name'                  
2 4 'Structure model' '_database_2.pdbx_DOI'                
3 4 'Structure model' '_database_2.pdbx_database_accession' 
4 4 'Structure model' '_struct_ref_seq_dif.details'         
# 
_pdbx_database_status.status_code                     REL 
_pdbx_database_status.entry_id                        3EXV 
_pdbx_database_status.recvd_initial_deposition_date   2008-10-17 
_pdbx_database_status.deposit_site                    RCSB 
_pdbx_database_status.process_site                    RCSB 
_pdbx_database_status.status_code_sf                  REL 
_pdbx_database_status.status_code_mr                  ? 
_pdbx_database_status.SG_entry                        ? 
_pdbx_database_status.pdb_format_compatible           Y 
_pdbx_database_status.status_code_cs                  ? 
_pdbx_database_status.methods_development_category    ? 
_pdbx_database_status.status_code_nmr_data            ? 
# 
loop_
_pdbx_database_related.db_name 
_pdbx_database_related.db_id 
_pdbx_database_related.details 
_pdbx_database_related.content_type 
PDB 2O39 'Human Adenovirus type 11 knob in complex with domains SCR1 and SCR2 of CD46 (membrane cofactor protein, MCP)'    
unspecified 
PDB 2QLK 'Adenovirus AD35 fibre head'                                                                                      
unspecified 
PDB 3BQ4 'Crystal Structure of Ad35 fiber knob'                                                                            
unspecified 
PDB 1KNB 'CRYSTAL STRUCTURE OF THE RECEPTOR-BINDING DOMAIN OF ADENOVIRUS TYPE 5 FIBER PROTEIN AT 1.7 ANGSTROMS RESOLUTION' 
unspecified 
PDB 3EXW .                                                                                                                 
unspecified 
PDB 3FOY .                                                                                                                 
unspecified 
# 
loop_
_audit_author.name 
_audit_author.pdbx_ordinal 
'Persson, B.D.' 1 
'Reiter, D.M.'  2 
'Arnberg, N.'   3 
'Stehle, T.'    4 
# 
_citation.id                        primary 
_citation.title                     
'An arginine switch in the species B adenovirus knob determines high-affinity engagement of cellular receptor CD46' 
_citation.journal_abbrev            J.Virol. 
_citation.journal_volume            83 
_citation.page_first                673 
_citation.page_last                 686 
_citation.year                      2009 
_citation.journal_id_ASTM           JOVIAM 
_citation.country                   US 
_citation.journal_id_ISSN           0022-538X 
_citation.journal_id_CSD            0825 
_citation.book_publisher            ? 
_citation.pdbx_database_id_PubMed   18987134 
_citation.pdbx_database_id_DOI      10.1128/JVI.01967-08 
# 
loop_
_citation_author.citation_id 
_citation_author.name 
_citation_author.ordinal 
_citation_author.identifier_ORCID 
primary 'Persson, B.D.'  1  ? 
primary 'Muller, S.'     2  ? 
primary 'Reiter, D.M.'   3  ? 
primary 'Schmitt, B.B.'  4  ? 
primary 'Marttila, M.'   5  ? 
primary 'Sumowski, C.V.' 6  ? 
primary 'Schweizer, S.'  7  ? 
primary 'Scheu, U.'      8  ? 
primary 'Ochsenfeld, C.' 9  ? 
primary 'Arnberg, N.'    10 ? 
primary 'Stehle, T.'     11 ? 
# 
loop_
_entity.id 
_entity.type 
_entity.src_method 
_entity.pdbx_description 
_entity.formula_weight 
_entity.pdbx_number_of_molecules 
_entity.pdbx_ec 
_entity.pdbx_mutation 
_entity.pdbx_fragment 
_entity.details 
1 polymer man 'Fiber protein' 23752.438 1   ? ? 'residues 117-325' ? 
2 water   nat water           18.015    185 ? ? ?                  ? 
# 
_entity_name_com.entity_id   1 
_entity_name_com.name        pIV 
# 
_entity_poly.entity_id                      1 
_entity_poly.type                           'polypeptide(L)' 
_entity_poly.nstd_linkage                   no 
_entity_poly.nstd_monomer                   no 
_entity_poly.pdbx_seq_one_letter_code       
;GSHMGLTFNSNNICIDDNINTLWTGVNPTEANCQIMNSSESNDCKLILTLVKTGALVTAFVYVIGVSNNFNMLTTHRNIN
FTAELFFDSTGNLLTRLSSLKTPLNHKSGQNMATGAITNAKGFMPSTTAYPFNDNSREKENYIYGTCYYTASDRTAFPID
ISVMLNRRAINDETSYCIRITWSWNTGDAPEVQTSATTLVTSPFTFYYIREDD
;
_entity_poly.pdbx_seq_one_letter_code_can   
;GSHMGLTFNSNNICIDDNINTLWTGVNPTEANCQIMNSSESNDCKLILTLVKTGALVTAFVYVIGVSNNFNMLTTHRNIN
FTAELFFDSTGNLLTRLSSLKTPLNHKSGQNMATGAITNAKGFMPSTTAYPFNDNSREKENYIYGTCYYTASDRTAFPID
ISVMLNRRAINDETSYCIRITWSWNTGDAPEVQTSATTLVTSPFTFYYIREDD
;
_entity_poly.pdbx_strand_id                 A 
_entity_poly.pdbx_target_identifier         ? 
# 
_pdbx_entity_nonpoly.entity_id   2 
_pdbx_entity_nonpoly.name        water 
_pdbx_entity_nonpoly.comp_id     HOH 
# 
loop_
_entity_poly_seq.entity_id 
_entity_poly_seq.num 
_entity_poly_seq.mon_id 
_entity_poly_seq.hetero 
1 1   GLY n 
1 2   SER n 
1 3   HIS n 
1 4   MET n 
1 5   GLY n 
1 6   LEU n 
1 7   THR n 
1 8   PHE n 
1 9   ASN n 
1 10  SER n 
1 11  ASN n 
1 12  ASN n 
1 13  ILE n 
1 14  CYS n 
1 15  ILE n 
1 16  ASP n 
1 17  ASP n 
1 18  ASN n 
1 19  ILE n 
1 20  ASN n 
1 21  THR n 
1 22  LEU n 
1 23  TRP n 
1 24  THR n 
1 25  GLY n 
1 26  VAL n 
1 27  ASN n 
1 28  PRO n 
1 29  THR n 
1 30  GLU n 
1 31  ALA n 
1 32  ASN n 
1 33  CYS n 
1 34  GLN n 
1 35  ILE n 
1 36  MET n 
1 37  ASN n 
1 38  SER n 
1 39  SER n 
1 40  GLU n 
1 41  SER n 
1 42  ASN n 
1 43  ASP n 
1 44  CYS n 
1 45  LYS n 
1 46  LEU n 
1 47  ILE n 
1 48  LEU n 
1 49  THR n 
1 50  LEU n 
1 51  VAL n 
1 52  LYS n 
1 53  THR n 
1 54  GLY n 
1 55  ALA n 
1 56  LEU n 
1 57  VAL n 
1 58  THR n 
1 59  ALA n 
1 60  PHE n 
1 61  VAL n 
1 62  TYR n 
1 63  VAL n 
1 64  ILE n 
1 65  GLY n 
1 66  VAL n 
1 67  SER n 
1 68  ASN n 
1 69  ASN n 
1 70  PHE n 
1 71  ASN n 
1 72  MET n 
1 73  LEU n 
1 74  THR n 
1 75  THR n 
1 76  HIS n 
1 77  ARG n 
1 78  ASN n 
1 79  ILE n 
1 80  ASN n 
1 81  PHE n 
1 82  THR n 
1 83  ALA n 
1 84  GLU n 
1 85  LEU n 
1 86  PHE n 
1 87  PHE n 
1 88  ASP n 
1 89  SER n 
1 90  THR n 
1 91  GLY n 
1 92  ASN n 
1 93  LEU n 
1 94  LEU n 
1 95  THR n 
1 96  ARG n 
1 97  LEU n 
1 98  SER n 
1 99  SER n 
1 100 LEU n 
1 101 LYS n 
1 102 THR n 
1 103 PRO n 
1 104 LEU n 
1 105 ASN n 
1 106 HIS n 
1 107 LYS n 
1 108 SER n 
1 109 GLY n 
1 110 GLN n 
1 111 ASN n 
1 112 MET n 
1 113 ALA n 
1 114 THR n 
1 115 GLY n 
1 116 ALA n 
1 117 ILE n 
1 118 THR n 
1 119 ASN n 
1 120 ALA n 
1 121 LYS n 
1 122 GLY n 
1 123 PHE n 
1 124 MET n 
1 125 PRO n 
1 126 SER n 
1 127 THR n 
1 128 THR n 
1 129 ALA n 
1 130 TYR n 
1 131 PRO n 
1 132 PHE n 
1 133 ASN n 
1 134 ASP n 
1 135 ASN n 
1 136 SER n 
1 137 ARG n 
1 138 GLU n 
1 139 LYS n 
1 140 GLU n 
1 141 ASN n 
1 142 TYR n 
1 143 ILE n 
1 144 TYR n 
1 145 GLY n 
1 146 THR n 
1 147 CYS n 
1 148 TYR n 
1 149 TYR n 
1 150 THR n 
1 151 ALA n 
1 152 SER n 
1 153 ASP n 
1 154 ARG n 
1 155 THR n 
1 156 ALA n 
1 157 PHE n 
1 158 PRO n 
1 159 ILE n 
1 160 ASP n 
1 161 ILE n 
1 162 SER n 
1 163 VAL n 
1 164 MET n 
1 165 LEU n 
1 166 ASN n 
1 167 ARG n 
1 168 ARG n 
1 169 ALA n 
1 170 ILE n 
1 171 ASN n 
1 172 ASP n 
1 173 GLU n 
1 174 THR n 
1 175 SER n 
1 176 TYR n 
1 177 CYS n 
1 178 ILE n 
1 179 ARG n 
1 180 ILE n 
1 181 THR n 
1 182 TRP n 
1 183 SER n 
1 184 TRP n 
1 185 ASN n 
1 186 THR n 
1 187 GLY n 
1 188 ASP n 
1 189 ALA n 
1 190 PRO n 
1 191 GLU n 
1 192 VAL n 
1 193 GLN n 
1 194 THR n 
1 195 SER n 
1 196 ALA n 
1 197 THR n 
1 198 THR n 
1 199 LEU n 
1 200 VAL n 
1 201 THR n 
1 202 SER n 
1 203 PRO n 
1 204 PHE n 
1 205 THR n 
1 206 PHE n 
1 207 TYR n 
1 208 TYR n 
1 209 ILE n 
1 210 ARG n 
1 211 GLU n 
1 212 ASP n 
1 213 ASP n 
# 
_entity_src_gen.entity_id                          1 
_entity_src_gen.pdbx_src_id                        1 
_entity_src_gen.pdbx_alt_source_flag               sample 
_entity_src_gen.pdbx_seq_type                      ? 
_entity_src_gen.pdbx_beg_seq_num                   ? 
_entity_src_gen.pdbx_end_seq_num                   ? 
_entity_src_gen.gene_src_common_name               ? 
_entity_src_gen.gene_src_genus                     ? 
_entity_src_gen.pdbx_gene_src_gene                 PIV 
_entity_src_gen.gene_src_species                   ? 
_entity_src_gen.gene_src_strain                    Slobiski 
_entity_src_gen.gene_src_tissue                    ? 
_entity_src_gen.gene_src_tissue_fraction           ? 
_entity_src_gen.gene_src_details                   ? 
_entity_src_gen.pdbx_gene_src_fragment             ? 
_entity_src_gen.pdbx_gene_src_scientific_name      'Human adenovirus B' 
_entity_src_gen.pdbx_gene_src_ncbi_taxonomy_id     108098 
_entity_src_gen.pdbx_gene_src_variant              ? 
_entity_src_gen.pdbx_gene_src_cell_line            ? 
_entity_src_gen.pdbx_gene_src_atcc                 ? 
_entity_src_gen.pdbx_gene_src_organ                ? 
_entity_src_gen.pdbx_gene_src_organelle            ? 
_entity_src_gen.pdbx_gene_src_cell                 ? 
_entity_src_gen.pdbx_gene_src_cellular_location    ? 
_entity_src_gen.host_org_common_name               ? 
_entity_src_gen.pdbx_host_org_scientific_name      'Escherichia coli' 
_entity_src_gen.pdbx_host_org_ncbi_taxonomy_id     562 
_entity_src_gen.host_org_genus                     ? 
_entity_src_gen.pdbx_host_org_gene                 ? 
_entity_src_gen.pdbx_host_org_organ                ? 
_entity_src_gen.host_org_species                   ? 
_entity_src_gen.pdbx_host_org_tissue               ? 
_entity_src_gen.pdbx_host_org_tissue_fraction      ? 
_entity_src_gen.pdbx_host_org_strain               'Rosetta DE3' 
_entity_src_gen.pdbx_host_org_variant              ? 
_entity_src_gen.pdbx_host_org_cell_line            ? 
_entity_src_gen.pdbx_host_org_atcc                 ? 
_entity_src_gen.pdbx_host_org_culture_collection   ? 
_entity_src_gen.pdbx_host_org_cell                 ? 
_entity_src_gen.pdbx_host_org_organelle            ? 
_entity_src_gen.pdbx_host_org_cellular_location    ? 
_entity_src_gen.pdbx_host_org_vector_type          Plasmid 
_entity_src_gen.pdbx_host_org_vector               ? 
_entity_src_gen.host_org_details                   ? 
_entity_src_gen.expression_system_id               ? 
_entity_src_gen.plasmid_name                       pET15b 
_entity_src_gen.plasmid_details                    ? 
_entity_src_gen.pdbx_description                   ? 
# 
loop_
_chem_comp.id 
_chem_comp.type 
_chem_comp.mon_nstd_flag 
_chem_comp.name 
_chem_comp.pdbx_synonyms 
_chem_comp.formula 
_chem_comp.formula_weight 
ALA 'L-peptide linking' y ALANINE         ? 'C3 H7 N O2'     89.093  
ARG 'L-peptide linking' y ARGININE        ? 'C6 H15 N4 O2 1' 175.209 
ASN 'L-peptide linking' y ASPARAGINE      ? 'C4 H8 N2 O3'    132.118 
ASP 'L-peptide linking' y 'ASPARTIC ACID' ? 'C4 H7 N O4'     133.103 
CYS 'L-peptide linking' y CYSTEINE        ? 'C3 H7 N O2 S'   121.158 
GLN 'L-peptide linking' y GLUTAMINE       ? 'C5 H10 N2 O3'   146.144 
GLU 'L-peptide linking' y 'GLUTAMIC ACID' ? 'C5 H9 N O4'     147.129 
GLY 'peptide linking'   y GLYCINE         ? 'C2 H5 N O2'     75.067  
HIS 'L-peptide linking' y HISTIDINE       ? 'C6 H10 N3 O2 1' 156.162 
HOH non-polymer         . WATER           ? 'H2 O'           18.015  
ILE 'L-peptide linking' y ISOLEUCINE      ? 'C6 H13 N O2'    131.173 
LEU 'L-peptide linking' y LEUCINE         ? 'C6 H13 N O2'    131.173 
LYS 'L-peptide linking' y LYSINE          ? 'C6 H15 N2 O2 1' 147.195 
MET 'L-peptide linking' y METHIONINE      ? 'C5 H11 N O2 S'  149.211 
PHE 'L-peptide linking' y PHENYLALANINE   ? 'C9 H11 N O2'    165.189 
PRO 'L-peptide linking' y PROLINE         ? 'C5 H9 N O2'     115.130 
SER 'L-peptide linking' y SERINE          ? 'C3 H7 N O3'     105.093 
THR 'L-peptide linking' y THREONINE       ? 'C4 H9 N O3'     119.119 
TRP 'L-peptide linking' y TRYPTOPHAN      ? 'C11 H12 N2 O2'  204.225 
TYR 'L-peptide linking' y TYROSINE        ? 'C9 H11 N O3'    181.189 
VAL 'L-peptide linking' y VALINE          ? 'C5 H11 N O2'    117.146 
# 
loop_
_pdbx_poly_seq_scheme.asym_id 
_pdbx_poly_seq_scheme.entity_id 
_pdbx_poly_seq_scheme.seq_id 
_pdbx_poly_seq_scheme.mon_id 
_pdbx_poly_seq_scheme.ndb_seq_num 
_pdbx_poly_seq_scheme.pdb_seq_num 
_pdbx_poly_seq_scheme.auth_seq_num 
_pdbx_poly_seq_scheme.pdb_mon_id 
_pdbx_poly_seq_scheme.auth_mon_id 
_pdbx_poly_seq_scheme.pdb_strand_id 
_pdbx_poly_seq_scheme.pdb_ins_code 
_pdbx_poly_seq_scheme.hetero 
A 1 1   GLY 1   113 ?   ?   ?   A . n 
A 1 2   SER 2   114 ?   ?   ?   A . n 
A 1 3   HIS 3   115 ?   ?   ?   A . n 
A 1 4   MET 4   116 ?   ?   ?   A . n 
A 1 5   GLY 5   117 ?   ?   ?   A . n 
A 1 6   LEU 6   118 ?   ?   ?   A . n 
A 1 7   THR 7   119 ?   ?   ?   A . n 
A 1 8   PHE 8   120 ?   ?   ?   A . n 
A 1 9   ASN 9   121 ?   ?   ?   A . n 
A 1 10  SER 10  122 ?   ?   ?   A . n 
A 1 11  ASN 11  123 ?   ?   ?   A . n 
A 1 12  ASN 12  124 ?   ?   ?   A . n 
A 1 13  ILE 13  125 ?   ?   ?   A . n 
A 1 14  CYS 14  126 ?   ?   ?   A . n 
A 1 15  ILE 15  127 ?   ?   ?   A . n 
A 1 16  ASP 16  128 ?   ?   ?   A . n 
A 1 17  ASP 17  129 129 ASP ASP A . n 
A 1 18  ASN 18  130 130 ASN ASN A . n 
A 1 19  ILE 19  131 131 ILE ILE A . n 
A 1 20  ASN 20  132 132 ASN ASN A . n 
A 1 21  THR 21  133 133 THR THR A . n 
A 1 22  LEU 22  134 134 LEU LEU A . n 
A 1 23  TRP 23  135 135 TRP TRP A . n 
A 1 24  THR 24  136 136 THR THR A . n 
A 1 25  GLY 25  137 137 GLY GLY A . n 
A 1 26  VAL 26  138 138 VAL VAL A . n 
A 1 27  ASN 27  139 139 ASN ASN A . n 
A 1 28  PRO 28  140 140 PRO PRO A . n 
A 1 29  THR 29  141 141 THR THR A . n 
A 1 30  GLU 30  142 142 GLU GLU A . n 
A 1 31  ALA 31  143 143 ALA ALA A . n 
A 1 32  ASN 32  144 144 ASN ASN A . n 
A 1 33  CYS 33  145 145 CYS CYS A . n 
A 1 34  GLN 34  146 146 GLN GLN A . n 
A 1 35  ILE 35  147 147 ILE ILE A . n 
A 1 36  MET 36  148 148 MET MET A . n 
A 1 37  ASN 37  149 149 ASN ASN A . n 
A 1 38  SER 38  150 150 SER SER A . n 
A 1 39  SER 39  151 151 SER SER A . n 
A 1 40  GLU 40  152 152 GLU GLU A . n 
A 1 41  SER 41  153 153 SER SER A . n 
A 1 42  ASN 42  154 154 ASN ASN A . n 
A 1 43  ASP 43  155 155 ASP ASP A . n 
A 1 44  CYS 44  156 156 CYS CYS A . n 
A 1 45  LYS 45  157 157 LYS LYS A . n 
A 1 46  LEU 46  158 158 LEU LEU A . n 
A 1 47  ILE 47  159 159 ILE ILE A . n 
A 1 48  LEU 48  160 160 LEU LEU A . n 
A 1 49  THR 49  161 161 THR THR A . n 
A 1 50  LEU 50  162 162 LEU LEU A . n 
A 1 51  VAL 51  163 163 VAL VAL A . n 
A 1 52  LYS 52  164 164 LYS LYS A . n 
A 1 53  THR 53  165 165 THR THR A . n 
A 1 54  GLY 54  166 166 GLY GLY A . n 
A 1 55  ALA 55  167 167 ALA ALA A . n 
A 1 56  LEU 56  168 168 LEU LEU A . n 
A 1 57  VAL 57  169 169 VAL VAL A . n 
A 1 58  THR 58  170 170 THR THR A . n 
A 1 59  ALA 59  171 171 ALA ALA A . n 
A 1 60  PHE 60  172 172 PHE PHE A . n 
A 1 61  VAL 61  173 173 VAL VAL A . n 
A 1 62  TYR 62  174 174 TYR TYR A . n 
A 1 63  VAL 63  175 175 VAL VAL A . n 
A 1 64  ILE 64  176 176 ILE ILE A . n 
A 1 65  GLY 65  177 177 GLY GLY A . n 
A 1 66  VAL 66  178 178 VAL VAL A . n 
A 1 67  SER 67  179 179 SER SER A . n 
A 1 68  ASN 68  180 180 ASN ASN A . n 
A 1 69  ASN 69  181 181 ASN ASN A . n 
A 1 70  PHE 70  182 182 PHE PHE A . n 
A 1 71  ASN 71  183 183 ASN ASN A . n 
A 1 72  MET 72  184 184 MET MET A . n 
A 1 73  LEU 73  185 185 LEU LEU A . n 
A 1 74  THR 74  186 186 THR THR A . n 
A 1 75  THR 75  187 187 THR THR A . n 
A 1 76  HIS 76  188 188 HIS HIS A . n 
A 1 77  ARG 77  189 189 ARG ARG A . n 
A 1 78  ASN 78  190 190 ASN ASN A . n 
A 1 79  ILE 79  191 191 ILE ILE A . n 
A 1 80  ASN 80  192 192 ASN ASN A . n 
A 1 81  PHE 81  193 193 PHE PHE A . n 
A 1 82  THR 82  194 194 THR THR A . n 
A 1 83  ALA 83  195 195 ALA ALA A . n 
A 1 84  GLU 84  196 196 GLU GLU A . n 
A 1 85  LEU 85  197 197 LEU LEU A . n 
A 1 86  PHE 86  198 198 PHE PHE A . n 
A 1 87  PHE 87  199 199 PHE PHE A . n 
A 1 88  ASP 88  200 200 ASP ASP A . n 
A 1 89  SER 89  201 201 SER SER A . n 
A 1 90  THR 90  202 202 THR THR A . n 
A 1 91  GLY 91  203 203 GLY GLY A . n 
A 1 92  ASN 92  204 204 ASN ASN A . n 
A 1 93  LEU 93  205 205 LEU LEU A . n 
A 1 94  LEU 94  206 206 LEU LEU A . n 
A 1 95  THR 95  207 207 THR THR A . n 
A 1 96  ARG 96  208 208 ARG ARG A . n 
A 1 97  LEU 97  209 209 LEU LEU A . n 
A 1 98  SER 98  210 210 SER SER A . n 
A 1 99  SER 99  211 211 SER SER A . n 
A 1 100 LEU 100 212 212 LEU LEU A . n 
A 1 101 LYS 101 213 213 LYS LYS A . n 
A 1 102 THR 102 214 214 THR THR A . n 
A 1 103 PRO 103 215 215 PRO PRO A . n 
A 1 104 LEU 104 216 216 LEU LEU A . n 
A 1 105 ASN 105 217 217 ASN ASN A . n 
A 1 106 HIS 106 218 218 HIS HIS A . n 
A 1 107 LYS 107 219 219 LYS LYS A . n 
A 1 108 SER 108 220 220 SER SER A . n 
A 1 109 GLY 109 221 221 GLY GLY A . n 
A 1 110 GLN 110 222 222 GLN GLN A . n 
A 1 111 ASN 111 223 223 ASN ASN A . n 
A 1 112 MET 112 224 224 MET MET A . n 
A 1 113 ALA 113 225 225 ALA ALA A . n 
A 1 114 THR 114 226 226 THR THR A . n 
A 1 115 GLY 115 227 227 GLY GLY A . n 
A 1 116 ALA 116 228 228 ALA ALA A . n 
A 1 117 ILE 117 229 229 ILE ILE A . n 
A 1 118 THR 118 230 230 THR THR A . n 
A 1 119 ASN 119 231 231 ASN ASN A . n 
A 1 120 ALA 120 232 232 ALA ALA A . n 
A 1 121 LYS 121 233 233 LYS LYS A . n 
A 1 122 GLY 122 234 234 GLY GLY A . n 
A 1 123 PHE 123 235 235 PHE PHE A . n 
A 1 124 MET 124 236 236 MET MET A . n 
A 1 125 PRO 125 237 237 PRO PRO A . n 
A 1 126 SER 126 238 238 SER SER A . n 
A 1 127 THR 127 239 239 THR THR A . n 
A 1 128 THR 128 240 240 THR THR A . n 
A 1 129 ALA 129 241 241 ALA ALA A . n 
A 1 130 TYR 130 242 242 TYR TYR A . n 
A 1 131 PRO 131 243 243 PRO PRO A . n 
A 1 132 PHE 132 244 244 PHE PHE A . n 
A 1 133 ASN 133 245 245 ASN ASN A . n 
A 1 134 ASP 134 246 246 ASP ASP A . n 
A 1 135 ASN 135 247 247 ASN ASN A . n 
A 1 136 SER 136 248 248 SER SER A . n 
A 1 137 ARG 137 249 249 ARG ARG A . n 
A 1 138 GLU 138 250 250 GLU GLU A . n 
A 1 139 LYS 139 251 251 LYS LYS A . n 
A 1 140 GLU 140 252 252 GLU GLU A . n 
A 1 141 ASN 141 253 253 ASN ASN A . n 
A 1 142 TYR 142 254 254 TYR TYR A . n 
A 1 143 ILE 143 255 255 ILE ILE A . n 
A 1 144 TYR 144 256 256 TYR TYR A . n 
A 1 145 GLY 145 257 257 GLY GLY A . n 
A 1 146 THR 146 258 258 THR THR A . n 
A 1 147 CYS 147 259 259 CYS CYS A . n 
A 1 148 TYR 148 260 260 TYR TYR A . n 
A 1 149 TYR 149 261 261 TYR TYR A . n 
A 1 150 THR 150 262 262 THR THR A . n 
A 1 151 ALA 151 263 263 ALA ALA A . n 
A 1 152 SER 152 264 264 SER SER A . n 
A 1 153 ASP 153 265 265 ASP ASP A . n 
A 1 154 ARG 154 266 266 ARG ARG A . n 
A 1 155 THR 155 267 267 THR THR A . n 
A 1 156 ALA 156 268 268 ALA ALA A . n 
A 1 157 PHE 157 269 269 PHE PHE A . n 
A 1 158 PRO 158 270 270 PRO PRO A . n 
A 1 159 ILE 159 271 271 ILE ILE A . n 
A 1 160 ASP 160 272 272 ASP ASP A . n 
A 1 161 ILE 161 273 273 ILE ILE A . n 
A 1 162 SER 162 274 274 SER SER A . n 
A 1 163 VAL 163 275 275 VAL VAL A . n 
A 1 164 MET 164 276 276 MET MET A . n 
A 1 165 LEU 165 277 277 LEU LEU A . n 
A 1 166 ASN 166 278 278 ASN ASN A . n 
A 1 167 ARG 167 279 279 ARG ARG A . n 
A 1 168 ARG 168 280 280 ARG ARG A . n 
A 1 169 ALA 169 281 281 ALA ALA A . n 
A 1 170 ILE 170 282 282 ILE ILE A . n 
A 1 171 ASN 171 283 283 ASN ASN A . n 
A 1 172 ASP 172 284 284 ASP ASP A . n 
A 1 173 GLU 173 285 285 GLU GLU A . n 
A 1 174 THR 174 286 286 THR THR A . n 
A 1 175 SER 175 287 287 SER SER A . n 
A 1 176 TYR 176 288 288 TYR TYR A . n 
A 1 177 CYS 177 289 289 CYS CYS A . n 
A 1 178 ILE 178 290 290 ILE ILE A . n 
A 1 179 ARG 179 291 291 ARG ARG A . n 
A 1 180 ILE 180 292 292 ILE ILE A . n 
A 1 181 THR 181 293 293 THR THR A . n 
A 1 182 TRP 182 294 294 TRP TRP A . n 
A 1 183 SER 183 295 295 SER SER A . n 
A 1 184 TRP 184 296 296 TRP TRP A . n 
A 1 185 ASN 185 297 297 ASN ASN A . n 
A 1 186 THR 186 298 298 THR THR A . n 
A 1 187 GLY 187 299 299 GLY GLY A . n 
A 1 188 ASP 188 300 300 ASP ASP A . n 
A 1 189 ALA 189 301 301 ALA ALA A . n 
A 1 190 PRO 190 302 302 PRO PRO A . n 
A 1 191 GLU 191 303 303 GLU GLU A . n 
A 1 192 VAL 192 304 304 VAL VAL A . n 
A 1 193 GLN 193 305 305 GLN GLN A . n 
A 1 194 THR 194 306 306 THR THR A . n 
A 1 195 SER 195 307 307 SER SER A . n 
A 1 196 ALA 196 308 308 ALA ALA A . n 
A 1 197 THR 197 309 309 THR THR A . n 
A 1 198 THR 198 310 310 THR THR A . n 
A 1 199 LEU 199 311 311 LEU LEU A . n 
A 1 200 VAL 200 312 312 VAL VAL A . n 
A 1 201 THR 201 313 313 THR THR A . n 
A 1 202 SER 202 314 314 SER SER A . n 
A 1 203 PRO 203 315 315 PRO PRO A . n 
A 1 204 PHE 204 316 316 PHE PHE A . n 
A 1 205 THR 205 317 317 THR THR A . n 
A 1 206 PHE 206 318 318 PHE PHE A . n 
A 1 207 TYR 207 319 319 TYR TYR A . n 
A 1 208 TYR 208 320 320 TYR TYR A . n 
A 1 209 ILE 209 321 321 ILE ILE A . n 
A 1 210 ARG 210 322 322 ARG ARG A . n 
A 1 211 GLU 211 323 323 GLU GLU A . n 
A 1 212 ASP 212 324 324 ASP ASP A . n 
A 1 213 ASP 213 325 325 ASP ASP A . n 
# 
loop_
_pdbx_nonpoly_scheme.asym_id 
_pdbx_nonpoly_scheme.entity_id 
_pdbx_nonpoly_scheme.mon_id 
_pdbx_nonpoly_scheme.ndb_seq_num 
_pdbx_nonpoly_scheme.pdb_seq_num 
_pdbx_nonpoly_scheme.auth_seq_num 
_pdbx_nonpoly_scheme.pdb_mon_id 
_pdbx_nonpoly_scheme.auth_mon_id 
_pdbx_nonpoly_scheme.pdb_strand_id 
_pdbx_nonpoly_scheme.pdb_ins_code 
B 2 HOH 1   1   1   HOH HOH A . 
B 2 HOH 2   2   2   HOH HOH A . 
B 2 HOH 3   3   3   HOH HOH A . 
B 2 HOH 4   4   4   HOH HOH A . 
B 2 HOH 5   5   5   HOH HOH A . 
B 2 HOH 6   6   6   HOH HOH A . 
B 2 HOH 7   7   7   HOH HOH A . 
B 2 HOH 8   8   8   HOH HOH A . 
B 2 HOH 9   9   9   HOH HOH A . 
B 2 HOH 10  10  10  HOH HOH A . 
B 2 HOH 11  11  11  HOH HOH A . 
B 2 HOH 12  12  12  HOH HOH A . 
B 2 HOH 13  13  13  HOH HOH A . 
B 2 HOH 14  14  14  HOH HOH A . 
B 2 HOH 15  15  15  HOH HOH A . 
B 2 HOH 16  16  16  HOH HOH A . 
B 2 HOH 17  17  17  HOH HOH A . 
B 2 HOH 18  18  18  HOH HOH A . 
B 2 HOH 19  19  19  HOH HOH A . 
B 2 HOH 20  20  20  HOH HOH A . 
B 2 HOH 21  21  21  HOH HOH A . 
B 2 HOH 22  22  22  HOH HOH A . 
B 2 HOH 23  23  23  HOH HOH A . 
B 2 HOH 24  24  24  HOH HOH A . 
B 2 HOH 25  25  25  HOH HOH A . 
B 2 HOH 26  26  26  HOH HOH A . 
B 2 HOH 27  27  27  HOH HOH A . 
B 2 HOH 28  28  28  HOH HOH A . 
B 2 HOH 29  29  29  HOH HOH A . 
B 2 HOH 30  30  30  HOH HOH A . 
B 2 HOH 31  31  31  HOH HOH A . 
B 2 HOH 32  32  32  HOH HOH A . 
B 2 HOH 33  33  33  HOH HOH A . 
B 2 HOH 34  34  34  HOH HOH A . 
B 2 HOH 35  35  35  HOH HOH A . 
B 2 HOH 36  36  36  HOH HOH A . 
B 2 HOH 37  37  37  HOH HOH A . 
B 2 HOH 38  38  38  HOH HOH A . 
B 2 HOH 39  39  39  HOH HOH A . 
B 2 HOH 40  40  40  HOH HOH A . 
B 2 HOH 41  41  41  HOH HOH A . 
B 2 HOH 42  42  42  HOH HOH A . 
B 2 HOH 43  43  43  HOH HOH A . 
B 2 HOH 44  44  44  HOH HOH A . 
B 2 HOH 45  45  45  HOH HOH A . 
B 2 HOH 46  46  46  HOH HOH A . 
B 2 HOH 47  47  47  HOH HOH A . 
B 2 HOH 48  48  48  HOH HOH A . 
B 2 HOH 49  49  49  HOH HOH A . 
B 2 HOH 50  50  50  HOH HOH A . 
B 2 HOH 51  51  51  HOH HOH A . 
B 2 HOH 52  52  52  HOH HOH A . 
B 2 HOH 53  53  53  HOH HOH A . 
B 2 HOH 54  54  54  HOH HOH A . 
B 2 HOH 55  55  55  HOH HOH A . 
B 2 HOH 56  56  56  HOH HOH A . 
B 2 HOH 57  57  57  HOH HOH A . 
B 2 HOH 58  58  58  HOH HOH A . 
B 2 HOH 59  59  59  HOH HOH A . 
B 2 HOH 60  60  60  HOH HOH A . 
B 2 HOH 61  61  61  HOH HOH A . 
B 2 HOH 62  62  62  HOH HOH A . 
B 2 HOH 63  63  63  HOH HOH A . 
B 2 HOH 64  64  64  HOH HOH A . 
B 2 HOH 65  65  65  HOH HOH A . 
B 2 HOH 66  66  66  HOH HOH A . 
B 2 HOH 67  67  67  HOH HOH A . 
B 2 HOH 68  68  68  HOH HOH A . 
B 2 HOH 69  69  69  HOH HOH A . 
B 2 HOH 70  70  70  HOH HOH A . 
B 2 HOH 71  71  71  HOH HOH A . 
B 2 HOH 72  72  72  HOH HOH A . 
B 2 HOH 73  73  73  HOH HOH A . 
B 2 HOH 74  74  74  HOH HOH A . 
B 2 HOH 75  75  75  HOH HOH A . 
B 2 HOH 76  76  76  HOH HOH A . 
B 2 HOH 77  77  77  HOH HOH A . 
B 2 HOH 78  78  78  HOH HOH A . 
B 2 HOH 79  79  79  HOH HOH A . 
B 2 HOH 80  80  80  HOH HOH A . 
B 2 HOH 81  81  81  HOH HOH A . 
B 2 HOH 82  82  82  HOH HOH A . 
B 2 HOH 83  83  83  HOH HOH A . 
B 2 HOH 84  84  84  HOH HOH A . 
B 2 HOH 85  85  85  HOH HOH A . 
B 2 HOH 86  86  86  HOH HOH A . 
B 2 HOH 87  87  87  HOH HOH A . 
B 2 HOH 88  88  88  HOH HOH A . 
B 2 HOH 89  89  89  HOH HOH A . 
B 2 HOH 90  90  90  HOH HOH A . 
B 2 HOH 91  91  91  HOH HOH A . 
B 2 HOH 92  92  92  HOH HOH A . 
B 2 HOH 93  93  93  HOH HOH A . 
B 2 HOH 94  94  94  HOH HOH A . 
B 2 HOH 95  95  95  HOH HOH A . 
B 2 HOH 96  96  96  HOH HOH A . 
B 2 HOH 97  97  97  HOH HOH A . 
B 2 HOH 98  98  98  HOH HOH A . 
B 2 HOH 99  99  99  HOH HOH A . 
B 2 HOH 100 100 100 HOH HOH A . 
B 2 HOH 101 101 101 HOH HOH A . 
B 2 HOH 102 102 102 HOH HOH A . 
B 2 HOH 103 103 103 HOH HOH A . 
B 2 HOH 104 104 104 HOH HOH A . 
B 2 HOH 105 105 105 HOH HOH A . 
B 2 HOH 106 106 106 HOH HOH A . 
B 2 HOH 107 107 107 HOH HOH A . 
B 2 HOH 108 108 108 HOH HOH A . 
B 2 HOH 109 109 109 HOH HOH A . 
B 2 HOH 110 110 110 HOH HOH A . 
B 2 HOH 111 111 111 HOH HOH A . 
B 2 HOH 112 112 112 HOH HOH A . 
B 2 HOH 113 326 113 HOH HOH A . 
B 2 HOH 114 327 114 HOH HOH A . 
B 2 HOH 115 328 115 HOH HOH A . 
B 2 HOH 116 329 116 HOH HOH A . 
B 2 HOH 117 330 117 HOH HOH A . 
B 2 HOH 118 331 118 HOH HOH A . 
B 2 HOH 119 332 119 HOH HOH A . 
B 2 HOH 120 333 120 HOH HOH A . 
B 2 HOH 121 334 121 HOH HOH A . 
B 2 HOH 122 335 122 HOH HOH A . 
B 2 HOH 123 336 123 HOH HOH A . 
B 2 HOH 124 337 124 HOH HOH A . 
B 2 HOH 125 338 125 HOH HOH A . 
B 2 HOH 126 339 126 HOH HOH A . 
B 2 HOH 127 340 127 HOH HOH A . 
B 2 HOH 128 341 128 HOH HOH A . 
B 2 HOH 129 342 129 HOH HOH A . 
B 2 HOH 130 343 130 HOH HOH A . 
B 2 HOH 131 344 131 HOH HOH A . 
B 2 HOH 132 345 132 HOH HOH A . 
B 2 HOH 133 346 133 HOH HOH A . 
B 2 HOH 134 347 134 HOH HOH A . 
B 2 HOH 135 348 135 HOH HOH A . 
B 2 HOH 136 349 136 HOH HOH A . 
B 2 HOH 137 350 137 HOH HOH A . 
B 2 HOH 138 351 138 HOH HOH A . 
B 2 HOH 139 352 139 HOH HOH A . 
B 2 HOH 140 353 140 HOH HOH A . 
B 2 HOH 141 354 141 HOH HOH A . 
B 2 HOH 142 355 142 HOH HOH A . 
B 2 HOH 143 356 143 HOH HOH A . 
B 2 HOH 144 357 144 HOH HOH A . 
B 2 HOH 145 358 145 HOH HOH A . 
B 2 HOH 146 359 146 HOH HOH A . 
B 2 HOH 147 360 147 HOH HOH A . 
B 2 HOH 148 361 148 HOH HOH A . 
B 2 HOH 149 362 149 HOH HOH A . 
B 2 HOH 150 363 150 HOH HOH A . 
B 2 HOH 151 364 151 HOH HOH A . 
B 2 HOH 152 365 152 HOH HOH A . 
B 2 HOH 153 366 153 HOH HOH A . 
B 2 HOH 154 367 154 HOH HOH A . 
B 2 HOH 155 368 155 HOH HOH A . 
B 2 HOH 156 369 156 HOH HOH A . 
B 2 HOH 157 370 157 HOH HOH A . 
B 2 HOH 158 371 158 HOH HOH A . 
B 2 HOH 159 372 159 HOH HOH A . 
B 2 HOH 160 373 160 HOH HOH A . 
B 2 HOH 161 374 161 HOH HOH A . 
B 2 HOH 162 375 162 HOH HOH A . 
B 2 HOH 163 376 163 HOH HOH A . 
B 2 HOH 164 377 164 HOH HOH A . 
B 2 HOH 165 378 165 HOH HOH A . 
B 2 HOH 166 379 166 HOH HOH A . 
B 2 HOH 167 380 167 HOH HOH A . 
B 2 HOH 168 381 168 HOH HOH A . 
B 2 HOH 169 382 169 HOH HOH A . 
B 2 HOH 170 383 170 HOH HOH A . 
B 2 HOH 171 384 171 HOH HOH A . 
B 2 HOH 172 385 172 HOH HOH A . 
B 2 HOH 173 386 173 HOH HOH A . 
B 2 HOH 174 387 175 HOH HOH A . 
B 2 HOH 175 388 176 HOH HOH A . 
B 2 HOH 176 389 177 HOH HOH A . 
B 2 HOH 177 390 178 HOH HOH A . 
B 2 HOH 178 391 179 HOH HOH A . 
B 2 HOH 179 392 180 HOH HOH A . 
B 2 HOH 180 393 181 HOH HOH A . 
B 2 HOH 181 394 183 HOH HOH A . 
B 2 HOH 182 395 184 HOH HOH A . 
B 2 HOH 183 396 185 HOH HOH A . 
B 2 HOH 184 397 186 HOH HOH A . 
B 2 HOH 185 398 188 HOH HOH A . 
# 
loop_
_software.name 
_software.classification 
_software.version 
_software.citation_id 
_software.pdbx_ordinal 
MAR345dtb 'data collection' .   ? 1 
AMoRE     phasing           .   ? 2 
REFMAC    refinement        5.0 ? 3 
HKL-2000  'data reduction'  .   ? 4 
HKL-2000  'data scaling'    .   ? 5 
# 
_cell.entry_id           3EXV 
_cell.length_a           100.597 
_cell.length_b           100.597 
_cell.length_c           100.597 
_cell.angle_alpha        90.00 
_cell.angle_beta         90.00 
_cell.angle_gamma        90.00 
_cell.Z_PDB              24 
_cell.pdbx_unique_axis   ? 
_cell.length_a_esd       ? 
_cell.length_b_esd       ? 
_cell.length_c_esd       ? 
_cell.angle_alpha_esd    ? 
_cell.angle_beta_esd     ? 
_cell.angle_gamma_esd    ? 
# 
_symmetry.entry_id                         3EXV 
_symmetry.space_group_name_H-M             'I 2 3' 
_symmetry.pdbx_full_space_group_name_H-M   ? 
_symmetry.cell_setting                     ? 
_symmetry.Int_Tables_number                197 
_symmetry.space_group_name_Hall            ? 
# 
_exptl.entry_id          3EXV 
_exptl.method            'X-RAY DIFFRACTION' 
_exptl.crystals_number   1 
# 
_exptl_crystal.id                    1 
_exptl_crystal.density_meas          ? 
_exptl_crystal.density_Matthews      1.79 
_exptl_crystal.density_percent_sol   31.12 
_exptl_crystal.description           ? 
_exptl_crystal.F_000                 ? 
_exptl_crystal.preparation           ? 
# 
_exptl_crystal_grow.crystal_id      1 
_exptl_crystal_grow.method          'VAPOR DIFFUSION, HANGING DROP' 
_exptl_crystal_grow.temp            293.15 
_exptl_crystal_grow.temp_details    ? 
_exptl_crystal_grow.pH              7.0 
_exptl_crystal_grow.pdbx_details    
'18% w/v PEG6000, 0.1M HEPES buffer, pH 7.0, VAPOR DIFFUSION, HANGING DROP, temperature 293.15K' 
_exptl_crystal_grow.pdbx_pH_range   . 
# 
_diffrn.id                     1 
_diffrn.ambient_temp           93 
_diffrn.ambient_temp_details   ? 
_diffrn.crystal_id             1 
# 
_diffrn_detector.diffrn_id              1 
_diffrn_detector.detector               CCD 
_diffrn_detector.type                   'MARMOSAIC 225 mm CCD' 
_diffrn_detector.pdbx_collection_date   2006-05-10 
_diffrn_detector.details                ? 
# 
_diffrn_radiation.diffrn_id                        1 
_diffrn_radiation.wavelength_id                    1 
_diffrn_radiation.pdbx_monochromatic_or_laue_m_l   M 
_diffrn_radiation.monochromator                    Undulator 
_diffrn_radiation.pdbx_diffrn_protocol             'SINGLE WAVELENGTH' 
_diffrn_radiation.pdbx_scattering_type             x-ray 
# 
_diffrn_radiation_wavelength.id           1 
_diffrn_radiation_wavelength.wavelength   1 
_diffrn_radiation_wavelength.wt           1.0 
# 
_diffrn_source.diffrn_id                   1 
_diffrn_source.source                      SYNCHROTRON 
_diffrn_source.type                        'SLS BEAMLINE X06SA' 
_diffrn_source.pdbx_synchrotron_site       SLS 
_diffrn_source.pdbx_synchrotron_beamline   X06SA 
_diffrn_source.pdbx_wavelength             ? 
_diffrn_source.pdbx_wavelength_list        1 
# 
_reflns.entry_id                     3EXV 
_reflns.observed_criterion_sigma_I   -3.0 
_reflns.observed_criterion_sigma_F   0 
_reflns.d_resolution_low             71 
_reflns.d_resolution_high            1.45 
_reflns.number_obs                   28526 
_reflns.number_all                   30079 
_reflns.percent_possible_obs         99.9 
_reflns.pdbx_Rmerge_I_obs            ? 
_reflns.pdbx_Rsym_value              0.045 
_reflns.B_iso_Wilson_estimate        14.1 
_reflns.pdbx_redundancy              6.0 
_reflns.R_free_details               ? 
_reflns.limit_h_max                  ? 
_reflns.limit_h_min                  ? 
_reflns.limit_k_max                  ? 
_reflns.limit_k_min                  ? 
_reflns.limit_l_max                  ? 
_reflns.limit_l_min                  ? 
_reflns.observed_criterion_F_max     ? 
_reflns.observed_criterion_F_min     ? 
_reflns.pdbx_chi_squared             ? 
_reflns.pdbx_scaling_rejects         ? 
_reflns.pdbx_netI_over_sigmaI        ? 
_reflns.pdbx_diffrn_id               1 
_reflns.pdbx_ordinal                 1 
# 
_reflns_shell.d_res_high             1.45 
_reflns_shell.d_res_low              1.50 
_reflns_shell.percent_possible_all   100 
_reflns_shell.Rmerge_I_obs           ? 
_reflns_shell.pdbx_Rsym_value        0.388 
_reflns_shell.meanI_over_sigI_obs    ? 
_reflns_shell.pdbx_redundancy        5.4 
_reflns_shell.percent_possible_obs   ? 
_reflns_shell.number_unique_all      ? 
_reflns_shell.number_measured_all    ? 
_reflns_shell.number_measured_obs    ? 
_reflns_shell.number_unique_obs      ? 
_reflns_shell.pdbx_chi_squared       ? 
_reflns_shell.pdbx_diffrn_id         ? 
_reflns_shell.pdbx_ordinal           1 
# 
_refine.entry_id                                 3EXV 
_refine.ls_number_reflns_obs                     28526 
_refine.ls_number_reflns_all                     30079 
_refine.pdbx_ls_sigma_I                          0 
_refine.pdbx_ls_sigma_F                          0 
_refine.pdbx_data_cutoff_high_absF               ? 
_refine.pdbx_data_cutoff_low_absF                ? 
_refine.pdbx_data_cutoff_high_rms_absF           ? 
_refine.ls_d_res_low                             23.71 
_refine.ls_d_res_high                            1.45 
_refine.ls_percent_reflns_obs                    99.93 
_refine.ls_R_factor_obs                          0.19365 
_refine.ls_R_factor_all                          ? 
_refine.ls_R_factor_R_work                       0.19204 
_refine.ls_R_factor_R_free                       0.22460 
_refine.ls_R_factor_R_free_error                 ? 
_refine.ls_R_factor_R_free_error_details         ? 
_refine.ls_percent_reflns_R_free                 5.1 
_refine.ls_number_reflns_R_free                  1525 
_refine.ls_number_parameters                     ? 
_refine.ls_number_restraints                     ? 
_refine.occupancy_min                            ? 
_refine.occupancy_max                            ? 
_refine.correlation_coeff_Fo_to_Fc               0.957 
_refine.correlation_coeff_Fo_to_Fc_free          0.939 
_refine.B_iso_mean                               9.959 
_refine.aniso_B[1][1]                            ? 
_refine.aniso_B[2][2]                            ? 
_refine.aniso_B[3][3]                            ? 
_refine.aniso_B[1][2]                            ? 
_refine.aniso_B[1][3]                            ? 
_refine.aniso_B[2][3]                            ? 
_refine.solvent_model_details                    MASK 
_refine.solvent_model_param_ksol                 ? 
_refine.solvent_model_param_bsol                 ? 
_refine.pdbx_solvent_vdw_probe_radii             1.40 
_refine.pdbx_solvent_ion_probe_radii             0.80 
_refine.pdbx_solvent_shrinkage_radii             0.80 
_refine.pdbx_ls_cross_valid_method               THROUGHOUT 
_refine.details                                  'HYDROGENS HAVE BEEN ADDED IN THE RIDING POSITIONS' 
_refine.pdbx_starting_model                      'Human Adenovirus type 3 fiber knob' 
_refine.pdbx_method_to_determine_struct          'MOLECULAR REPLACEMENT' 
_refine.pdbx_isotropic_thermal_model             ? 
_refine.pdbx_stereochemistry_target_values       'MAXIMUM LIKELIHOOD' 
_refine.pdbx_stereochem_target_val_spec_case     ? 
_refine.pdbx_R_Free_selection_details            RANDOM 
_refine.pdbx_overall_ESU_R                       0.081 
_refine.pdbx_overall_ESU_R_Free                  0.082 
_refine.overall_SU_ML                            0.052 
_refine.overall_SU_B                             1.295 
_refine.ls_redundancy_reflns_obs                 ? 
_refine.B_iso_min                                ? 
_refine.B_iso_max                                ? 
_refine.overall_SU_R_Cruickshank_DPI             ? 
_refine.overall_SU_R_free                        ? 
_refine.ls_wR_factor_R_free                      ? 
_refine.ls_wR_factor_R_work                      ? 
_refine.overall_FOM_free_R_set                   ? 
_refine.overall_FOM_work_R_set                   ? 
_refine.pdbx_overall_phase_error                 ? 
_refine.pdbx_refine_id                           'X-RAY DIFFRACTION' 
_refine.pdbx_diffrn_id                           1 
_refine.pdbx_TLS_residual_ADP_flag               ? 
_refine.pdbx_overall_SU_R_free_Cruickshank_DPI   ? 
_refine.pdbx_overall_SU_R_Blow_DPI               ? 
_refine.pdbx_overall_SU_R_free_Blow_DPI          ? 
# 
_refine_hist.pdbx_refine_id                   'X-RAY DIFFRACTION' 
_refine_hist.cycle_id                         LAST 
_refine_hist.pdbx_number_atoms_protein        1579 
_refine_hist.pdbx_number_atoms_nucleic_acid   0 
_refine_hist.pdbx_number_atoms_ligand         0 
_refine_hist.number_atoms_solvent             185 
_refine_hist.number_atoms_total               1764 
_refine_hist.d_res_high                       1.45 
_refine_hist.d_res_low                        23.71 
# 
loop_
_refine_ls_restr.type 
_refine_ls_restr.dev_ideal 
_refine_ls_restr.dev_ideal_target 
_refine_ls_restr.weight 
_refine_ls_restr.number 
_refine_ls_restr.pdbx_refine_id 
_refine_ls_restr.pdbx_restraint_function 
r_bond_refined_d         0.005  0.022  ? 1619 'X-RAY DIFFRACTION' ? 
r_bond_other_d           0.002  0.020  ? 1039 'X-RAY DIFFRACTION' ? 
r_angle_refined_deg      0.918  1.932  ? 2221 'X-RAY DIFFRACTION' ? 
r_angle_other_deg        0.679  3.000  ? 2550 'X-RAY DIFFRACTION' ? 
r_dihedral_angle_1_deg   8.391  5.000  ? 208  'X-RAY DIFFRACTION' ? 
r_dihedral_angle_2_deg   37.106 24.737 ? 76   'X-RAY DIFFRACTION' ? 
r_dihedral_angle_3_deg   10.705 15.000 ? 261  'X-RAY DIFFRACTION' ? 
r_dihedral_angle_4_deg   12.861 15.000 ? 8    'X-RAY DIFFRACTION' ? 
r_chiral_restr           0.059  0.200  ? 260  'X-RAY DIFFRACTION' ? 
r_gen_planes_refined     0.004  0.020  ? 1832 'X-RAY DIFFRACTION' ? 
r_gen_planes_other       0.001  0.020  ? 333  'X-RAY DIFFRACTION' ? 
r_nbd_refined            0.184  0.200  ? 285  'X-RAY DIFFRACTION' ? 
r_nbd_other              0.192  0.200  ? 1157 'X-RAY DIFFRACTION' ? 
r_nbtor_refined          0.174  0.200  ? 814  'X-RAY DIFFRACTION' ? 
r_nbtor_other            0.080  0.200  ? 847  'X-RAY DIFFRACTION' ? 
r_xyhbond_nbd_refined    0.088  0.200  ? 164  'X-RAY DIFFRACTION' ? 
r_symmetry_vdw_refined   0.108  0.200  ? 22   'X-RAY DIFFRACTION' ? 
r_symmetry_vdw_other     0.210  0.200  ? 56   'X-RAY DIFFRACTION' ? 
r_symmetry_hbond_refined 0.073  0.200  ? 29   'X-RAY DIFFRACTION' ? 
r_mcbond_it              0.550  1.500  ? 1299 'X-RAY DIFFRACTION' ? 
r_mcbond_other           0.054  1.500  ? 402  'X-RAY DIFFRACTION' ? 
r_mcangle_it             0.615  2.000  ? 1649 'X-RAY DIFFRACTION' ? 
r_scbond_it              0.765  3.000  ? 730  'X-RAY DIFFRACTION' ? 
r_scangle_it             1.096  4.500  ? 565  'X-RAY DIFFRACTION' ? 
# 
_refine_ls_shell.pdbx_total_number_of_bins_used   20 
_refine_ls_shell.d_res_high                       1.450 
_refine_ls_shell.d_res_low                        1.488 
_refine_ls_shell.number_reflns_R_work             2072 
_refine_ls_shell.R_factor_R_work                  0.275 
_refine_ls_shell.percent_reflns_obs               99.95 
_refine_ls_shell.R_factor_R_free                  0.311 
_refine_ls_shell.R_factor_R_free_error            ? 
_refine_ls_shell.percent_reflns_R_free            ? 
_refine_ls_shell.number_reflns_R_free             112 
_refine_ls_shell.number_reflns_all                ? 
_refine_ls_shell.R_factor_all                     ? 
_refine_ls_shell.number_reflns_obs                ? 
_refine_ls_shell.redundancy_reflns_obs            ? 
_refine_ls_shell.pdbx_refine_id                   'X-RAY DIFFRACTION' 
# 
_struct.entry_id                  3EXV 
_struct.title                     'Crystal structure of the human Adenovirus type 11 fiber knob' 
_struct.pdbx_model_details        ? 
_struct.pdbx_CASP_flag            N 
_struct.pdbx_model_type_details   ? 
# 
_struct_keywords.entry_id        3EXV 
_struct_keywords.pdbx_keywords   'VIRAL PROTEIN' 
_struct_keywords.text            
'adenovirus, fiber knob, attachment protein, trimer, CD46, MCP, Ad11, Fiber protein, VIRAL PROTEIN' 
# 
loop_
_struct_asym.id 
_struct_asym.pdbx_blank_PDB_chainid_flag 
_struct_asym.pdbx_modified 
_struct_asym.entity_id 
_struct_asym.details 
A N N 1 ? 
B N N 2 ? 
# 
_struct_ref.id                         1 
_struct_ref.db_name                    UNP 
_struct_ref.db_code                    FIBP_ADE1P 
_struct_ref.pdbx_db_accession          P35774 
_struct_ref.entity_id                  1 
_struct_ref.pdbx_seq_one_letter_code   
;GLTFNSNNICIDDNINTLWTGVNPTEANCQIMNSSESNDCKLILTLVKTGALVTAFVYVIGVSNNFNMLTTHRNINFTAE
LFFDSTGNLLTRLSSLKTPLNHKSGQNMATGAITNAKGFMPSTTAYPFNDNSREKENYIYGTCYYTASDRTAFPIDISVM
LNRRAINDETSYCIRITWSWNTGDAPEVQTSATTLVTSPFTFYYIREDD
;
_struct_ref.pdbx_align_begin           117 
_struct_ref.pdbx_db_isoform            ? 
# 
_struct_ref_seq.align_id                      1 
_struct_ref_seq.ref_id                        1 
_struct_ref_seq.pdbx_PDB_id_code              3EXV 
_struct_ref_seq.pdbx_strand_id                A 
_struct_ref_seq.seq_align_beg                 5 
_struct_ref_seq.pdbx_seq_align_beg_ins_code   ? 
_struct_ref_seq.seq_align_end                 213 
_struct_ref_seq.pdbx_seq_align_end_ins_code   ? 
_struct_ref_seq.pdbx_db_accession             P35774 
_struct_ref_seq.db_align_beg                  117 
_struct_ref_seq.pdbx_db_align_beg_ins_code    ? 
_struct_ref_seq.db_align_end                  325 
_struct_ref_seq.pdbx_db_align_end_ins_code    ? 
_struct_ref_seq.pdbx_auth_seq_align_beg       117 
_struct_ref_seq.pdbx_auth_seq_align_end       325 
# 
loop_
_struct_ref_seq_dif.align_id 
_struct_ref_seq_dif.pdbx_pdb_id_code 
_struct_ref_seq_dif.mon_id 
_struct_ref_seq_dif.pdbx_pdb_strand_id 
_struct_ref_seq_dif.seq_num 
_struct_ref_seq_dif.pdbx_pdb_ins_code 
_struct_ref_seq_dif.pdbx_seq_db_name 
_struct_ref_seq_dif.pdbx_seq_db_accession_code 
_struct_ref_seq_dif.db_mon_id 
_struct_ref_seq_dif.pdbx_seq_db_seq_num 
_struct_ref_seq_dif.details 
_struct_ref_seq_dif.pdbx_auth_seq_num 
_struct_ref_seq_dif.pdbx_ordinal 
1 3EXV GLY A 1 ? UNP P35774 ? ? 'expression tag' 113 1 
1 3EXV SER A 2 ? UNP P35774 ? ? 'expression tag' 114 2 
1 3EXV HIS A 3 ? UNP P35774 ? ? 'expression tag' 115 3 
1 3EXV MET A 4 ? UNP P35774 ? ? 'expression tag' 116 4 
# 
_pdbx_struct_assembly.id                   1 
_pdbx_struct_assembly.details              author_and_software_defined_assembly 
_pdbx_struct_assembly.method_details       PISA 
_pdbx_struct_assembly.oligomeric_details   trimeric 
_pdbx_struct_assembly.oligomeric_count     3 
# 
loop_
_pdbx_struct_assembly_prop.biol_id 
_pdbx_struct_assembly_prop.type 
_pdbx_struct_assembly_prop.value 
_pdbx_struct_assembly_prop.details 
1 'ABSA (A^2)' 6570  ? 
1 MORE         -35   ? 
1 'SSA (A^2)'  22360 ? 
# 
_pdbx_struct_assembly_gen.assembly_id       1 
_pdbx_struct_assembly_gen.oper_expression   1,2,3 
_pdbx_struct_assembly_gen.asym_id_list      A,B 
# 
loop_
_pdbx_struct_oper_list.id 
_pdbx_struct_oper_list.type 
_pdbx_struct_oper_list.name 
_pdbx_struct_oper_list.symmetry_operation 
_pdbx_struct_oper_list.matrix[1][1] 
_pdbx_struct_oper_list.matrix[1][2] 
_pdbx_struct_oper_list.matrix[1][3] 
_pdbx_struct_oper_list.vector[1] 
_pdbx_struct_oper_list.matrix[2][1] 
_pdbx_struct_oper_list.matrix[2][2] 
_pdbx_struct_oper_list.matrix[2][3] 
_pdbx_struct_oper_list.vector[2] 
_pdbx_struct_oper_list.matrix[3][1] 
_pdbx_struct_oper_list.matrix[3][2] 
_pdbx_struct_oper_list.matrix[3][3] 
_pdbx_struct_oper_list.vector[3] 
1 'identity operation'         1_555  x,y,z   1.0000000000  0.0000000000  0.0000000000 0.0000000000  0.0000000000  1.0000000000  0.0000000000  0.0000000000  0.0000000000 0.0000000000  1.0000000000 0.0000000000  
2 'crystal symmetry operation' 8_555  -z,x,-y -0.2308076236 0.7013457278  0.6744197587 4.1928685026  -0.8537909089 -0.4784173557 0.2053239336  27.2841877278 0.4666571813 -0.5284231296 0.7092249793 1.6668170216  
3 'crystal symmetry operation' 11_555 y,-z,-x -0.2308076236 -0.8537909089 0.4666571813 23.4849053200 0.7013457278  -0.4784173557 -0.5284231296 10.9933632006 0.6744197587 0.2053239336  0.7092249793 -9.6119983811 
# 
_struct_biol.id        1 
_struct_biol.details   ? 
# 
loop_
_struct_conf.conf_type_id 
_struct_conf.id 
_struct_conf.pdbx_PDB_helix_id 
_struct_conf.beg_label_comp_id 
_struct_conf.beg_label_asym_id 
_struct_conf.beg_label_seq_id 
_struct_conf.pdbx_beg_PDB_ins_code 
_struct_conf.end_label_comp_id 
_struct_conf.end_label_asym_id 
_struct_conf.end_label_seq_id 
_struct_conf.pdbx_end_PDB_ins_code 
_struct_conf.beg_auth_comp_id 
_struct_conf.beg_auth_asym_id 
_struct_conf.beg_auth_seq_id 
_struct_conf.end_auth_comp_id 
_struct_conf.end_auth_asym_id 
_struct_conf.end_auth_seq_id 
_struct_conf.pdbx_PDB_helix_class 
_struct_conf.details 
_struct_conf.pdbx_PDB_helix_length 
HELX_P HELX_P1 1 ASP A 17  ? ILE A 19  ? ASP A 129 ILE A 131 5 ? 3 
HELX_P HELX_P2 2 SER A 67  ? MET A 72  ? SER A 179 MET A 184 1 ? 6 
HELX_P HELX_P3 3 LEU A 73  ? HIS A 76  ? LEU A 185 HIS A 188 5 ? 4 
HELX_P HELX_P4 4 ASN A 119 ? MET A 124 ? ASN A 231 MET A 236 5 ? 6 
HELX_P HELX_P5 5 ASP A 134 ? GLU A 140 ? ASP A 246 GLU A 252 5 ? 7 
# 
_struct_conf_type.id          HELX_P 
_struct_conf_type.criteria    ? 
_struct_conf_type.reference   ? 
# 
loop_
_struct_sheet.id 
_struct_sheet.type 
_struct_sheet.number_strands 
_struct_sheet.details 
A ? 4 ? 
B ? 4 ? 
C ? 2 ? 
# 
loop_
_struct_sheet_order.sheet_id 
_struct_sheet_order.range_id_1 
_struct_sheet_order.range_id_2 
_struct_sheet_order.offset 
_struct_sheet_order.sense 
A 1 2 ? anti-parallel 
A 2 3 ? anti-parallel 
A 3 4 ? anti-parallel 
B 1 2 ? anti-parallel 
B 2 3 ? anti-parallel 
B 3 4 ? anti-parallel 
C 1 2 ? anti-parallel 
# 
loop_
_struct_sheet_range.sheet_id 
_struct_sheet_range.id 
_struct_sheet_range.beg_label_comp_id 
_struct_sheet_range.beg_label_asym_id 
_struct_sheet_range.beg_label_seq_id 
_struct_sheet_range.pdbx_beg_PDB_ins_code 
_struct_sheet_range.end_label_comp_id 
_struct_sheet_range.end_label_asym_id 
_struct_sheet_range.end_label_seq_id 
_struct_sheet_range.pdbx_end_PDB_ins_code 
_struct_sheet_range.beg_auth_comp_id 
_struct_sheet_range.beg_auth_asym_id 
_struct_sheet_range.beg_auth_seq_id 
_struct_sheet_range.end_auth_comp_id 
_struct_sheet_range.end_auth_asym_id 
_struct_sheet_range.end_auth_seq_id 
A 1 THR A 21  ? TRP A 23  ? THR A 133 TRP A 135 
A 2 CYS A 44  ? THR A 53  ? CYS A 156 THR A 165 
A 3 LEU A 56  ? GLY A 65  ? LEU A 168 GLY A 177 
A 4 PHE A 204 ? ILE A 209 ? PHE A 316 ILE A 321 
B 1 ASN A 78  ? PHE A 87  ? ASN A 190 PHE A 199 
B 2 TYR A 176 ? ASN A 185 ? TYR A 288 ASN A 297 
B 3 ALA A 156 ? LEU A 165 ? ALA A 268 LEU A 277 
B 4 TYR A 142 ? THR A 150 ? TYR A 254 THR A 262 
C 1 LYS A 107 ? SER A 108 ? LYS A 219 SER A 220 
C 2 ASN A 111 ? MET A 112 ? ASN A 223 MET A 224 
# 
loop_
_pdbx_struct_sheet_hbond.sheet_id 
_pdbx_struct_sheet_hbond.range_id_1 
_pdbx_struct_sheet_hbond.range_id_2 
_pdbx_struct_sheet_hbond.range_1_label_atom_id 
_pdbx_struct_sheet_hbond.range_1_label_comp_id 
_pdbx_struct_sheet_hbond.range_1_label_asym_id 
_pdbx_struct_sheet_hbond.range_1_label_seq_id 
_pdbx_struct_sheet_hbond.range_1_PDB_ins_code 
_pdbx_struct_sheet_hbond.range_1_auth_atom_id 
_pdbx_struct_sheet_hbond.range_1_auth_comp_id 
_pdbx_struct_sheet_hbond.range_1_auth_asym_id 
_pdbx_struct_sheet_hbond.range_1_auth_seq_id 
_pdbx_struct_sheet_hbond.range_2_label_atom_id 
_pdbx_struct_sheet_hbond.range_2_label_comp_id 
_pdbx_struct_sheet_hbond.range_2_label_asym_id 
_pdbx_struct_sheet_hbond.range_2_label_seq_id 
_pdbx_struct_sheet_hbond.range_2_PDB_ins_code 
_pdbx_struct_sheet_hbond.range_2_auth_atom_id 
_pdbx_struct_sheet_hbond.range_2_auth_comp_id 
_pdbx_struct_sheet_hbond.range_2_auth_asym_id 
_pdbx_struct_sheet_hbond.range_2_auth_seq_id 
A 1 2 N LEU A 22  ? N LEU A 134 O LEU A 50  ? O LEU A 162 
A 2 3 N THR A 53  ? N THR A 165 O LEU A 56  ? O LEU A 168 
A 3 4 N ALA A 59  ? N ALA A 171 O PHE A 206 ? O PHE A 318 
B 1 2 N ALA A 83  ? N ALA A 195 O ILE A 180 ? O ILE A 292 
B 2 3 O THR A 181 ? O THR A 293 N SER A 162 ? N SER A 274 
B 3 4 O VAL A 163 ? O VAL A 275 N ILE A 143 ? N ILE A 255 
C 1 2 N SER A 108 ? N SER A 220 O ASN A 111 ? O ASN A 223 
# 
_pdbx_validate_symm_contact.id                1 
_pdbx_validate_symm_contact.PDB_model_num     1 
_pdbx_validate_symm_contact.auth_atom_id_1    OH 
_pdbx_validate_symm_contact.auth_asym_id_1    A 
_pdbx_validate_symm_contact.auth_comp_id_1    TYR 
_pdbx_validate_symm_contact.auth_seq_id_1     319 
_pdbx_validate_symm_contact.PDB_ins_code_1    ? 
_pdbx_validate_symm_contact.label_alt_id_1    ? 
_pdbx_validate_symm_contact.site_symmetry_1   1_555 
_pdbx_validate_symm_contact.auth_atom_id_2    OH 
_pdbx_validate_symm_contact.auth_asym_id_2    A 
_pdbx_validate_symm_contact.auth_comp_id_2    TYR 
_pdbx_validate_symm_contact.auth_seq_id_2     319 
_pdbx_validate_symm_contact.PDB_ins_code_2    ? 
_pdbx_validate_symm_contact.label_alt_id_2    ? 
_pdbx_validate_symm_contact.site_symmetry_2   8_555 
_pdbx_validate_symm_contact.dist              1.54 
# 
loop_
_pdbx_validate_torsion.id 
_pdbx_validate_torsion.PDB_model_num 
_pdbx_validate_torsion.auth_comp_id 
_pdbx_validate_torsion.auth_asym_id 
_pdbx_validate_torsion.auth_seq_id 
_pdbx_validate_torsion.PDB_ins_code 
_pdbx_validate_torsion.label_alt_id 
_pdbx_validate_torsion.phi 
_pdbx_validate_torsion.psi 
1 1 ASN A 139 ? ? 36.73   69.18   
2 1 SER A 153 ? ? -162.78 -169.85 
3 1 VAL A 178 ? ? -126.50 -54.80  
4 1 ILE A 229 ? ? -83.65  -125.03 
5 1 THR A 230 ? ? 76.45   30.60   
6 1 ASN A 278 ? ? 51.90   -120.28 
7 1 ARG A 279 ? ? 71.97   -58.66  
8 1 THR A 309 ? ? -129.52 -83.82  
# 
loop_
_pdbx_validate_peptide_omega.id 
_pdbx_validate_peptide_omega.PDB_model_num 
_pdbx_validate_peptide_omega.auth_comp_id_1 
_pdbx_validate_peptide_omega.auth_asym_id_1 
_pdbx_validate_peptide_omega.auth_seq_id_1 
_pdbx_validate_peptide_omega.PDB_ins_code_1 
_pdbx_validate_peptide_omega.label_alt_id_1 
_pdbx_validate_peptide_omega.auth_comp_id_2 
_pdbx_validate_peptide_omega.auth_asym_id_2 
_pdbx_validate_peptide_omega.auth_seq_id_2 
_pdbx_validate_peptide_omega.PDB_ins_code_2 
_pdbx_validate_peptide_omega.label_alt_id_2 
_pdbx_validate_peptide_omega.omega 
1 1 GLY A 227 ? ? ALA A 228 ? ? -71.50 
2 1 THR A 230 ? ? ASN A 231 ? ? 127.81 
# 
_pdbx_struct_special_symmetry.id              1 
_pdbx_struct_special_symmetry.PDB_model_num   1 
_pdbx_struct_special_symmetry.auth_asym_id    A 
_pdbx_struct_special_symmetry.auth_comp_id    HOH 
_pdbx_struct_special_symmetry.auth_seq_id     347 
_pdbx_struct_special_symmetry.PDB_ins_code    ? 
_pdbx_struct_special_symmetry.label_asym_id   B 
_pdbx_struct_special_symmetry.label_comp_id   HOH 
_pdbx_struct_special_symmetry.label_seq_id    . 
# 
loop_
_pdbx_unobs_or_zero_occ_residues.id 
_pdbx_unobs_or_zero_occ_residues.PDB_model_num 
_pdbx_unobs_or_zero_occ_residues.polymer_flag 
_pdbx_unobs_or_zero_occ_residues.occupancy_flag 
_pdbx_unobs_or_zero_occ_residues.auth_asym_id 
_pdbx_unobs_or_zero_occ_residues.auth_comp_id 
_pdbx_unobs_or_zero_occ_residues.auth_seq_id 
_pdbx_unobs_or_zero_occ_residues.PDB_ins_code 
_pdbx_unobs_or_zero_occ_residues.label_asym_id 
_pdbx_unobs_or_zero_occ_residues.label_comp_id 
_pdbx_unobs_or_zero_occ_residues.label_seq_id 
1  1 Y 1 A GLY 113 ? A GLY 1  
2  1 Y 1 A SER 114 ? A SER 2  
3  1 Y 1 A HIS 115 ? A HIS 3  
4  1 Y 1 A MET 116 ? A MET 4  
5  1 Y 1 A GLY 117 ? A GLY 5  
6  1 Y 1 A LEU 118 ? A LEU 6  
7  1 Y 1 A THR 119 ? A THR 7  
8  1 Y 1 A PHE 120 ? A PHE 8  
9  1 Y 1 A ASN 121 ? A ASN 9  
10 1 Y 1 A SER 122 ? A SER 10 
11 1 Y 1 A ASN 123 ? A ASN 11 
12 1 Y 1 A ASN 124 ? A ASN 12 
13 1 Y 1 A ILE 125 ? A ILE 13 
14 1 Y 1 A CYS 126 ? A CYS 14 
15 1 Y 1 A ILE 127 ? A ILE 15 
16 1 Y 1 A ASP 128 ? A ASP 16 
# 
loop_
_chem_comp_atom.comp_id 
_chem_comp_atom.atom_id 
_chem_comp_atom.type_symbol 
_chem_comp_atom.pdbx_aromatic_flag 
_chem_comp_atom.pdbx_stereo_config 
_chem_comp_atom.pdbx_ordinal 
ALA N    N N N 1   
ALA CA   C N S 2   
ALA C    C N N 3   
ALA O    O N N 4   
ALA CB   C N N 5   
ALA OXT  O N N 6   
ALA H    H N N 7   
ALA H2   H N N 8   
ALA HA   H N N 9   
ALA HB1  H N N 10  
ALA HB2  H N N 11  
ALA HB3  H N N 12  
ALA HXT  H N N 13  
ARG N    N N N 14  
ARG CA   C N S 15  
ARG C    C N N 16  
ARG O    O N N 17  
ARG CB   C N N 18  
ARG CG   C N N 19  
ARG CD   C N N 20  
ARG NE   N N N 21  
ARG CZ   C N N 22  
ARG NH1  N N N 23  
ARG NH2  N N N 24  
ARG OXT  O N N 25  
ARG H    H N N 26  
ARG H2   H N N 27  
ARG HA   H N N 28  
ARG HB2  H N N 29  
ARG HB3  H N N 30  
ARG HG2  H N N 31  
ARG HG3  H N N 32  
ARG HD2  H N N 33  
ARG HD3  H N N 34  
ARG HE   H N N 35  
ARG HH11 H N N 36  
ARG HH12 H N N 37  
ARG HH21 H N N 38  
ARG HH22 H N N 39  
ARG HXT  H N N 40  
ASN N    N N N 41  
ASN CA   C N S 42  
ASN C    C N N 43  
ASN O    O N N 44  
ASN CB   C N N 45  
ASN CG   C N N 46  
ASN OD1  O N N 47  
ASN ND2  N N N 48  
ASN OXT  O N N 49  
ASN H    H N N 50  
ASN H2   H N N 51  
ASN HA   H N N 52  
ASN HB2  H N N 53  
ASN HB3  H N N 54  
ASN HD21 H N N 55  
ASN HD22 H N N 56  
ASN HXT  H N N 57  
ASP N    N N N 58  
ASP CA   C N S 59  
ASP C    C N N 60  
ASP O    O N N 61  
ASP CB   C N N 62  
ASP CG   C N N 63  
ASP OD1  O N N 64  
ASP OD2  O N N 65  
ASP OXT  O N N 66  
ASP H    H N N 67  
ASP H2   H N N 68  
ASP HA   H N N 69  
ASP HB2  H N N 70  
ASP HB3  H N N 71  
ASP HD2  H N N 72  
ASP HXT  H N N 73  
CYS N    N N N 74  
CYS CA   C N R 75  
CYS C    C N N 76  
CYS O    O N N 77  
CYS CB   C N N 78  
CYS SG   S N N 79  
CYS OXT  O N N 80  
CYS H    H N N 81  
CYS H2   H N N 82  
CYS HA   H N N 83  
CYS HB2  H N N 84  
CYS HB3  H N N 85  
CYS HG   H N N 86  
CYS HXT  H N N 87  
GLN N    N N N 88  
GLN CA   C N S 89  
GLN C    C N N 90  
GLN O    O N N 91  
GLN CB   C N N 92  
GLN CG   C N N 93  
GLN CD   C N N 94  
GLN OE1  O N N 95  
GLN NE2  N N N 96  
GLN OXT  O N N 97  
GLN H    H N N 98  
GLN H2   H N N 99  
GLN HA   H N N 100 
GLN HB2  H N N 101 
GLN HB3  H N N 102 
GLN HG2  H N N 103 
GLN HG3  H N N 104 
GLN HE21 H N N 105 
GLN HE22 H N N 106 
GLN HXT  H N N 107 
GLU N    N N N 108 
GLU CA   C N S 109 
GLU C    C N N 110 
GLU O    O N N 111 
GLU CB   C N N 112 
GLU CG   C N N 113 
GLU CD   C N N 114 
GLU OE1  O N N 115 
GLU OE2  O N N 116 
GLU OXT  O N N 117 
GLU H    H N N 118 
GLU H2   H N N 119 
GLU HA   H N N 120 
GLU HB2  H N N 121 
GLU HB3  H N N 122 
GLU HG2  H N N 123 
GLU HG3  H N N 124 
GLU HE2  H N N 125 
GLU HXT  H N N 126 
GLY N    N N N 127 
GLY CA   C N N 128 
GLY C    C N N 129 
GLY O    O N N 130 
GLY OXT  O N N 131 
GLY H    H N N 132 
GLY H2   H N N 133 
GLY HA2  H N N 134 
GLY HA3  H N N 135 
GLY HXT  H N N 136 
HIS N    N N N 137 
HIS CA   C N S 138 
HIS C    C N N 139 
HIS O    O N N 140 
HIS CB   C N N 141 
HIS CG   C Y N 142 
HIS ND1  N Y N 143 
HIS CD2  C Y N 144 
HIS CE1  C Y N 145 
HIS NE2  N Y N 146 
HIS OXT  O N N 147 
HIS H    H N N 148 
HIS H2   H N N 149 
HIS HA   H N N 150 
HIS HB2  H N N 151 
HIS HB3  H N N 152 
HIS HD1  H N N 153 
HIS HD2  H N N 154 
HIS HE1  H N N 155 
HIS HE2  H N N 156 
HIS HXT  H N N 157 
HOH O    O N N 158 
HOH H1   H N N 159 
HOH H2   H N N 160 
ILE N    N N N 161 
ILE CA   C N S 162 
ILE C    C N N 163 
ILE O    O N N 164 
ILE CB   C N S 165 
ILE CG1  C N N 166 
ILE CG2  C N N 167 
ILE CD1  C N N 168 
ILE OXT  O N N 169 
ILE H    H N N 170 
ILE H2   H N N 171 
ILE HA   H N N 172 
ILE HB   H N N 173 
ILE HG12 H N N 174 
ILE HG13 H N N 175 
ILE HG21 H N N 176 
ILE HG22 H N N 177 
ILE HG23 H N N 178 
ILE HD11 H N N 179 
ILE HD12 H N N 180 
ILE HD13 H N N 181 
ILE HXT  H N N 182 
LEU N    N N N 183 
LEU CA   C N S 184 
LEU C    C N N 185 
LEU O    O N N 186 
LEU CB   C N N 187 
LEU CG   C N N 188 
LEU CD1  C N N 189 
LEU CD2  C N N 190 
LEU OXT  O N N 191 
LEU H    H N N 192 
LEU H2   H N N 193 
LEU HA   H N N 194 
LEU HB2  H N N 195 
LEU HB3  H N N 196 
LEU HG   H N N 197 
LEU HD11 H N N 198 
LEU HD12 H N N 199 
LEU HD13 H N N 200 
LEU HD21 H N N 201 
LEU HD22 H N N 202 
LEU HD23 H N N 203 
LEU HXT  H N N 204 
LYS N    N N N 205 
LYS CA   C N S 206 
LYS C    C N N 207 
LYS O    O N N 208 
LYS CB   C N N 209 
LYS CG   C N N 210 
LYS CD   C N N 211 
LYS CE   C N N 212 
LYS NZ   N N N 213 
LYS OXT  O N N 214 
LYS H    H N N 215 
LYS H2   H N N 216 
LYS HA   H N N 217 
LYS HB2  H N N 218 
LYS HB3  H N N 219 
LYS HG2  H N N 220 
LYS HG3  H N N 221 
LYS HD2  H N N 222 
LYS HD3  H N N 223 
LYS HE2  H N N 224 
LYS HE3  H N N 225 
LYS HZ1  H N N 226 
LYS HZ2  H N N 227 
LYS HZ3  H N N 228 
LYS HXT  H N N 229 
MET N    N N N 230 
MET CA   C N S 231 
MET C    C N N 232 
MET O    O N N 233 
MET CB   C N N 234 
MET CG   C N N 235 
MET SD   S N N 236 
MET CE   C N N 237 
MET OXT  O N N 238 
MET H    H N N 239 
MET H2   H N N 240 
MET HA   H N N 241 
MET HB2  H N N 242 
MET HB3  H N N 243 
MET HG2  H N N 244 
MET HG3  H N N 245 
MET HE1  H N N 246 
MET HE2  H N N 247 
MET HE3  H N N 248 
MET HXT  H N N 249 
PHE N    N N N 250 
PHE CA   C N S 251 
PHE C    C N N 252 
PHE O    O N N 253 
PHE CB   C N N 254 
PHE CG   C Y N 255 
PHE CD1  C Y N 256 
PHE CD2  C Y N 257 
PHE CE1  C Y N 258 
PHE CE2  C Y N 259 
PHE CZ   C Y N 260 
PHE OXT  O N N 261 
PHE H    H N N 262 
PHE H2   H N N 263 
PHE HA   H N N 264 
PHE HB2  H N N 265 
PHE HB3  H N N 266 
PHE HD1  H N N 267 
PHE HD2  H N N 268 
PHE HE1  H N N 269 
PHE HE2  H N N 270 
PHE HZ   H N N 271 
PHE HXT  H N N 272 
PRO N    N N N 273 
PRO CA   C N S 274 
PRO C    C N N 275 
PRO O    O N N 276 
PRO CB   C N N 277 
PRO CG   C N N 278 
PRO CD   C N N 279 
PRO OXT  O N N 280 
PRO H    H N N 281 
PRO HA   H N N 282 
PRO HB2  H N N 283 
PRO HB3  H N N 284 
PRO HG2  H N N 285 
PRO HG3  H N N 286 
PRO HD2  H N N 287 
PRO HD3  H N N 288 
PRO HXT  H N N 289 
SER N    N N N 290 
SER CA   C N S 291 
SER C    C N N 292 
SER O    O N N 293 
SER CB   C N N 294 
SER OG   O N N 295 
SER OXT  O N N 296 
SER H    H N N 297 
SER H2   H N N 298 
SER HA   H N N 299 
SER HB2  H N N 300 
SER HB3  H N N 301 
SER HG   H N N 302 
SER HXT  H N N 303 
THR N    N N N 304 
THR CA   C N S 305 
THR C    C N N 306 
THR O    O N N 307 
THR CB   C N R 308 
THR OG1  O N N 309 
THR CG2  C N N 310 
THR OXT  O N N 311 
THR H    H N N 312 
THR H2   H N N 313 
THR HA   H N N 314 
THR HB   H N N 315 
THR HG1  H N N 316 
THR HG21 H N N 317 
THR HG22 H N N 318 
THR HG23 H N N 319 
THR HXT  H N N 320 
TRP N    N N N 321 
TRP CA   C N S 322 
TRP C    C N N 323 
TRP O    O N N 324 
TRP CB   C N N 325 
TRP CG   C Y N 326 
TRP CD1  C Y N 327 
TRP CD2  C Y N 328 
TRP NE1  N Y N 329 
TRP CE2  C Y N 330 
TRP CE3  C Y N 331 
TRP CZ2  C Y N 332 
TRP CZ3  C Y N 333 
TRP CH2  C Y N 334 
TRP OXT  O N N 335 
TRP H    H N N 336 
TRP H2   H N N 337 
TRP HA   H N N 338 
TRP HB2  H N N 339 
TRP HB3  H N N 340 
TRP HD1  H N N 341 
TRP HE1  H N N 342 
TRP HE3  H N N 343 
TRP HZ2  H N N 344 
TRP HZ3  H N N 345 
TRP HH2  H N N 346 
TRP HXT  H N N 347 
TYR N    N N N 348 
TYR CA   C N S 349 
TYR C    C N N 350 
TYR O    O N N 351 
TYR CB   C N N 352 
TYR CG   C Y N 353 
TYR CD1  C Y N 354 
TYR CD2  C Y N 355 
TYR CE1  C Y N 356 
TYR CE2  C Y N 357 
TYR CZ   C Y N 358 
TYR OH   O N N 359 
TYR OXT  O N N 360 
TYR H    H N N 361 
TYR H2   H N N 362 
TYR HA   H N N 363 
TYR HB2  H N N 364 
TYR HB3  H N N 365 
TYR HD1  H N N 366 
TYR HD2  H N N 367 
TYR HE1  H N N 368 
TYR HE2  H N N 369 
TYR HH   H N N 370 
TYR HXT  H N N 371 
VAL N    N N N 372 
VAL CA   C N S 373 
VAL C    C N N 374 
VAL O    O N N 375 
VAL CB   C N N 376 
VAL CG1  C N N 377 
VAL CG2  C N N 378 
VAL OXT  O N N 379 
VAL H    H N N 380 
VAL H2   H N N 381 
VAL HA   H N N 382 
VAL HB   H N N 383 
VAL HG11 H N N 384 
VAL HG12 H N N 385 
VAL HG13 H N N 386 
VAL HG21 H N N 387 
VAL HG22 H N N 388 
VAL HG23 H N N 389 
VAL HXT  H N N 390 
# 
loop_
_chem_comp_bond.comp_id 
_chem_comp_bond.atom_id_1 
_chem_comp_bond.atom_id_2 
_chem_comp_bond.value_order 
_chem_comp_bond.pdbx_aromatic_flag 
_chem_comp_bond.pdbx_stereo_config 
_chem_comp_bond.pdbx_ordinal 
ALA N   CA   sing N N 1   
ALA N   H    sing N N 2   
ALA N   H2   sing N N 3   
ALA CA  C    sing N N 4   
ALA CA  CB   sing N N 5   
ALA CA  HA   sing N N 6   
ALA C   O    doub N N 7   
ALA C   OXT  sing N N 8   
ALA CB  HB1  sing N N 9   
ALA CB  HB2  sing N N 10  
ALA CB  HB3  sing N N 11  
ALA OXT HXT  sing N N 12  
ARG N   CA   sing N N 13  
ARG N   H    sing N N 14  
ARG N   H2   sing N N 15  
ARG CA  C    sing N N 16  
ARG CA  CB   sing N N 17  
ARG CA  HA   sing N N 18  
ARG C   O    doub N N 19  
ARG C   OXT  sing N N 20  
ARG CB  CG   sing N N 21  
ARG CB  HB2  sing N N 22  
ARG CB  HB3  sing N N 23  
ARG CG  CD   sing N N 24  
ARG CG  HG2  sing N N 25  
ARG CG  HG3  sing N N 26  
ARG CD  NE   sing N N 27  
ARG CD  HD2  sing N N 28  
ARG CD  HD3  sing N N 29  
ARG NE  CZ   sing N N 30  
ARG NE  HE   sing N N 31  
ARG CZ  NH1  sing N N 32  
ARG CZ  NH2  doub N N 33  
ARG NH1 HH11 sing N N 34  
ARG NH1 HH12 sing N N 35  
ARG NH2 HH21 sing N N 36  
ARG NH2 HH22 sing N N 37  
ARG OXT HXT  sing N N 38  
ASN N   CA   sing N N 39  
ASN N   H    sing N N 40  
ASN N   H2   sing N N 41  
ASN CA  C    sing N N 42  
ASN CA  CB   sing N N 43  
ASN CA  HA   sing N N 44  
ASN C   O    doub N N 45  
ASN C   OXT  sing N N 46  
ASN CB  CG   sing N N 47  
ASN CB  HB2  sing N N 48  
ASN CB  HB3  sing N N 49  
ASN CG  OD1  doub N N 50  
ASN CG  ND2  sing N N 51  
ASN ND2 HD21 sing N N 52  
ASN ND2 HD22 sing N N 53  
ASN OXT HXT  sing N N 54  
ASP N   CA   sing N N 55  
ASP N   H    sing N N 56  
ASP N   H2   sing N N 57  
ASP CA  C    sing N N 58  
ASP CA  CB   sing N N 59  
ASP CA  HA   sing N N 60  
ASP C   O    doub N N 61  
ASP C   OXT  sing N N 62  
ASP CB  CG   sing N N 63  
ASP CB  HB2  sing N N 64  
ASP CB  HB3  sing N N 65  
ASP CG  OD1  doub N N 66  
ASP CG  OD2  sing N N 67  
ASP OD2 HD2  sing N N 68  
ASP OXT HXT  sing N N 69  
CYS N   CA   sing N N 70  
CYS N   H    sing N N 71  
CYS N   H2   sing N N 72  
CYS CA  C    sing N N 73  
CYS CA  CB   sing N N 74  
CYS CA  HA   sing N N 75  
CYS C   O    doub N N 76  
CYS C   OXT  sing N N 77  
CYS CB  SG   sing N N 78  
CYS CB  HB2  sing N N 79  
CYS CB  HB3  sing N N 80  
CYS SG  HG   sing N N 81  
CYS OXT HXT  sing N N 82  
GLN N   CA   sing N N 83  
GLN N   H    sing N N 84  
GLN N   H2   sing N N 85  
GLN CA  C    sing N N 86  
GLN CA  CB   sing N N 87  
GLN CA  HA   sing N N 88  
GLN C   O    doub N N 89  
GLN C   OXT  sing N N 90  
GLN CB  CG   sing N N 91  
GLN CB  HB2  sing N N 92  
GLN CB  HB3  sing N N 93  
GLN CG  CD   sing N N 94  
GLN CG  HG2  sing N N 95  
GLN CG  HG3  sing N N 96  
GLN CD  OE1  doub N N 97  
GLN CD  NE2  sing N N 98  
GLN NE2 HE21 sing N N 99  
GLN NE2 HE22 sing N N 100 
GLN OXT HXT  sing N N 101 
GLU N   CA   sing N N 102 
GLU N   H    sing N N 103 
GLU N   H2   sing N N 104 
GLU CA  C    sing N N 105 
GLU CA  CB   sing N N 106 
GLU CA  HA   sing N N 107 
GLU C   O    doub N N 108 
GLU C   OXT  sing N N 109 
GLU CB  CG   sing N N 110 
GLU CB  HB2  sing N N 111 
GLU CB  HB3  sing N N 112 
GLU CG  CD   sing N N 113 
GLU CG  HG2  sing N N 114 
GLU CG  HG3  sing N N 115 
GLU CD  OE1  doub N N 116 
GLU CD  OE2  sing N N 117 
GLU OE2 HE2  sing N N 118 
GLU OXT HXT  sing N N 119 
GLY N   CA   sing N N 120 
GLY N   H    sing N N 121 
GLY N   H2   sing N N 122 
GLY CA  C    sing N N 123 
GLY CA  HA2  sing N N 124 
GLY CA  HA3  sing N N 125 
GLY C   O    doub N N 126 
GLY C   OXT  sing N N 127 
GLY OXT HXT  sing N N 128 
HIS N   CA   sing N N 129 
HIS N   H    sing N N 130 
HIS N   H2   sing N N 131 
HIS CA  C    sing N N 132 
HIS CA  CB   sing N N 133 
HIS CA  HA   sing N N 134 
HIS C   O    doub N N 135 
HIS C   OXT  sing N N 136 
HIS CB  CG   sing N N 137 
HIS CB  HB2  sing N N 138 
HIS CB  HB3  sing N N 139 
HIS CG  ND1  sing Y N 140 
HIS CG  CD2  doub Y N 141 
HIS ND1 CE1  doub Y N 142 
HIS ND1 HD1  sing N N 143 
HIS CD2 NE2  sing Y N 144 
HIS CD2 HD2  sing N N 145 
HIS CE1 NE2  sing Y N 146 
HIS CE1 HE1  sing N N 147 
HIS NE2 HE2  sing N N 148 
HIS OXT HXT  sing N N 149 
HOH O   H1   sing N N 150 
HOH O   H2   sing N N 151 
ILE N   CA   sing N N 152 
ILE N   H    sing N N 153 
ILE N   H2   sing N N 154 
ILE CA  C    sing N N 155 
ILE CA  CB   sing N N 156 
ILE CA  HA   sing N N 157 
ILE C   O    doub N N 158 
ILE C   OXT  sing N N 159 
ILE CB  CG1  sing N N 160 
ILE CB  CG2  sing N N 161 
ILE CB  HB   sing N N 162 
ILE CG1 CD1  sing N N 163 
ILE CG1 HG12 sing N N 164 
ILE CG1 HG13 sing N N 165 
ILE CG2 HG21 sing N N 166 
ILE CG2 HG22 sing N N 167 
ILE CG2 HG23 sing N N 168 
ILE CD1 HD11 sing N N 169 
ILE CD1 HD12 sing N N 170 
ILE CD1 HD13 sing N N 171 
ILE OXT HXT  sing N N 172 
LEU N   CA   sing N N 173 
LEU N   H    sing N N 174 
LEU N   H2   sing N N 175 
LEU CA  C    sing N N 176 
LEU CA  CB   sing N N 177 
LEU CA  HA   sing N N 178 
LEU C   O    doub N N 179 
LEU C   OXT  sing N N 180 
LEU CB  CG   sing N N 181 
LEU CB  HB2  sing N N 182 
LEU CB  HB3  sing N N 183 
LEU CG  CD1  sing N N 184 
LEU CG  CD2  sing N N 185 
LEU CG  HG   sing N N 186 
LEU CD1 HD11 sing N N 187 
LEU CD1 HD12 sing N N 188 
LEU CD1 HD13 sing N N 189 
LEU CD2 HD21 sing N N 190 
LEU CD2 HD22 sing N N 191 
LEU CD2 HD23 sing N N 192 
LEU OXT HXT  sing N N 193 
LYS N   CA   sing N N 194 
LYS N   H    sing N N 195 
LYS N   H2   sing N N 196 
LYS CA  C    sing N N 197 
LYS CA  CB   sing N N 198 
LYS CA  HA   sing N N 199 
LYS C   O    doub N N 200 
LYS C   OXT  sing N N 201 
LYS CB  CG   sing N N 202 
LYS CB  HB2  sing N N 203 
LYS CB  HB3  sing N N 204 
LYS CG  CD   sing N N 205 
LYS CG  HG2  sing N N 206 
LYS CG  HG3  sing N N 207 
LYS CD  CE   sing N N 208 
LYS CD  HD2  sing N N 209 
LYS CD  HD3  sing N N 210 
LYS CE  NZ   sing N N 211 
LYS CE  HE2  sing N N 212 
LYS CE  HE3  sing N N 213 
LYS NZ  HZ1  sing N N 214 
LYS NZ  HZ2  sing N N 215 
LYS NZ  HZ3  sing N N 216 
LYS OXT HXT  sing N N 217 
MET N   CA   sing N N 218 
MET N   H    sing N N 219 
MET N   H2   sing N N 220 
MET CA  C    sing N N 221 
MET CA  CB   sing N N 222 
MET CA  HA   sing N N 223 
MET C   O    doub N N 224 
MET C   OXT  sing N N 225 
MET CB  CG   sing N N 226 
MET CB  HB2  sing N N 227 
MET CB  HB3  sing N N 228 
MET CG  SD   sing N N 229 
MET CG  HG2  sing N N 230 
MET CG  HG3  sing N N 231 
MET SD  CE   sing N N 232 
MET CE  HE1  sing N N 233 
MET CE  HE2  sing N N 234 
MET CE  HE3  sing N N 235 
MET OXT HXT  sing N N 236 
PHE N   CA   sing N N 237 
PHE N   H    sing N N 238 
PHE N   H2   sing N N 239 
PHE CA  C    sing N N 240 
PHE CA  CB   sing N N 241 
PHE CA  HA   sing N N 242 
PHE C   O    doub N N 243 
PHE C   OXT  sing N N 244 
PHE CB  CG   sing N N 245 
PHE CB  HB2  sing N N 246 
PHE CB  HB3  sing N N 247 
PHE CG  CD1  doub Y N 248 
PHE CG  CD2  sing Y N 249 
PHE CD1 CE1  sing Y N 250 
PHE CD1 HD1  sing N N 251 
PHE CD2 CE2  doub Y N 252 
PHE CD2 HD2  sing N N 253 
PHE CE1 CZ   doub Y N 254 
PHE CE1 HE1  sing N N 255 
PHE CE2 CZ   sing Y N 256 
PHE CE2 HE2  sing N N 257 
PHE CZ  HZ   sing N N 258 
PHE OXT HXT  sing N N 259 
PRO N   CA   sing N N 260 
PRO N   CD   sing N N 261 
PRO N   H    sing N N 262 
PRO CA  C    sing N N 263 
PRO CA  CB   sing N N 264 
PRO CA  HA   sing N N 265 
PRO C   O    doub N N 266 
PRO C   OXT  sing N N 267 
PRO CB  CG   sing N N 268 
PRO CB  HB2  sing N N 269 
PRO CB  HB3  sing N N 270 
PRO CG  CD   sing N N 271 
PRO CG  HG2  sing N N 272 
PRO CG  HG3  sing N N 273 
PRO CD  HD2  sing N N 274 
PRO CD  HD3  sing N N 275 
PRO OXT HXT  sing N N 276 
SER N   CA   sing N N 277 
SER N   H    sing N N 278 
SER N   H2   sing N N 279 
SER CA  C    sing N N 280 
SER CA  CB   sing N N 281 
SER CA  HA   sing N N 282 
SER C   O    doub N N 283 
SER C   OXT  sing N N 284 
SER CB  OG   sing N N 285 
SER CB  HB2  sing N N 286 
SER CB  HB3  sing N N 287 
SER OG  HG   sing N N 288 
SER OXT HXT  sing N N 289 
THR N   CA   sing N N 290 
THR N   H    sing N N 291 
THR N   H2   sing N N 292 
THR CA  C    sing N N 293 
THR CA  CB   sing N N 294 
THR CA  HA   sing N N 295 
THR C   O    doub N N 296 
THR C   OXT  sing N N 297 
THR CB  OG1  sing N N 298 
THR CB  CG2  sing N N 299 
THR CB  HB   sing N N 300 
THR OG1 HG1  sing N N 301 
THR CG2 HG21 sing N N 302 
THR CG2 HG22 sing N N 303 
THR CG2 HG23 sing N N 304 
THR OXT HXT  sing N N 305 
TRP N   CA   sing N N 306 
TRP N   H    sing N N 307 
TRP N   H2   sing N N 308 
TRP CA  C    sing N N 309 
TRP CA  CB   sing N N 310 
TRP CA  HA   sing N N 311 
TRP C   O    doub N N 312 
TRP C   OXT  sing N N 313 
TRP CB  CG   sing N N 314 
TRP CB  HB2  sing N N 315 
TRP CB  HB3  sing N N 316 
TRP CG  CD1  doub Y N 317 
TRP CG  CD2  sing Y N 318 
TRP CD1 NE1  sing Y N 319 
TRP CD1 HD1  sing N N 320 
TRP CD2 CE2  doub Y N 321 
TRP CD2 CE3  sing Y N 322 
TRP NE1 CE2  sing Y N 323 
TRP NE1 HE1  sing N N 324 
TRP CE2 CZ2  sing Y N 325 
TRP CE3 CZ3  doub Y N 326 
TRP CE3 HE3  sing N N 327 
TRP CZ2 CH2  doub Y N 328 
TRP CZ2 HZ2  sing N N 329 
TRP CZ3 CH2  sing Y N 330 
TRP CZ3 HZ3  sing N N 331 
TRP CH2 HH2  sing N N 332 
TRP OXT HXT  sing N N 333 
TYR N   CA   sing N N 334 
TYR N   H    sing N N 335 
TYR N   H2   sing N N 336 
TYR CA  C    sing N N 337 
TYR CA  CB   sing N N 338 
TYR CA  HA   sing N N 339 
TYR C   O    doub N N 340 
TYR C   OXT  sing N N 341 
TYR CB  CG   sing N N 342 
TYR CB  HB2  sing N N 343 
TYR CB  HB3  sing N N 344 
TYR CG  CD1  doub Y N 345 
TYR CG  CD2  sing Y N 346 
TYR CD1 CE1  sing Y N 347 
TYR CD1 HD1  sing N N 348 
TYR CD2 CE2  doub Y N 349 
TYR CD2 HD2  sing N N 350 
TYR CE1 CZ   doub Y N 351 
TYR CE1 HE1  sing N N 352 
TYR CE2 CZ   sing Y N 353 
TYR CE2 HE2  sing N N 354 
TYR CZ  OH   sing N N 355 
TYR OH  HH   sing N N 356 
TYR OXT HXT  sing N N 357 
VAL N   CA   sing N N 358 
VAL N   H    sing N N 359 
VAL N   H2   sing N N 360 
VAL CA  C    sing N N 361 
VAL CA  CB   sing N N 362 
VAL CA  HA   sing N N 363 
VAL C   O    doub N N 364 
VAL C   OXT  sing N N 365 
VAL CB  CG1  sing N N 366 
VAL CB  CG2  sing N N 367 
VAL CB  HB   sing N N 368 
VAL CG1 HG11 sing N N 369 
VAL CG1 HG12 sing N N 370 
VAL CG1 HG13 sing N N 371 
VAL CG2 HG21 sing N N 372 
VAL CG2 HG22 sing N N 373 
VAL CG2 HG23 sing N N 374 
VAL OXT HXT  sing N N 375 
# 
_pdbx_initial_refinement_model.accession_code   1H7Z 
_pdbx_initial_refinement_model.id               1 
_pdbx_initial_refinement_model.entity_id_list   ? 
_pdbx_initial_refinement_model.type             'experimental model' 
_pdbx_initial_refinement_model.source_name      PDB 
_pdbx_initial_refinement_model.details          'Human Adenovirus type 3 fiber knob' 
# 
_atom_sites.entry_id                    3EXV 
_atom_sites.fract_transf_matrix[1][1]   -0.00260537 
_atom_sites.fract_transf_matrix[1][2]   0.00486066 
_atom_sites.fract_transf_matrix[1][3]   0.00827101 
_atom_sites.fract_transf_matrix[2][1]   0.00958847 
_atom_sites.fract_transf_matrix[2][2]   0.00159725 
_atom_sites.fract_transf_matrix[2][3]   0.00208171 
_atom_sites.fract_transf_matrix[3][1]   -0.00031108 
_atom_sites.fract_transf_matrix[3][2]   0.00852328 
_atom_sites.fract_transf_matrix[3][3]   -0.00510690 
_atom_sites.fract_transf_vector[1]      -0.295957 
_atom_sites.fract_transf_vector[2]      -0.383210 
_atom_sites.fract_transf_vector[3]      0.160476 
# 
loop_
_atom_type.symbol 
C 
N 
O 
S 
# 
loop_
_atom_site.group_PDB 
_atom_site.id 
_atom_site.type_symbol 
_atom_site.label_atom_id 
_atom_site.label_alt_id 
_atom_site.label_comp_id 
_atom_site.label_asym_id 
_atom_site.label_entity_id 
_atom_site.label_seq_id 
_atom_site.pdbx_PDB_ins_code 
_atom_site.Cartn_x 
_atom_site.Cartn_y 
_atom_site.Cartn_z 
_atom_site.occupancy 
_atom_site.B_iso_or_equiv 
_atom_site.pdbx_formal_charge 
_atom_site.auth_seq_id 
_atom_site.auth_comp_id 
_atom_site.auth_asym_id 
_atom_site.auth_atom_id 
_atom_site.pdbx_PDB_model_num 
ATOM   1    N N   . ASP A 1 17  ? -6.583  12.760  -19.274 1.00 16.36 ? 129 ASP A N   1 
ATOM   2    C CA  . ASP A 1 17  ? -5.592  12.626  -18.170 1.00 16.02 ? 129 ASP A CA  1 
ATOM   3    C C   . ASP A 1 17  ? -6.062  11.634  -17.103 1.00 15.84 ? 129 ASP A C   1 
ATOM   4    O O   . ASP A 1 17  ? -5.250  11.087  -16.360 1.00 15.85 ? 129 ASP A O   1 
ATOM   5    C CB  . ASP A 1 17  ? -5.329  13.988  -17.526 1.00 16.31 ? 129 ASP A CB  1 
ATOM   6    C CG  . ASP A 1 17  ? -4.145  13.966  -16.576 1.00 16.69 ? 129 ASP A CG  1 
ATOM   7    O OD1 . ASP A 1 17  ? -3.044  13.562  -17.004 1.00 18.30 ? 129 ASP A OD1 1 
ATOM   8    O OD2 . ASP A 1 17  ? -4.317  14.356  -15.403 1.00 18.45 ? 129 ASP A OD2 1 
ATOM   9    N N   . ASN A 1 18  ? -7.373  11.406  -17.035 1.00 15.41 ? 130 ASN A N   1 
ATOM   10   C CA  . ASN A 1 18  ? -7.948  10.479  -16.053 1.00 15.08 ? 130 ASN A CA  1 
ATOM   11   C C   . ASN A 1 18  ? -7.365  9.068   -16.134 1.00 14.63 ? 130 ASN A C   1 
ATOM   12   O O   . ASN A 1 18  ? -7.292  8.366   -15.124 1.00 14.33 ? 130 ASN A O   1 
ATOM   13   C CB  . ASN A 1 18  ? -9.468  10.407  -16.218 1.00 15.20 ? 130 ASN A CB  1 
ATOM   14   C CG  . ASN A 1 18  ? -10.170 11.665  -15.742 1.00 15.84 ? 130 ASN A CG  1 
ATOM   15   O OD1 . ASN A 1 18  ? -9.845  12.211  -14.687 1.00 16.76 ? 130 ASN A OD1 1 
ATOM   16   N ND2 . ASN A 1 18  ? -11.147 12.125  -16.515 1.00 17.34 ? 130 ASN A ND2 1 
ATOM   17   N N   . ILE A 1 19  ? -6.955  8.659   -17.334 1.00 14.15 ? 131 ILE A N   1 
ATOM   18   C CA  . ILE A 1 19  ? -6.397  7.318   -17.541 1.00 13.82 ? 131 ILE A CA  1 
ATOM   19   C C   . ILE A 1 19  ? -4.950  7.193   -17.052 1.00 13.17 ? 131 ILE A C   1 
ATOM   20   O O   . ILE A 1 19  ? -4.412  6.089   -16.988 1.00 12.99 ? 131 ILE A O   1 
ATOM   21   C CB  . ILE A 1 19  ? -6.475  6.874   -19.032 1.00 13.96 ? 131 ILE A CB  1 
ATOM   22   C CG1 . ILE A 1 19  ? -5.583  7.751   -19.920 1.00 14.48 ? 131 ILE A CG1 1 
ATOM   23   C CG2 . ILE A 1 19  ? -7.918  6.903   -19.518 1.00 14.48 ? 131 ILE A CG2 1 
ATOM   24   C CD1 . ILE A 1 19  ? -5.481  7.260   -21.353 1.00 14.50 ? 131 ILE A CD1 1 
ATOM   25   N N   . ASN A 1 20  ? -4.325  8.322   -16.715 1.00 12.42 ? 132 ASN A N   1 
ATOM   26   C CA  . ASN A 1 20  ? -2.960  8.318   -16.172 1.00 12.13 ? 132 ASN A CA  1 
ATOM   27   C C   . ASN A 1 20  ? -2.917  8.029   -14.674 1.00 11.40 ? 132 ASN A C   1 
ATOM   28   O O   . ASN A 1 20  ? -1.836  7.952   -14.087 1.00 11.07 ? 132 ASN A O   1 
ATOM   29   C CB  . ASN A 1 20  ? -2.267  9.654   -16.452 1.00 12.35 ? 132 ASN A CB  1 
ATOM   30   C CG  . ASN A 1 20  ? -1.947  9.848   -17.917 1.00 13.61 ? 132 ASN A CG  1 
ATOM   31   O OD1 . ASN A 1 20  ? -1.606  8.898   -18.623 1.00 15.72 ? 132 ASN A OD1 1 
ATOM   32   N ND2 . ASN A 1 20  ? -2.031  11.090  -18.381 1.00 15.63 ? 132 ASN A ND2 1 
ATOM   33   N N   . THR A 1 21  ? -4.091  7.889   -14.059 1.00 10.63 ? 133 THR A N   1 
ATOM   34   C CA  . THR A 1 21  ? -4.193  7.539   -12.651 1.00 10.31 ? 133 THR A CA  1 
ATOM   35   C C   . THR A 1 21  ? -4.845  6.173   -12.491 1.00 9.98  ? 133 THR A C   1 
ATOM   36   O O   . THR A 1 21  ? -5.806  5.851   -13.182 1.00 9.55  ? 133 THR A O   1 
ATOM   37   C CB  . THR A 1 21  ? -5.033  8.572   -11.874 1.00 10.15 ? 133 THR A CB  1 
ATOM   38   O OG1 . THR A 1 21  ? -4.375  9.844   -11.896 1.00 10.24 ? 133 THR A OG1 1 
ATOM   39   C CG2 . THR A 1 21  ? -5.227  8.134   -10.427 1.00 10.34 ? 133 THR A CG2 1 
ATOM   40   N N   . LEU A 1 22  ? -4.289  5.367   -11.594 1.00 9.55  ? 134 LEU A N   1 
ATOM   41   C CA  . LEU A 1 22  ? -4.912  4.128   -11.153 1.00 9.52  ? 134 LEU A CA  1 
ATOM   42   C C   . LEU A 1 22  ? -4.987  4.216   -9.638  1.00 9.23  ? 134 LEU A C   1 
ATOM   43   O O   . LEU A 1 22  ? -3.954  4.313   -8.975  1.00 9.04  ? 134 LEU A O   1 
ATOM   44   C CB  . LEU A 1 22  ? -4.074  2.925   -11.587 1.00 9.61  ? 134 LEU A CB  1 
ATOM   45   C CG  . LEU A 1 22  ? -4.650  1.532   -11.336 1.00 9.93  ? 134 LEU A CG  1 
ATOM   46   C CD1 . LEU A 1 22  ? -6.009  1.377   -11.998 1.00 10.54 ? 134 LEU A CD1 1 
ATOM   47   C CD2 . LEU A 1 22  ? -3.682  0.466   -11.837 1.00 10.14 ? 134 LEU A CD2 1 
ATOM   48   N N   . TRP A 1 23  ? -6.201  4.225   -9.087  1.00 8.87  ? 135 TRP A N   1 
ATOM   49   C CA  . TRP A 1 23  ? -6.367  4.504   -7.660  1.00 8.91  ? 135 TRP A CA  1 
ATOM   50   C C   . TRP A 1 23  ? -7.599  3.873   -7.012  1.00 8.78  ? 135 TRP A C   1 
ATOM   51   O O   . TRP A 1 23  ? -8.419  3.235   -7.676  1.00 8.70  ? 135 TRP A O   1 
ATOM   52   C CB  . TRP A 1 23  ? -6.348  6.029   -7.422  1.00 8.78  ? 135 TRP A CB  1 
ATOM   53   C CG  . TRP A 1 23  ? -7.626  6.778   -7.772  1.00 8.45  ? 135 TRP A CG  1 
ATOM   54   C CD1 . TRP A 1 23  ? -8.641  6.361   -8.588  1.00 8.63  ? 135 TRP A CD1 1 
ATOM   55   C CD2 . TRP A 1 23  ? -7.976  8.099   -7.344  1.00 8.44  ? 135 TRP A CD2 1 
ATOM   56   N NE1 . TRP A 1 23  ? -9.613  7.330   -8.668  1.00 8.42  ? 135 TRP A NE1 1 
ATOM   57   C CE2 . TRP A 1 23  ? -9.226  8.411   -7.919  1.00 8.40  ? 135 TRP A CE2 1 
ATOM   58   C CE3 . TRP A 1 23  ? -7.355  9.047   -6.523  1.00 8.78  ? 135 TRP A CE3 1 
ATOM   59   C CZ2 . TRP A 1 23  ? -9.867  9.630   -7.696  1.00 8.65  ? 135 TRP A CZ2 1 
ATOM   60   C CZ3 . TRP A 1 23  ? -7.995  10.258  -6.301  1.00 8.85  ? 135 TRP A CZ3 1 
ATOM   61   C CH2 . TRP A 1 23  ? -9.235  10.539  -6.886  1.00 8.69  ? 135 TRP A CH2 1 
ATOM   62   N N   . THR A 1 24  ? -7.696  4.067   -5.698  1.00 8.75  ? 136 THR A N   1 
ATOM   63   C CA  . THR A 1 24  ? -8.768  3.525   -4.871  1.00 8.73  ? 136 THR A CA  1 
ATOM   64   C C   . THR A 1 24  ? -9.969  4.459   -4.762  1.00 8.88  ? 136 THR A C   1 
ATOM   65   O O   . THR A 1 24  ? -11.001 4.087   -4.198  1.00 8.89  ? 136 THR A O   1 
ATOM   66   C CB  . THR A 1 24  ? -8.261  3.306   -3.441  1.00 8.61  ? 136 THR A CB  1 
ATOM   67   O OG1 . THR A 1 24  ? -7.674  4.525   -2.959  1.00 7.94  ? 136 THR A OG1 1 
ATOM   68   C CG2 . THR A 1 24  ? -7.224  2.199   -3.399  1.00 8.40  ? 136 THR A CG2 1 
ATOM   69   N N   . GLY A 1 25  ? -9.825  5.675   -5.275  1.00 8.94  ? 137 GLY A N   1 
ATOM   70   C CA  . GLY A 1 25  ? -10.780 6.734   -5.002  1.00 9.16  ? 137 GLY A CA  1 
ATOM   71   C C   . GLY A 1 25  ? -10.490 7.337   -3.638  1.00 9.27  ? 137 GLY A C   1 
ATOM   72   O O   . GLY A 1 25  ? -9.648  6.827   -2.890  1.00 9.12  ? 137 GLY A O   1 
ATOM   73   N N   . VAL A 1 26  ? -11.186 8.423   -3.316  1.00 9.55  ? 138 VAL A N   1 
ATOM   74   C CA  . VAL A 1 26  ? -10.981 9.131   -2.054  1.00 9.96  ? 138 VAL A CA  1 
ATOM   75   C C   . VAL A 1 26  ? -11.946 8.645   -0.979  1.00 10.17 ? 138 VAL A C   1 
ATOM   76   O O   . VAL A 1 26  ? -13.143 8.515   -1.228  1.00 10.56 ? 138 VAL A O   1 
ATOM   77   C CB  . VAL A 1 26  ? -11.176 10.649  -2.230  1.00 9.84  ? 138 VAL A CB  1 
ATOM   78   C CG1 . VAL A 1 26  ? -11.000 11.372  -0.893  1.00 10.27 ? 138 VAL A CG1 1 
ATOM   79   C CG2 . VAL A 1 26  ? -10.207 11.193  -3.269  1.00 9.80  ? 138 VAL A CG2 1 
ATOM   80   N N   . ASN A 1 27  ? -11.406 8.375   0.209   1.00 10.56 ? 139 ASN A N   1 
ATOM   81   C CA  . ASN A 1 27  ? -12.196 8.043   1.398   1.00 10.82 ? 139 ASN A CA  1 
ATOM   82   C C   . ASN A 1 27  ? -13.445 7.193   1.120   1.00 11.14 ? 139 ASN A C   1 
ATOM   83   O O   . ASN A 1 27  ? -14.572 7.674   1.262   1.00 11.25 ? 139 ASN A O   1 
ATOM   84   C CB  . ASN A 1 27  ? -12.597 9.334   2.131   1.00 10.91 ? 139 ASN A CB  1 
ATOM   85   C CG  . ASN A 1 27  ? -13.193 9.069   3.506   1.00 10.75 ? 139 ASN A CG  1 
ATOM   86   O OD1 . ASN A 1 27  ? -12.773 8.152   4.212   1.00 11.57 ? 139 ASN A OD1 1 
ATOM   87   N ND2 . ASN A 1 27  ? -14.167 9.886   3.898   1.00 11.49 ? 139 ASN A ND2 1 
ATOM   88   N N   . PRO A 1 28  ? -13.247 5.919   0.735   1.00 11.44 ? 140 PRO A N   1 
ATOM   89   C CA  . PRO A 1 28  ? -14.403 5.048   0.534   1.00 11.67 ? 140 PRO A CA  1 
ATOM   90   C C   . PRO A 1 28  ? -15.212 4.888   1.821   1.00 11.87 ? 140 PRO A C   1 
ATOM   91   O O   . PRO A 1 28  ? -14.654 4.976   2.915   1.00 11.97 ? 140 PRO A O   1 
ATOM   92   C CB  . PRO A 1 28  ? -13.776 3.711   0.114   1.00 11.74 ? 140 PRO A CB  1 
ATOM   93   C CG  . PRO A 1 28  ? -12.358 3.781   0.549   1.00 11.98 ? 140 PRO A CG  1 
ATOM   94   C CD  . PRO A 1 28  ? -11.975 5.221   0.483   1.00 11.42 ? 140 PRO A CD  1 
ATOM   95   N N   . THR A 1 29  ? -16.515 4.668   1.685   1.00 12.27 ? 141 THR A N   1 
ATOM   96   C CA  . THR A 1 29  ? -17.402 4.563   2.839   1.00 12.24 ? 141 THR A CA  1 
ATOM   97   C C   . THR A 1 29  ? -16.984 3.421   3.762   1.00 12.11 ? 141 THR A C   1 
ATOM   98   O O   . THR A 1 29  ? -16.923 3.587   4.982   1.00 12.40 ? 141 THR A O   1 
ATOM   99   C CB  . THR A 1 29  ? -18.863 4.337   2.401   1.00 12.39 ? 141 THR A CB  1 
ATOM   100  O OG1 . THR A 1 29  ? -19.224 5.303   1.405   1.00 13.86 ? 141 THR A OG1 1 
ATOM   101  C CG2 . THR A 1 29  ? -19.807 4.457   3.591   1.00 12.83 ? 141 THR A CG2 1 
ATOM   102  N N   . GLU A 1 30  ? -16.686 2.268   3.170   1.00 11.86 ? 142 GLU A N   1 
ATOM   103  C CA  . GLU A 1 30  ? -16.318 1.080   3.931   1.00 11.66 ? 142 GLU A CA  1 
ATOM   104  C C   . GLU A 1 30  ? -14.848 0.743   3.758   1.00 11.41 ? 142 GLU A C   1 
ATOM   105  O O   . GLU A 1 30  ? -14.242 1.065   2.733   1.00 11.34 ? 142 GLU A O   1 
ATOM   106  C CB  . GLU A 1 30  ? -17.168 -0.112  3.489   1.00 11.92 ? 142 GLU A CB  1 
ATOM   107  C CG  . GLU A 1 30  ? -18.643 0.040   3.795   1.00 12.46 ? 142 GLU A CG  1 
ATOM   108  C CD  . GLU A 1 30  ? -18.921 0.125   5.281   1.00 13.28 ? 142 GLU A CD  1 
ATOM   109  O OE1 . GLU A 1 30  ? -18.415 -0.736  6.033   1.00 13.81 ? 142 GLU A OE1 1 
ATOM   110  O OE2 . GLU A 1 30  ? -19.646 1.052   5.696   1.00 15.13 ? 142 GLU A OE2 1 
ATOM   111  N N   . ALA A 1 31  ? -14.278 0.095   4.771   1.00 10.95 ? 143 ALA A N   1 
ATOM   112  C CA  . ALA A 1 31  ? -12.913 -0.408  4.689   1.00 10.87 ? 143 ALA A CA  1 
ATOM   113  C C   . ALA A 1 31  ? -12.773 -1.283  3.449   1.00 10.61 ? 143 ALA A C   1 
ATOM   114  O O   . ALA A 1 31  ? -13.636 -2.113  3.170   1.00 10.63 ? 143 ALA A O   1 
ATOM   115  C CB  . ALA A 1 31  ? -12.566 -1.200  5.937   1.00 10.83 ? 143 ALA A CB  1 
ATOM   116  N N   . ASN A 1 32  ? -11.688 -1.083  2.704   1.00 10.35 ? 144 ASN A N   1 
ATOM   117  C CA  . ASN A 1 32  ? -11.461 -1.802  1.448   1.00 10.44 ? 144 ASN A CA  1 
ATOM   118  C C   . ASN A 1 32  ? -10.278 -2.767  1.526   1.00 10.39 ? 144 ASN A C   1 
ATOM   119  O O   . ASN A 1 32  ? -9.936  -3.423  0.540   1.00 10.03 ? 144 ASN A O   1 
ATOM   120  C CB  . ASN A 1 32  ? -11.229 -0.796  0.316   1.00 10.14 ? 144 ASN A CB  1 
ATOM   121  C CG  . ASN A 1 32  ? -9.982  0.056   0.528   1.00 9.88  ? 144 ASN A CG  1 
ATOM   122  O OD1 . ASN A 1 32  ? -9.267  -0.105  1.516   1.00 9.71  ? 144 ASN A OD1 1 
ATOM   123  N ND2 . ASN A 1 32  ? -9.721  0.965   -0.405  1.00 8.88  ? 144 ASN A ND2 1 
ATOM   124  N N   . CYS A 1 33  ? -9.670  -2.862  2.706   1.00 10.63 ? 145 CYS A N   1 
ATOM   125  C CA  . CYS A 1 33  ? -8.413  -3.571  2.871   1.00 11.34 ? 145 CYS A CA  1 
ATOM   126  C C   . CYS A 1 33  ? -8.393  -4.343  4.183   1.00 11.92 ? 145 CYS A C   1 
ATOM   127  O O   . CYS A 1 33  ? -8.812  -3.826  5.218   1.00 11.80 ? 145 CYS A O   1 
ATOM   128  C CB  . CYS A 1 33  ? -7.258  -2.561  2.837   1.00 11.07 ? 145 CYS A CB  1 
ATOM   129  S SG  . CYS A 1 33  ? -5.588  -3.265  2.961   1.00 10.39 ? 145 CYS A SG  1 
ATOM   130  N N   . GLN A 1 34  ? -7.942  -5.594  4.126   1.00 12.98 ? 146 GLN A N   1 
ATOM   131  C CA  . GLN A 1 34  ? -7.680  -6.367  5.331   1.00 13.66 ? 146 GLN A CA  1 
ATOM   132  C C   . GLN A 1 34  ? -6.172  -6.434  5.519   1.00 13.98 ? 146 GLN A C   1 
ATOM   133  O O   . GLN A 1 34  ? -5.505  -7.309  4.965   1.00 13.70 ? 146 GLN A O   1 
ATOM   134  C CB  . GLN A 1 34  ? -8.282  -7.770  5.238   1.00 13.75 ? 146 GLN A CB  1 
ATOM   135  C CG  . GLN A 1 34  ? -8.055  -8.597  6.502   1.00 14.20 ? 146 GLN A CG  1 
ATOM   136  C CD  . GLN A 1 34  ? -8.883  -9.864  6.557   1.00 15.17 ? 146 GLN A CD  1 
ATOM   137  O OE1 . GLN A 1 34  ? -9.710  -10.126 5.684   1.00 18.12 ? 146 GLN A OE1 1 
ATOM   138  N NE2 . GLN A 1 34  ? -8.659  -10.663 7.595   1.00 17.54 ? 146 GLN A NE2 1 
ATOM   139  N N   . ILE A 1 35  ? -5.641  -5.486  6.284   1.00 14.80 ? 147 ILE A N   1 
ATOM   140  C CA  . ILE A 1 35  ? -4.197  -5.321  6.418   1.00 15.55 ? 147 ILE A CA  1 
ATOM   141  C C   . ILE A 1 35  ? -3.634  -6.198  7.540   1.00 16.37 ? 147 ILE A C   1 
ATOM   142  O O   . ILE A 1 35  ? -2.451  -6.537  7.533   1.00 16.25 ? 147 ILE A O   1 
ATOM   143  C CB  . ILE A 1 35  ? -3.829  -3.830  6.644   1.00 15.41 ? 147 ILE A CB  1 
ATOM   144  C CG1 . ILE A 1 35  ? -2.455  -3.514  6.046   1.00 15.48 ? 147 ILE A CG1 1 
ATOM   145  C CG2 . ILE A 1 35  ? -3.892  -3.472  8.127   1.00 15.50 ? 147 ILE A CG2 1 
ATOM   146  C CD1 . ILE A 1 35  ? -2.255  -2.045  5.743   1.00 15.30 ? 147 ILE A CD1 1 
ATOM   147  N N   . MET A 1 36  ? -4.486  -6.552  8.502   1.00 17.45 ? 148 MET A N   1 
ATOM   148  C CA  . MET A 1 36  ? -4.142  -7.542  9.515   1.00 18.40 ? 148 MET A CA  1 
ATOM   149  C C   . MET A 1 36  ? -4.868  -8.843  9.195   1.00 18.94 ? 148 MET A C   1 
ATOM   150  O O   . MET A 1 36  ? -6.079  -8.846  8.975   1.00 19.22 ? 148 MET A O   1 
ATOM   151  C CB  . MET A 1 36  ? -4.561  -7.072  10.909  1.00 18.48 ? 148 MET A CB  1 
ATOM   152  C CG  . MET A 1 36  ? -4.020  -5.715  11.317  1.00 19.00 ? 148 MET A CG  1 
ATOM   153  S SD  . MET A 1 36  ? -4.515  -5.269  12.997  1.00 20.04 ? 148 MET A SD  1 
ATOM   154  C CE  . MET A 1 36  ? -3.543  -6.423  13.967  1.00 20.67 ? 148 MET A CE  1 
ATOM   155  N N   . ASN A 1 37  ? -4.128  -9.946  9.179   1.00 19.57 ? 149 ASN A N   1 
ATOM   156  C CA  . ASN A 1 37  ? -4.732  -11.265 9.006   1.00 19.98 ? 149 ASN A CA  1 
ATOM   157  C C   . ASN A 1 37  ? -5.518  -11.682 10.250  1.00 20.36 ? 149 ASN A C   1 
ATOM   158  O O   . ASN A 1 37  ? -6.305  -12.627 10.208  1.00 20.74 ? 149 ASN A O   1 
ATOM   159  C CB  . ASN A 1 37  ? -3.660  -12.311 8.690   1.00 20.19 ? 149 ASN A CB  1 
ATOM   160  C CG  . ASN A 1 37  ? -2.988  -12.074 7.348   1.00 20.62 ? 149 ASN A CG  1 
ATOM   161  O OD1 . ASN A 1 37  ? -3.478  -11.304 6.518   1.00 21.24 ? 149 ASN A OD1 1 
ATOM   162  N ND2 . ASN A 1 37  ? -1.861  -12.743 7.127   1.00 21.37 ? 149 ASN A ND2 1 
ATOM   163  N N   . SER A 1 38  ? -5.302  -10.964 11.353  1.00 20.72 ? 150 SER A N   1 
ATOM   164  C CA  . SER A 1 38  ? -6.014  -11.221 12.602  1.00 20.83 ? 150 SER A CA  1 
ATOM   165  C C   . SER A 1 38  ? -7.428  -10.626 12.627  1.00 20.94 ? 150 SER A C   1 
ATOM   166  O O   . SER A 1 38  ? -8.202  -10.905 13.545  1.00 21.25 ? 150 SER A O   1 
ATOM   167  C CB  . SER A 1 38  ? -5.213  -10.676 13.785  1.00 20.96 ? 150 SER A CB  1 
ATOM   168  O OG  . SER A 1 38  ? -4.952  -9.293  13.632  1.00 21.31 ? 150 SER A OG  1 
ATOM   169  N N   . SER A 1 39  ? -7.756  -9.801  11.633  1.00 20.96 ? 151 SER A N   1 
ATOM   170  C CA  A SER A 1 39  ? -9.072  -9.167  11.556  0.50 20.88 ? 151 SER A CA  1 
ATOM   171  C CA  B SER A 1 39  ? -9.073  -9.170  11.562  0.50 20.83 ? 151 SER A CA  1 
ATOM   172  C C   . SER A 1 39  ? -10.124 -10.143 11.038  1.00 20.85 ? 151 SER A C   1 
ATOM   173  O O   . SER A 1 39  ? -9.798  -11.124 10.364  1.00 21.00 ? 151 SER A O   1 
ATOM   174  C CB  A SER A 1 39  ? -9.021  -7.935  10.651  0.50 20.95 ? 151 SER A CB  1 
ATOM   175  C CB  B SER A 1 39  ? -9.023  -7.925  10.675  0.50 20.88 ? 151 SER A CB  1 
ATOM   176  O OG  A SER A 1 39  ? -10.294 -7.319  10.558  0.50 21.10 ? 151 SER A OG  1 
ATOM   177  O OG  B SER A 1 39  ? -8.168  -6.942  11.233  0.50 20.67 ? 151 SER A OG  1 
ATOM   178  N N   . GLU A 1 40  ? -11.388 -9.861  11.352  1.00 20.73 ? 152 GLU A N   1 
ATOM   179  C CA  . GLU A 1 40  ? -12.512 -10.697 10.912  1.00 20.44 ? 152 GLU A CA  1 
ATOM   180  C C   . GLU A 1 40  ? -13.145 -10.160 9.622   1.00 19.94 ? 152 GLU A C   1 
ATOM   181  O O   . GLU A 1 40  ? -14.060 -10.771 9.068   1.00 20.15 ? 152 GLU A O   1 
ATOM   182  C CB  . GLU A 1 40  ? -13.573 -10.808 12.018  1.00 20.63 ? 152 GLU A CB  1 
ATOM   183  C CG  . GLU A 1 40  ? -14.169 -9.476  12.479  1.00 21.11 ? 152 GLU A CG  1 
ATOM   184  C CD  . GLU A 1 40  ? -15.202 -9.643  13.585  1.00 21.44 ? 152 GLU A CD  1 
ATOM   185  O OE1 . GLU A 1 40  ? -15.229 -8.797  14.504  1.00 23.32 ? 152 GLU A OE1 1 
ATOM   186  O OE2 . GLU A 1 40  ? -15.979 -10.622 13.541  1.00 23.10 ? 152 GLU A OE2 1 
ATOM   187  N N   . SER A 1 41  ? -12.651 -9.016  9.155   1.00 19.20 ? 153 SER A N   1 
ATOM   188  C CA  . SER A 1 41  ? -13.118 -8.403  7.917   1.00 18.38 ? 153 SER A CA  1 
ATOM   189  C C   . SER A 1 41  ? -12.080 -7.374  7.462   1.00 17.54 ? 153 SER A C   1 
ATOM   190  O O   . SER A 1 41  ? -10.973 -7.329  8.003   1.00 17.70 ? 153 SER A O   1 
ATOM   191  C CB  . SER A 1 41  ? -14.472 -7.726  8.141   1.00 18.52 ? 153 SER A CB  1 
ATOM   192  O OG  . SER A 1 41  ? -14.353 -6.634  9.036   1.00 19.46 ? 153 SER A OG  1 
ATOM   193  N N   . ASN A 1 42  ? -12.428 -6.565  6.463   1.00 16.34 ? 154 ASN A N   1 
ATOM   194  C CA  . ASN A 1 42  ? -11.597 -5.419  6.101   1.00 15.41 ? 154 ASN A CA  1 
ATOM   195  C C   . ASN A 1 42  ? -11.481 -4.495  7.307   1.00 14.53 ? 154 ASN A C   1 
ATOM   196  O O   . ASN A 1 42  ? -12.488 -4.149  7.928   1.00 14.56 ? 154 ASN A O   1 
ATOM   197  C CB  . ASN A 1 42  ? -12.185 -4.668  4.905   1.00 15.28 ? 154 ASN A CB  1 
ATOM   198  C CG  . ASN A 1 42  ? -12.093 -5.461  3.609   1.00 15.19 ? 154 ASN A CG  1 
ATOM   199  O OD1 . ASN A 1 42  ? -11.432 -6.498  3.543   1.00 15.39 ? 154 ASN A OD1 1 
ATOM   200  N ND2 . ASN A 1 42  ? -12.754 -4.969  2.569   1.00 14.53 ? 154 ASN A ND2 1 
ATOM   201  N N   . ASP A 1 43  ? -10.250 -4.110  7.644   1.00 13.36 ? 155 ASP A N   1 
ATOM   202  C CA  . ASP A 1 43  ? -9.981  -3.384  8.892   1.00 12.64 ? 155 ASP A CA  1 
ATOM   203  C C   . ASP A 1 43  ? -9.513  -1.941  8.696   1.00 11.79 ? 155 ASP A C   1 
ATOM   204  O O   . ASP A 1 43  ? -9.361  -1.202  9.669   1.00 11.55 ? 155 ASP A O   1 
ATOM   205  C CB  . ASP A 1 43  ? -8.962  -4.153  9.750   1.00 12.59 ? 155 ASP A CB  1 
ATOM   206  C CG  . ASP A 1 43  ? -7.706  -4.541  8.979   1.00 12.77 ? 155 ASP A CG  1 
ATOM   207  O OD1 . ASP A 1 43  ? -7.461  -3.986  7.886   1.00 12.08 ? 155 ASP A OD1 1 
ATOM   208  O OD2 . ASP A 1 43  ? -6.959  -5.406  9.479   1.00 13.30 ? 155 ASP A OD2 1 
ATOM   209  N N   . CYS A 1 44  ? -9.288  -1.536  7.450   1.00 11.05 ? 156 CYS A N   1 
ATOM   210  C CA  . CYS A 1 44  ? -8.873  -0.166  7.172   1.00 10.53 ? 156 CYS A CA  1 
ATOM   211  C C   . CYS A 1 44  ? -9.199  0.241   5.748   1.00 10.11 ? 156 CYS A C   1 
ATOM   212  O O   . CYS A 1 44  ? -9.521  -0.599  4.905   1.00 9.73  ? 156 CYS A O   1 
ATOM   213  C CB  . CYS A 1 44  ? -7.369  0.004   7.423   1.00 10.37 ? 156 CYS A CB  1 
ATOM   214  S SG  . CYS A 1 44  ? -6.297  -0.915  6.277   1.00 9.67  ? 156 CYS A SG  1 
ATOM   215  N N   . LYS A 1 45  ? -9.140  1.544   5.500   1.00 9.66  ? 157 LYS A N   1 
ATOM   216  C CA  . LYS A 1 45  ? -9.221  2.075   4.155   1.00 9.52  ? 157 LYS A CA  1 
ATOM   217  C C   . LYS A 1 45  ? -7.806  2.311   3.661   1.00 9.22  ? 157 LYS A C   1 
ATOM   218  O O   . LYS A 1 45  ? -7.093  3.164   4.194   1.00 9.42  ? 157 LYS A O   1 
ATOM   219  C CB  . LYS A 1 45  ? -9.994  3.392   4.130   1.00 9.49  ? 157 LYS A CB  1 
ATOM   220  C CG  . LYS A 1 45  ? -11.340 3.348   4.824   1.00 9.91  ? 157 LYS A CG  1 
ATOM   221  C CD  . LYS A 1 45  ? -12.024 4.698   4.763   1.00 9.90  ? 157 LYS A CD  1 
ATOM   222  C CE  . LYS A 1 45  ? -13.272 4.725   5.624   1.00 10.39 ? 157 LYS A CE  1 
ATOM   223  N NZ  . LYS A 1 45  ? -14.086 5.943   5.381   1.00 11.36 ? 157 LYS A NZ  1 
ATOM   224  N N   . LEU A 1 46  ? -7.387  1.524   2.678   1.00 8.71  ? 158 LEU A N   1 
ATOM   225  C CA  . LEU A 1 46  ? -6.121  1.756   2.008   1.00 8.56  ? 158 LEU A CA  1 
ATOM   226  C C   . LEU A 1 46  ? -6.369  2.741   0.884   1.00 8.36  ? 158 LEU A C   1 
ATOM   227  O O   . LEU A 1 46  ? -7.115  2.453   -0.048  1.00 8.42  ? 158 LEU A O   1 
ATOM   228  C CB  . LEU A 1 46  ? -5.548  0.452   1.448   1.00 8.51  ? 158 LEU A CB  1 
ATOM   229  C CG  . LEU A 1 46  ? -4.194  0.575   0.736   1.00 8.58  ? 158 LEU A CG  1 
ATOM   230  C CD1 . LEU A 1 46  ? -3.096  0.952   1.721   1.00 8.35  ? 158 LEU A CD1 1 
ATOM   231  C CD2 . LEU A 1 46  ? -3.846  -0.716  0.016   1.00 8.56  ? 158 LEU A CD2 1 
ATOM   232  N N   . ILE A 1 47  ? -5.776  3.923   1.001   1.00 8.11  ? 159 ILE A N   1 
ATOM   233  C CA  . ILE A 1 47  ? -5.846  4.921   -0.048  1.00 8.13  ? 159 ILE A CA  1 
ATOM   234  C C   . ILE A 1 47  ? -4.558  4.820   -0.851  1.00 8.06  ? 159 ILE A C   1 
ATOM   235  O O   . ILE A 1 47  ? -3.471  5.045   -0.322  1.00 8.11  ? 159 ILE A O   1 
ATOM   236  C CB  . ILE A 1 47  ? -5.996  6.344   0.527   1.00 8.05  ? 159 ILE A CB  1 
ATOM   237  C CG1 . ILE A 1 47  ? -7.127  6.393   1.563   1.00 8.42  ? 159 ILE A CG1 1 
ATOM   238  C CG2 . ILE A 1 47  ? -6.259  7.348   -0.589  1.00 8.38  ? 159 ILE A CG2 1 
ATOM   239  C CD1 . ILE A 1 47  ? -8.485  5.962   1.026   1.00 8.85  ? 159 ILE A CD1 1 
ATOM   240  N N   . LEU A 1 48  ? -4.686  4.437   -2.117  1.00 7.88  ? 160 LEU A N   1 
ATOM   241  C CA  . LEU A 1 48  ? -3.536  4.227   -2.985  1.00 8.01  ? 160 LEU A CA  1 
ATOM   242  C C   . LEU A 1 48  ? -3.775  4.907   -4.316  1.00 7.90  ? 160 LEU A C   1 
ATOM   243  O O   . LEU A 1 48  ? -4.788  4.656   -4.969  1.00 8.06  ? 160 LEU A O   1 
ATOM   244  C CB  . LEU A 1 48  ? -3.300  2.729   -3.202  1.00 7.92  ? 160 LEU A CB  1 
ATOM   245  C CG  . LEU A 1 48  ? -2.138  2.350   -4.130  1.00 8.06  ? 160 LEU A CG  1 
ATOM   246  C CD1 . LEU A 1 48  ? -0.807  2.797   -3.544  1.00 8.30  ? 160 LEU A CD1 1 
ATOM   247  C CD2 . LEU A 1 48  ? -2.133  0.851   -4.393  1.00 8.37  ? 160 LEU A CD2 1 
ATOM   248  N N   . THR A 1 49  ? -2.843  5.771   -4.710  1.00 7.81  ? 161 THR A N   1 
ATOM   249  C CA  . THR A 1 49  ? -2.919  6.471   -5.983  1.00 7.84  ? 161 THR A CA  1 
ATOM   250  C C   . THR A 1 49  ? -1.625  6.255   -6.757  1.00 7.85  ? 161 THR A C   1 
ATOM   251  O O   . THR A 1 49  ? -0.546  6.603   -6.280  1.00 8.08  ? 161 THR A O   1 
ATOM   252  C CB  . THR A 1 49  ? -3.141  7.985   -5.781  1.00 7.75  ? 161 THR A CB  1 
ATOM   253  O OG1 . THR A 1 49  ? -4.315  8.199   -4.988  1.00 8.04  ? 161 THR A OG1 1 
ATOM   254  C CG2 . THR A 1 49  ? -3.298  8.693   -7.120  1.00 7.84  ? 161 THR A CG2 1 
ATOM   255  N N   . LEU A 1 50  ? -1.744  5.650   -7.937  1.00 7.85  ? 162 LEU A N   1 
ATOM   256  C CA  . LEU A 1 50  ? -0.609  5.447   -8.826  1.00 8.13  ? 162 LEU A CA  1 
ATOM   257  C C   . LEU A 1 50  ? -0.766  6.359   -10.033 1.00 8.37  ? 162 LEU A C   1 
ATOM   258  O O   . LEU A 1 50  ? -1.798  6.337   -10.695 1.00 8.37  ? 162 LEU A O   1 
ATOM   259  C CB  . LEU A 1 50  ? -0.546  3.990   -9.288  1.00 7.91  ? 162 LEU A CB  1 
ATOM   260  C CG  . LEU A 1 50  ? -0.532  2.917   -8.196  1.00 7.74  ? 162 LEU A CG  1 
ATOM   261  C CD1 . LEU A 1 50  ? -0.545  1.529   -8.826  1.00 8.31  ? 162 LEU A CD1 1 
ATOM   262  C CD2 . LEU A 1 50  ? 0.673   3.087   -7.278  1.00 7.90  ? 162 LEU A CD2 1 
ATOM   263  N N   . VAL A 1 51  ? 0.252   7.169   -10.308 1.00 8.59  ? 163 VAL A N   1 
ATOM   264  C CA  . VAL A 1 51  ? 0.216   8.088   -11.442 1.00 9.08  ? 163 VAL A CA  1 
ATOM   265  C C   . VAL A 1 51  ? 1.400   7.849   -12.364 1.00 9.33  ? 163 VAL A C   1 
ATOM   266  O O   . VAL A 1 51  ? 2.546   7.801   -11.915 1.00 8.87  ? 163 VAL A O   1 
ATOM   267  C CB  . VAL A 1 51  ? 0.237   9.557   -10.984 1.00 9.11  ? 163 VAL A CB  1 
ATOM   268  C CG1 . VAL A 1 51  ? 0.133   10.493  -12.187 1.00 9.46  ? 163 VAL A CG1 1 
ATOM   269  C CG2 . VAL A 1 51  ? -0.890  9.824   -9.999  1.00 8.92  ? 163 VAL A CG2 1 
ATOM   270  N N   . LYS A 1 52  ? 1.115   7.682   -13.653 1.00 9.64  ? 164 LYS A N   1 
ATOM   271  C CA  A LYS A 1 52  ? 2.163   7.522   -14.657 0.50 9.88  ? 164 LYS A CA  1 
ATOM   272  C CA  B LYS A 1 52  ? 2.159   7.523   -14.657 0.50 9.91  ? 164 LYS A CA  1 
ATOM   273  C C   . LYS A 1 52  ? 2.896   8.844   -14.846 1.00 9.95  ? 164 LYS A C   1 
ATOM   274  O O   . LYS A 1 52  ? 2.287   9.854   -15.202 1.00 10.51 ? 164 LYS A O   1 
ATOM   275  C CB  A LYS A 1 52  ? 1.576   7.043   -15.991 0.50 10.03 ? 164 LYS A CB  1 
ATOM   276  C CB  B LYS A 1 52  ? 1.559   7.054   -15.988 0.50 10.03 ? 164 LYS A CB  1 
ATOM   277  C CG  A LYS A 1 52  ? 1.313   5.545   -16.046 0.50 10.33 ? 164 LYS A CG  1 
ATOM   278  C CG  B LYS A 1 52  ? 1.116   5.595   -15.982 0.50 10.47 ? 164 LYS A CG  1 
ATOM   279  C CD  A LYS A 1 52  ? 0.682   5.136   -17.370 0.50 10.35 ? 164 LYS A CD  1 
ATOM   280  C CD  B LYS A 1 52  ? 0.142   5.284   -17.117 0.50 10.62 ? 164 LYS A CD  1 
ATOM   281  C CE  A LYS A 1 52  ? 0.535   3.629   -17.475 0.50 10.68 ? 164 LYS A CE  1 
ATOM   282  C CE  B LYS A 1 52  ? 0.802   5.402   -18.482 0.50 11.10 ? 164 LYS A CE  1 
ATOM   283  N NZ  A LYS A 1 52  ? -0.391  3.231   -18.569 0.50 11.20 ? 164 LYS A NZ  1 
ATOM   284  N NZ  B LYS A 1 52  ? -0.159  5.140   -19.585 0.50 11.49 ? 164 LYS A NZ  1 
ATOM   285  N N   . THR A 1 53  ? 4.204   8.829   -14.585 1.00 9.86  ? 165 THR A N   1 
ATOM   286  C CA  A THR A 1 53  ? 5.040   10.018  -14.688 0.50 9.76  ? 165 THR A CA  1 
ATOM   287  C CA  B THR A 1 53  ? 5.035   10.023  -14.711 0.50 9.71  ? 165 THR A CA  1 
ATOM   288  C C   . THR A 1 53  ? 6.313   9.684   -15.469 1.00 9.63  ? 165 THR A C   1 
ATOM   289  O O   . THR A 1 53  ? 7.329   9.305   -14.880 1.00 9.61  ? 165 THR A O   1 
ATOM   290  C CB  A THR A 1 53  ? 5.421   10.547  -13.283 0.50 9.89  ? 165 THR A CB  1 
ATOM   291  C CB  B THR A 1 53  ? 5.380   10.618  -13.336 0.50 9.81  ? 165 THR A CB  1 
ATOM   292  O OG1 A THR A 1 53  ? 4.252   10.602  -12.453 0.50 10.32 ? 165 THR A OG1 1 
ATOM   293  O OG1 B THR A 1 53  ? 5.944   9.603   -12.500 0.50 9.75  ? 165 THR A OG1 1 
ATOM   294  C CG2 A THR A 1 53  ? 6.045   11.932  -13.380 0.50 10.00 ? 165 THR A CG2 1 
ATOM   295  C CG2 B THR A 1 53  ? 4.129   11.185  -12.672 0.50 9.91  ? 165 THR A CG2 1 
ATOM   296  N N   . GLY A 1 54  ? 6.247   9.814   -16.792 1.00 9.46  ? 166 GLY A N   1 
ATOM   297  C CA  . GLY A 1 54  ? 7.362   9.440   -17.647 1.00 9.10  ? 166 GLY A CA  1 
ATOM   298  C C   . GLY A 1 54  ? 7.632   7.956   -17.492 1.00 8.69  ? 166 GLY A C   1 
ATOM   299  O O   . GLY A 1 54  ? 6.706   7.155   -17.487 1.00 8.47  ? 166 GLY A O   1 
ATOM   300  N N   . ALA A 1 55  ? 8.898   7.598   -17.314 1.00 8.38  ? 167 ALA A N   1 
ATOM   301  C CA  . ALA A 1 55  ? 9.292   6.201   -17.130 1.00 8.37  ? 167 ALA A CA  1 
ATOM   302  C C   . ALA A 1 55  ? 8.957   5.668   -15.731 1.00 8.16  ? 167 ALA A C   1 
ATOM   303  O O   . ALA A 1 55  ? 9.152   4.483   -15.455 1.00 7.98  ? 167 ALA A O   1 
ATOM   304  C CB  . ALA A 1 55  ? 10.782  6.047   -17.396 1.00 8.34  ? 167 ALA A CB  1 
ATOM   305  N N   . LEU A 1 56  ? 8.466   6.544   -14.854 1.00 8.11  ? 168 LEU A N   1 
ATOM   306  C CA  . LEU A 1 56  ? 8.191   6.175   -13.472 1.00 8.03  ? 168 LEU A CA  1 
ATOM   307  C C   . LEU A 1 56  ? 6.703   6.149   -13.168 1.00 7.99  ? 168 LEU A C   1 
ATOM   308  O O   . LEU A 1 56  ? 5.891   6.728   -13.895 1.00 7.64  ? 168 LEU A O   1 
ATOM   309  C CB  . LEU A 1 56  ? 8.856   7.174   -12.519 1.00 7.98  ? 168 LEU A CB  1 
ATOM   310  C CG  . LEU A 1 56  ? 10.344  7.460   -12.718 1.00 7.93  ? 168 LEU A CG  1 
ATOM   311  C CD1 . LEU A 1 56  ? 10.786  8.591   -11.800 1.00 8.52  ? 168 LEU A CD1 1 
ATOM   312  C CD2 . LEU A 1 56  ? 11.176  6.210   -12.476 1.00 8.32  ? 168 LEU A CD2 1 
ATOM   313  N N   . VAL A 1 57  ? 6.357   5.449   -12.091 1.00 8.03  ? 169 VAL A N   1 
ATOM   314  C CA  . VAL A 1 57  ? 5.073   5.624   -11.434 1.00 8.17  ? 169 VAL A CA  1 
ATOM   315  C C   . VAL A 1 57  ? 5.308   6.395   -10.145 1.00 8.21  ? 169 VAL A C   1 
ATOM   316  O O   . VAL A 1 57  ? 6.258   6.113   -9.408  1.00 8.11  ? 169 VAL A O   1 
ATOM   317  C CB  . VAL A 1 57  ? 4.400   4.280   -11.098 1.00 8.04  ? 169 VAL A CB  1 
ATOM   318  C CG1 . VAL A 1 57  ? 3.367   4.453   -9.979  1.00 8.46  ? 169 VAL A CG1 1 
ATOM   319  C CG2 . VAL A 1 57  ? 3.749   3.689   -12.340 1.00 8.34  ? 169 VAL A CG2 1 
ATOM   320  N N   . THR A 1 58  ? 4.472   7.401   -9.906  1.00 8.25  ? 170 THR A N   1 
ATOM   321  C CA  . THR A 1 58  ? 4.432   8.089   -8.629  1.00 8.47  ? 170 THR A CA  1 
ATOM   322  C C   . THR A 1 58  ? 3.369   7.404   -7.791  1.00 8.37  ? 170 THR A C   1 
ATOM   323  O O   . THR A 1 58  ? 2.197   7.399   -8.163  1.00 8.45  ? 170 THR A O   1 
ATOM   324  C CB  . THR A 1 58  ? 4.077   9.574   -8.803  1.00 8.65  ? 170 THR A CB  1 
ATOM   325  O OG1 . THR A 1 58  ? 5.086   10.217  -9.590  1.00 10.25 ? 170 THR A OG1 1 
ATOM   326  C CG2 . THR A 1 58  ? 3.971   10.268  -7.450  1.00 8.73  ? 170 THR A CG2 1 
ATOM   327  N N   . ALA A 1 59  ? 3.785   6.802   -6.676  1.00 8.25  ? 171 ALA A N   1 
ATOM   328  C CA  . ALA A 1 59  ? 2.884   6.022   -5.827  1.00 8.29  ? 171 ALA A CA  1 
ATOM   329  C C   . ALA A 1 59  ? 2.640   6.747   -4.510  1.00 8.27  ? 171 ALA A C   1 
ATOM   330  O O   . ALA A 1 59  ? 3.578   7.096   -3.808  1.00 9.02  ? 171 ALA A O   1 
ATOM   331  C CB  . ALA A 1 59  ? 3.460   4.640   -5.574  1.00 8.30  ? 171 ALA A CB  1 
ATOM   332  N N   . PHE A 1 60  ? 1.366   6.922   -4.176  1.00 8.06  ? 172 PHE A N   1 
ATOM   333  C CA  . PHE A 1 60  ? 0.927   7.767   -3.071  1.00 7.95  ? 172 PHE A CA  1 
ATOM   334  C C   . PHE A 1 60  ? -0.003  6.916   -2.212  1.00 7.79  ? 172 PHE A C   1 
ATOM   335  O O   . PHE A 1 60  ? -1.045  6.478   -2.686  1.00 7.71  ? 172 PHE A O   1 
ATOM   336  C CB  . PHE A 1 60  ? 0.211   8.981   -3.685  1.00 8.04  ? 172 PHE A CB  1 
ATOM   337  C CG  . PHE A 1 60  ? -0.486  9.880   -2.700  1.00 8.15  ? 172 PHE A CG  1 
ATOM   338  C CD1 . PHE A 1 60  ? 0.145   11.019  -2.212  1.00 8.20  ? 172 PHE A CD1 1 
ATOM   339  C CD2 . PHE A 1 60  ? -1.813  9.658   -2.362  1.00 8.52  ? 172 PHE A CD2 1 
ATOM   340  C CE1 . PHE A 1 60  ? -0.517  11.884  -1.351  1.00 8.56  ? 172 PHE A CE1 1 
ATOM   341  C CE2 . PHE A 1 60  ? -2.477  10.512  -1.500  1.00 8.57  ? 172 PHE A CE2 1 
ATOM   342  C CZ  . PHE A 1 60  ? -1.828  11.628  -0.995  1.00 8.45  ? 172 PHE A CZ  1 
ATOM   343  N N   . VAL A 1 61  ? 0.396   6.634   -0.969  1.00 7.59  ? 173 VAL A N   1 
ATOM   344  C CA  . VAL A 1 61  ? -0.308  5.630   -0.165  1.00 7.78  ? 173 VAL A CA  1 
ATOM   345  C C   . VAL A 1 61  ? -0.429  5.980   1.324   1.00 7.74  ? 173 VAL A C   1 
ATOM   346  O O   . VAL A 1 61  ? 0.503   6.513   1.930   1.00 7.84  ? 173 VAL A O   1 
ATOM   347  C CB  . VAL A 1 61  ? 0.387   4.245   -0.295  1.00 7.58  ? 173 VAL A CB  1 
ATOM   348  C CG1 . VAL A 1 61  ? 1.779   4.270   0.343   1.00 7.70  ? 173 VAL A CG1 1 
ATOM   349  C CG2 . VAL A 1 61  ? -0.475  3.152   0.317   1.00 7.66  ? 173 VAL A CG2 1 
ATOM   350  N N   . TYR A 1 62  ? -1.592  5.676   1.899   1.00 7.90  ? 174 TYR A N   1 
ATOM   351  C CA  . TYR A 1 62  ? -1.781  5.738   3.350   1.00 8.08  ? 174 TYR A CA  1 
ATOM   352  C C   . TYR A 1 62  ? -2.978  4.906   3.781   1.00 8.24  ? 174 TYR A C   1 
ATOM   353  O O   . TYR A 1 62  ? -3.728  4.400   2.945   1.00 8.16  ? 174 TYR A O   1 
ATOM   354  C CB  . TYR A 1 62  ? -1.920  7.184   3.847   1.00 8.22  ? 174 TYR A CB  1 
ATOM   355  C CG  . TYR A 1 62  ? -3.099  7.963   3.299   1.00 8.29  ? 174 TYR A CG  1 
ATOM   356  C CD1 . TYR A 1 62  ? -3.078  8.478   2.007   1.00 7.98  ? 174 TYR A CD1 1 
ATOM   357  C CD2 . TYR A 1 62  ? -4.210  8.241   4.096   1.00 8.30  ? 174 TYR A CD2 1 
ATOM   358  C CE1 . TYR A 1 62  ? -4.144  9.217   1.509   1.00 8.16  ? 174 TYR A CE1 1 
ATOM   359  C CE2 . TYR A 1 62  ? -5.283  8.983   3.605   1.00 8.67  ? 174 TYR A CE2 1 
ATOM   360  C CZ  . TYR A 1 62  ? -5.244  9.467   2.312   1.00 8.62  ? 174 TYR A CZ  1 
ATOM   361  O OH  . TYR A 1 62  ? -6.297  10.207  1.818   1.00 9.26  ? 174 TYR A OH  1 
ATOM   362  N N   . VAL A 1 63  ? -3.135  4.750   5.093   1.00 8.23  ? 175 VAL A N   1 
ATOM   363  C CA  . VAL A 1 63  ? -4.232  3.971   5.643   1.00 8.60  ? 175 VAL A CA  1 
ATOM   364  C C   . VAL A 1 63  ? -5.064  4.802   6.607   1.00 8.55  ? 175 VAL A C   1 
ATOM   365  O O   . VAL A 1 63  ? -4.537  5.646   7.337   1.00 8.35  ? 175 VAL A O   1 
ATOM   366  C CB  . VAL A 1 63  ? -3.730  2.708   6.380   1.00 8.77  ? 175 VAL A CB  1 
ATOM   367  C CG1 . VAL A 1 63  ? -3.079  1.742   5.400   1.00 9.30  ? 175 VAL A CG1 1 
ATOM   368  C CG2 . VAL A 1 63  ? -2.764  3.080   7.498   1.00 9.59  ? 175 VAL A CG2 1 
ATOM   369  N N   . ILE A 1 64  ? -6.371  4.568   6.575   1.00 8.50  ? 176 ILE A N   1 
ATOM   370  C CA  . ILE A 1 64  ? -7.301  5.130   7.540   1.00 8.85  ? 176 ILE A CA  1 
ATOM   371  C C   . ILE A 1 64  ? -7.927  3.960   8.287   1.00 8.88  ? 176 ILE A C   1 
ATOM   372  O O   . ILE A 1 64  ? -8.677  3.179   7.705   1.00 8.72  ? 176 ILE A O   1 
ATOM   373  C CB  . ILE A 1 64  ? -8.413  5.949   6.853   1.00 8.75  ? 176 ILE A CB  1 
ATOM   374  C CG1 . ILE A 1 64  ? -7.812  7.082   6.015   1.00 8.89  ? 176 ILE A CG1 1 
ATOM   375  C CG2 . ILE A 1 64  ? -9.374  6.516   7.890   1.00 8.69  ? 176 ILE A CG2 1 
ATOM   376  C CD1 . ILE A 1 64  ? -8.803  7.721   5.058   1.00 8.91  ? 176 ILE A CD1 1 
ATOM   377  N N   . GLY A 1 65  ? -7.596  3.824   9.566   1.00 9.20  ? 177 GLY A N   1 
ATOM   378  C CA  . GLY A 1 65  ? -8.055  2.684   10.357  1.00 9.63  ? 177 GLY A CA  1 
ATOM   379  C C   . GLY A 1 65  ? -9.557  2.684   10.580  1.00 9.95  ? 177 GLY A C   1 
ATOM   380  O O   . GLY A 1 65  ? -10.176 3.745   10.687  1.00 10.11 ? 177 GLY A O   1 
ATOM   381  N N   . VAL A 1 66  ? -10.140 1.487   10.639  1.00 10.42 ? 178 VAL A N   1 
ATOM   382  C CA  . VAL A 1 66  ? -11.581 1.331   10.844  1.00 10.88 ? 178 VAL A CA  1 
ATOM   383  C C   . VAL A 1 66  ? -11.888 0.406   12.026  1.00 11.35 ? 178 VAL A C   1 
ATOM   384  O O   . VAL A 1 66  ? -12.610 0.790   12.945  1.00 11.46 ? 178 VAL A O   1 
ATOM   385  C CB  . VAL A 1 66  ? -12.272 0.788   9.575   1.00 10.93 ? 178 VAL A CB  1 
ATOM   386  C CG1 . VAL A 1 66  ? -13.735 0.467   9.856   1.00 11.17 ? 178 VAL A CG1 1 
ATOM   387  C CG2 . VAL A 1 66  ? -12.151 1.794   8.435   1.00 11.11 ? 178 VAL A CG2 1 
ATOM   388  N N   . SER A 1 67  ? -11.339 -0.808  11.997  1.00 11.67 ? 179 SER A N   1 
ATOM   389  C CA  . SER A 1 67  ? -11.585 -1.784  13.065  1.00 12.14 ? 179 SER A CA  1 
ATOM   390  C C   . SER A 1 67  ? -10.861 -1.375  14.344  1.00 12.43 ? 179 SER A C   1 
ATOM   391  O O   . SER A 1 67  ? -9.772  -0.801  14.295  1.00 12.23 ? 179 SER A O   1 
ATOM   392  C CB  . SER A 1 67  ? -11.138 -3.185  12.641  1.00 12.25 ? 179 SER A CB  1 
ATOM   393  O OG  . SER A 1 67  ? -9.739  -3.351  12.801  1.00 13.10 ? 179 SER A OG  1 
ATOM   394  N N   . ASN A 1 68  ? -11.466 -1.685  15.487  1.00 13.02 ? 180 ASN A N   1 
ATOM   395  C CA  . ASN A 1 68  ? -10.890 -1.325  16.779  1.00 13.18 ? 180 ASN A CA  1 
ATOM   396  C C   . ASN A 1 68  ? -9.521  -1.959  16.995  1.00 13.36 ? 180 ASN A C   1 
ATOM   397  O O   . ASN A 1 68  ? -8.600  -1.305  17.480  1.00 13.40 ? 180 ASN A O   1 
ATOM   398  C CB  . ASN A 1 68  ? -11.828 -1.728  17.920  1.00 13.50 ? 180 ASN A CB  1 
ATOM   399  C CG  . ASN A 1 68  ? -11.397 -1.151  19.256  1.00 13.97 ? 180 ASN A CG  1 
ATOM   400  O OD1 . ASN A 1 68  ? -11.201 0.058   19.388  1.00 16.17 ? 180 ASN A OD1 1 
ATOM   401  N ND2 . ASN A 1 68  ? -11.251 -2.016  20.256  1.00 16.04 ? 180 ASN A ND2 1 
ATOM   402  N N   . ASN A 1 69  ? -9.393  -3.234  16.629  1.00 13.49 ? 181 ASN A N   1 
ATOM   403  C CA  . ASN A 1 69  ? -8.133  -3.961  16.799  1.00 13.53 ? 181 ASN A CA  1 
ATOM   404  C C   . ASN A 1 69  ? -6.975  -3.322  16.032  1.00 13.25 ? 181 ASN A C   1 
ATOM   405  O O   . ASN A 1 69  ? -5.840  -3.321  16.504  1.00 13.36 ? 181 ASN A O   1 
ATOM   406  C CB  . ASN A 1 69  ? -8.295  -5.428  16.380  1.00 13.96 ? 181 ASN A CB  1 
ATOM   407  C CG  . ASN A 1 69  ? -9.169  -6.222  17.344  1.00 15.56 ? 181 ASN A CG  1 
ATOM   408  O OD1 . ASN A 1 69  ? -9.521  -5.745  18.427  1.00 18.68 ? 181 ASN A OD1 1 
ATOM   409  N ND2 . ASN A 1 69  ? -9.519  -7.441  16.954  1.00 18.19 ? 181 ASN A ND2 1 
ATOM   410  N N   . PHE A 1 70  ? -7.266  -2.784  14.850  1.00 12.81 ? 182 PHE A N   1 
ATOM   411  C CA  . PHE A 1 70  ? -6.258  -2.072  14.069  1.00 12.65 ? 182 PHE A CA  1 
ATOM   412  C C   . PHE A 1 70  ? -5.978  -0.699  14.680  1.00 12.45 ? 182 PHE A C   1 
ATOM   413  O O   . PHE A 1 70  ? -4.826  -0.296  14.815  1.00 12.12 ? 182 PHE A O   1 
ATOM   414  C CB  . PHE A 1 70  ? -6.703  -1.922  12.612  1.00 12.48 ? 182 PHE A CB  1 
ATOM   415  C CG  . PHE A 1 70  ? -5.720  -1.175  11.754  1.00 12.56 ? 182 PHE A CG  1 
ATOM   416  C CD1 . PHE A 1 70  ? -4.565  -1.796  11.298  1.00 12.47 ? 182 PHE A CD1 1 
ATOM   417  C CD2 . PHE A 1 70  ? -5.945  0.151   11.407  1.00 12.31 ? 182 PHE A CD2 1 
ATOM   418  C CE1 . PHE A 1 70  ? -3.651  -1.106  10.509  1.00 12.32 ? 182 PHE A CE1 1 
ATOM   419  C CE2 . PHE A 1 70  ? -5.037  0.845   10.616  1.00 12.37 ? 182 PHE A CE2 1 
ATOM   420  C CZ  . PHE A 1 70  ? -3.891  0.214   10.166  1.00 12.34 ? 182 PHE A CZ  1 
ATOM   421  N N   . ASN A 1 71  ? -7.038  0.014   15.050  1.00 12.34 ? 183 ASN A N   1 
ATOM   422  C CA  . ASN A 1 71  ? -6.896  1.340   15.657  1.00 12.41 ? 183 ASN A CA  1 
ATOM   423  C C   . ASN A 1 71  ? -6.121  1.313   16.976  1.00 12.59 ? 183 ASN A C   1 
ATOM   424  O O   . ASN A 1 71  ? -5.390  2.253   17.287  1.00 12.72 ? 183 ASN A O   1 
ATOM   425  C CB  . ASN A 1 71  ? -8.272  1.983   15.874  1.00 12.22 ? 183 ASN A CB  1 
ATOM   426  C CG  . ASN A 1 71  ? -8.897  2.481   14.579  1.00 12.07 ? 183 ASN A CG  1 
ATOM   427  O OD1 . ASN A 1 71  ? -8.193  2.829   13.633  1.00 11.25 ? 183 ASN A OD1 1 
ATOM   428  N ND2 . ASN A 1 71  ? -10.223 2.529   14.539  1.00 12.28 ? 183 ASN A ND2 1 
ATOM   429  N N   . MET A 1 72  ? -6.269  0.229   17.736  1.00 12.67 ? 184 MET A N   1 
ATOM   430  C CA  . MET A 1 72  ? -5.601  0.103   19.035  1.00 12.86 ? 184 MET A CA  1 
ATOM   431  C C   . MET A 1 72  ? -4.116  -0.275  18.924  1.00 12.67 ? 184 MET A C   1 
ATOM   432  O O   . MET A 1 72  ? -3.425  -0.359  19.940  1.00 12.66 ? 184 MET A O   1 
ATOM   433  C CB  . MET A 1 72  ? -6.331  -0.912  19.924  1.00 13.27 ? 184 MET A CB  1 
ATOM   434  C CG  . MET A 1 72  ? -7.676  -0.429  20.472  1.00 14.65 ? 184 MET A CG  1 
ATOM   435  S SD  . MET A 1 72  ? -7.599  1.180   21.290  1.00 18.19 ? 184 MET A SD  1 
ATOM   436  C CE  . MET A 1 72  ? -7.993  2.275   19.923  1.00 18.14 ? 184 MET A CE  1 
ATOM   437  N N   . LEU A 1 73  ? -3.622  -0.489  17.704  1.00 12.57 ? 185 LEU A N   1 
ATOM   438  C CA  . LEU A 1 73  ? -2.190  -0.735  17.500  1.00 12.51 ? 185 LEU A CA  1 
ATOM   439  C C   . LEU A 1 73  ? -1.351  0.472   17.934  1.00 12.24 ? 185 LEU A C   1 
ATOM   440  O O   . LEU A 1 73  ? -0.170  0.334   18.240  1.00 11.70 ? 185 LEU A O   1 
ATOM   441  C CB  . LEU A 1 73  ? -1.895  -1.078  16.036  1.00 12.75 ? 185 LEU A CB  1 
ATOM   442  C CG  . LEU A 1 73  ? -2.457  -2.404  15.514  1.00 13.44 ? 185 LEU A CG  1 
ATOM   443  C CD1 . LEU A 1 73  ? -2.029  -2.625  14.071  1.00 14.48 ? 185 LEU A CD1 1 
ATOM   444  C CD2 . LEU A 1 73  ? -2.020  -3.573  16.387  1.00 14.67 ? 185 LEU A CD2 1 
ATOM   445  N N   . THR A 1 74  ? -1.974  1.649   17.972  1.00 12.16 ? 186 THR A N   1 
ATOM   446  C CA  . THR A 1 74  ? -1.304  2.867   18.430  1.00 12.29 ? 186 THR A CA  1 
ATOM   447  C C   . THR A 1 74  ? -0.909  2.818   19.914  1.00 12.32 ? 186 THR A C   1 
ATOM   448  O O   . THR A 1 74  ? -0.163  3.669   20.376  1.00 12.24 ? 186 THR A O   1 
ATOM   449  C CB  . THR A 1 74  ? -2.183  4.119   18.191  1.00 12.29 ? 186 THR A CB  1 
ATOM   450  O OG1 . THR A 1 74  ? -3.464  3.936   18.808  1.00 12.48 ? 186 THR A OG1 1 
ATOM   451  C CG2 . THR A 1 74  ? -2.368  4.364   16.702  1.00 12.55 ? 186 THR A CG2 1 
ATOM   452  N N   . THR A 1 75  ? -1.408  1.824   20.651  1.00 12.37 ? 187 THR A N   1 
ATOM   453  C CA  . THR A 1 75  ? -1.035  1.649   22.061  1.00 12.50 ? 187 THR A CA  1 
ATOM   454  C C   . THR A 1 75  ? 0.139   0.674   22.251  1.00 12.68 ? 187 THR A C   1 
ATOM   455  O O   . THR A 1 75  ? 0.500   0.350   23.383  1.00 12.74 ? 187 THR A O   1 
ATOM   456  C CB  . THR A 1 75  ? -2.233  1.157   22.908  1.00 12.40 ? 187 THR A CB  1 
ATOM   457  O OG1 . THR A 1 75  ? -2.606  -0.168  22.505  1.00 12.12 ? 187 THR A OG1 1 
ATOM   458  C CG2 . THR A 1 75  ? -3.422  2.093   22.751  1.00 12.49 ? 187 THR A CG2 1 
ATOM   459  N N   . HIS A 1 76  ? 0.736   0.229   21.143  1.00 12.80 ? 188 HIS A N   1 
ATOM   460  C CA  . HIS A 1 76  ? 1.843   -0.731  21.178  1.00 12.95 ? 188 HIS A CA  1 
ATOM   461  C C   . HIS A 1 76  ? 3.177   -0.051  20.883  1.00 13.00 ? 188 HIS A C   1 
ATOM   462  O O   . HIS A 1 76  ? 3.238   0.887   20.091  1.00 13.04 ? 188 HIS A O   1 
ATOM   463  C CB  . HIS A 1 76  ? 1.612   -1.838  20.150  1.00 13.26 ? 188 HIS A CB  1 
ATOM   464  C CG  . HIS A 1 76  ? 0.493   -2.767  20.497  1.00 13.92 ? 188 HIS A CG  1 
ATOM   465  N ND1 . HIS A 1 76  ? -0.788  -2.330  20.749  1.00 14.93 ? 188 HIS A ND1 1 
ATOM   466  C CD2 . HIS A 1 76  ? 0.456   -4.118  20.597  1.00 15.30 ? 188 HIS A CD2 1 
ATOM   467  C CE1 . HIS A 1 76  ? -1.561  -3.367  21.015  1.00 14.91 ? 188 HIS A CE1 1 
ATOM   468  N NE2 . HIS A 1 76  ? -0.832  -4.464  20.927  1.00 16.07 ? 188 HIS A NE2 1 
ATOM   469  N N   . ARG A 1 77  ? 4.241   -0.549  21.513  1.00 13.04 ? 189 ARG A N   1 
ATOM   470  C CA  . ARG A 1 77  ? 5.604   -0.052  21.283  1.00 13.12 ? 189 ARG A CA  1 
ATOM   471  C C   . ARG A 1 77  ? 6.210   -0.593  19.989  1.00 12.69 ? 189 ARG A C   1 
ATOM   472  O O   . ARG A 1 77  ? 7.057   0.058   19.373  1.00 12.34 ? 189 ARG A O   1 
ATOM   473  C CB  . ARG A 1 77  ? 6.520   -0.441  22.450  1.00 13.29 ? 189 ARG A CB  1 
ATOM   474  C CG  . ARG A 1 77  ? 6.684   0.630   23.515  1.00 14.31 ? 189 ARG A CG  1 
ATOM   475  C CD  . ARG A 1 77  ? 7.687   0.205   24.599  1.00 14.51 ? 189 ARG A CD  1 
ATOM   476  N NE  . ARG A 1 77  ? 9.036   -0.031  24.068  1.00 15.75 ? 189 ARG A NE  1 
ATOM   477  C CZ  . ARG A 1 77  ? 10.134  -0.173  24.814  1.00 16.20 ? 189 ARG A CZ  1 
ATOM   478  N NH1 . ARG A 1 77  ? 10.071  -0.100  26.139  1.00 17.25 ? 189 ARG A NH1 1 
ATOM   479  N NH2 . ARG A 1 77  ? 11.307  -0.388  24.228  1.00 16.80 ? 189 ARG A NH2 1 
ATOM   480  N N   . ASN A 1 78  ? 5.814   -1.808  19.614  1.00 12.50 ? 190 ASN A N   1 
ATOM   481  C CA  . ASN A 1 78  ? 6.353   -2.467  18.432  1.00 12.44 ? 190 ASN A CA  1 
ATOM   482  C C   . ASN A 1 78  ? 5.230   -2.987  17.550  1.00 12.28 ? 190 ASN A C   1 
ATOM   483  O O   . ASN A 1 78  ? 4.434   -3.827  17.977  1.00 12.19 ? 190 ASN A O   1 
ATOM   484  C CB  . ASN A 1 78  ? 7.281   -3.613  18.844  1.00 12.47 ? 190 ASN A CB  1 
ATOM   485  C CG  . ASN A 1 78  ? 7.911   -4.311  17.651  1.00 12.76 ? 190 ASN A CG  1 
ATOM   486  O OD1 . ASN A 1 78  ? 7.328   -5.227  17.070  1.00 14.00 ? 190 ASN A OD1 1 
ATOM   487  N ND2 . ASN A 1 78  ? 9.119   -3.894  17.295  1.00 13.52 ? 190 ASN A ND2 1 
ATOM   488  N N   . ILE A 1 79  ? 5.168   -2.480  16.321  1.00 12.08 ? 191 ILE A N   1 
ATOM   489  C CA  . ILE A 1 79  ? 4.101   -2.835  15.395  1.00 12.05 ? 191 ILE A CA  1 
ATOM   490  C C   . ILE A 1 79  ? 4.637   -3.028  13.986  1.00 11.93 ? 191 ILE A C   1 
ATOM   491  O O   . ILE A 1 79  ? 5.570   -2.342  13.567  1.00 11.68 ? 191 ILE A O   1 
ATOM   492  C CB  . ILE A 1 79  ? 3.004   -1.740  15.359  1.00 11.98 ? 191 ILE A CB  1 
ATOM   493  C CG1 . ILE A 1 79  ? 2.218   -1.720  16.672  1.00 12.17 ? 191 ILE A CG1 1 
ATOM   494  C CG2 . ILE A 1 79  ? 2.048   -1.962  14.186  1.00 12.16 ? 191 ILE A CG2 1 
ATOM   495  C CD1 . ILE A 1 79  ? 1.436   -2.992  16.937  1.00 12.52 ? 191 ILE A CD1 1 
ATOM   496  N N   . ASN A 1 80  ? 4.054   -3.996  13.280  1.00 12.05 ? 192 ASN A N   1 
ATOM   497  C CA  A ASN A 1 80  ? 4.346   -4.198  11.873  0.50 12.10 ? 192 ASN A CA  1 
ATOM   498  C CA  B ASN A 1 80  ? 4.371   -4.260  11.875  0.50 12.10 ? 192 ASN A CA  1 
ATOM   499  C C   . ASN A 1 80  ? 3.115   -4.724  11.140  1.00 12.05 ? 192 ASN A C   1 
ATOM   500  O O   . ASN A 1 80  ? 2.486   -5.696  11.557  1.00 12.48 ? 192 ASN A O   1 
ATOM   501  C CB  A ASN A 1 80  ? 5.552   -5.136  11.683  0.50 12.37 ? 192 ASN A CB  1 
ATOM   502  C CB  B ASN A 1 80  ? 5.438   -5.356  11.757  0.50 12.36 ? 192 ASN A CB  1 
ATOM   503  C CG  A ASN A 1 80  ? 5.244   -6.578  12.045  0.50 12.98 ? 192 ASN A CG  1 
ATOM   504  C CG  B ASN A 1 80  ? 6.659   -5.086  12.616  0.50 12.92 ? 192 ASN A CG  1 
ATOM   505  O OD1 A ASN A 1 80  ? 4.788   -7.357  11.206  0.50 14.41 ? 192 ASN A OD1 1 
ATOM   506  O OD1 B ASN A 1 80  ? 7.610   -4.441  12.177  0.50 14.26 ? 192 ASN A OD1 1 
ATOM   507  N ND2 A ASN A 1 80  ? 5.523   -6.950  13.288  0.50 13.82 ? 192 ASN A ND2 1 
ATOM   508  N ND2 B ASN A 1 80  ? 6.646   -5.603  13.839  0.50 14.11 ? 192 ASN A ND2 1 
ATOM   509  N N   . PHE A 1 81  ? 2.742   -4.036  10.064  1.00 11.66 ? 193 PHE A N   1 
ATOM   510  C CA  . PHE A 1 81  ? 1.645   -4.501  9.217   1.00 11.47 ? 193 PHE A CA  1 
ATOM   511  C C   . PHE A 1 81  ? 1.937   -4.185  7.759   1.00 11.13 ? 193 PHE A C   1 
ATOM   512  O O   . PHE A 1 81  ? 2.552   -3.164  7.444   1.00 10.91 ? 193 PHE A O   1 
ATOM   513  C CB  . PHE A 1 81  ? 0.284   -3.939  9.663   1.00 11.47 ? 193 PHE A CB  1 
ATOM   514  C CG  . PHE A 1 81  ? 0.203   -2.439  9.676   1.00 11.27 ? 193 PHE A CG  1 
ATOM   515  C CD1 . PHE A 1 81  ? 0.451   -1.727  10.843  1.00 11.44 ? 193 PHE A CD1 1 
ATOM   516  C CD2 . PHE A 1 81  ? -0.181  -1.738  8.538   1.00 11.24 ? 193 PHE A CD2 1 
ATOM   517  C CE1 . PHE A 1 81  ? 0.354   -0.343  10.866  1.00 11.33 ? 193 PHE A CE1 1 
ATOM   518  C CE2 . PHE A 1 81  ? -0.282  -0.353  8.554   1.00 11.42 ? 193 PHE A CE2 1 
ATOM   519  C CZ  . PHE A 1 81  ? -0.013  0.346   9.719   1.00 11.61 ? 193 PHE A CZ  1 
ATOM   520  N N   . THR A 1 82  ? 1.513   -5.089  6.880   1.00 10.72 ? 194 THR A N   1 
ATOM   521  C CA  . THR A 1 82  ? 1.870   -5.030  5.473   1.00 10.55 ? 194 THR A CA  1 
ATOM   522  C C   . THR A 1 82  ? 0.643   -5.136  4.584   1.00 10.27 ? 194 THR A C   1 
ATOM   523  O O   . THR A 1 82  ? -0.180  -6.037  4.755   1.00 10.03 ? 194 THR A O   1 
ATOM   524  C CB  . THR A 1 82  ? 2.833   -6.177  5.107   1.00 10.47 ? 194 THR A CB  1 
ATOM   525  O OG1 . THR A 1 82  ? 4.016   -6.088  5.911   1.00 10.51 ? 194 THR A OG1 1 
ATOM   526  C CG2 . THR A 1 82  ? 3.214   -6.117  3.630   1.00 10.76 ? 194 THR A CG2 1 
ATOM   527  N N   . ALA A 1 83  ? 0.520   -4.207  3.641   1.00 10.03 ? 195 ALA A N   1 
ATOM   528  C CA  . ALA A 1 83  ? -0.459  -4.326  2.572   1.00 10.01 ? 195 ALA A CA  1 
ATOM   529  C C   . ALA A 1 83  ? 0.199   -5.067  1.418   1.00 9.86  ? 195 ALA A C   1 
ATOM   530  O O   . ALA A 1 83  ? 1.109   -4.539  0.774   1.00 9.65  ? 195 ALA A O   1 
ATOM   531  C CB  . ALA A 1 83  ? -0.934  -2.953  2.123   1.00 9.88  ? 195 ALA A CB  1 
ATOM   532  N N   . GLU A 1 84  ? -0.235  -6.303  1.184   1.00 9.93  ? 196 GLU A N   1 
ATOM   533  C CA  . GLU A 1 84  ? 0.291   -7.116  0.090   1.00 10.24 ? 196 GLU A CA  1 
ATOM   534  C C   . GLU A 1 84  ? -0.600  -6.982  -1.130  1.00 10.06 ? 196 GLU A C   1 
ATOM   535  O O   . GLU A 1 84  ? -1.765  -7.374  -1.097  1.00 10.07 ? 196 GLU A O   1 
ATOM   536  C CB  . GLU A 1 84  ? 0.370   -8.583  0.500   1.00 10.29 ? 196 GLU A CB  1 
ATOM   537  C CG  . GLU A 1 84  ? 1.354   -8.868  1.606   1.00 11.16 ? 196 GLU A CG  1 
ATOM   538  C CD  . GLU A 1 84  ? 1.523   -10.352 1.854   1.00 11.54 ? 196 GLU A CD  1 
ATOM   539  O OE1 . GLU A 1 84  ? 0.534   -11.009 2.238   1.00 14.68 ? 196 GLU A OE1 1 
ATOM   540  O OE2 . GLU A 1 84  ? 2.644   -10.864 1.666   1.00 13.92 ? 196 GLU A OE2 1 
ATOM   541  N N   . LEU A 1 85  ? -0.046  -6.434  -2.210  1.00 9.88  ? 197 LEU A N   1 
ATOM   542  C CA  . LEU A 1 85  ? -0.798  -6.208  -3.437  1.00 9.93  ? 197 LEU A CA  1 
ATOM   543  C C   . LEU A 1 85  ? -0.241  -7.081  -4.556  1.00 9.80  ? 197 LEU A C   1 
ATOM   544  O O   . LEU A 1 85  ? 0.911   -6.923  -4.959  1.00 9.68  ? 197 LEU A O   1 
ATOM   545  C CB  . LEU A 1 85  ? -0.728  -4.731  -3.836  1.00 9.88  ? 197 LEU A CB  1 
ATOM   546  C CG  . LEU A 1 85  ? -1.058  -3.723  -2.728  1.00 10.16 ? 197 LEU A CG  1 
ATOM   547  C CD1 . LEU A 1 85  ? -0.825  -2.302  -3.213  1.00 10.60 ? 197 LEU A CD1 1 
ATOM   548  C CD2 . LEU A 1 85  ? -2.492  -3.900  -2.247  1.00 10.41 ? 197 LEU A CD2 1 
ATOM   549  N N   . PHE A 1 86  ? -1.066  -8.007  -5.044  1.00 9.98  ? 198 PHE A N   1 
ATOM   550  C CA  . PHE A 1 86  ? -0.667  -8.927  -6.107  1.00 10.13 ? 198 PHE A CA  1 
ATOM   551  C C   . PHE A 1 86  ? -1.486  -8.662  -7.355  1.00 10.10 ? 198 PHE A C   1 
ATOM   552  O O   . PHE A 1 86  ? -2.697  -8.465  -7.277  1.00 10.07 ? 198 PHE A O   1 
ATOM   553  C CB  . PHE A 1 86  ? -0.862  -10.373 -5.652  1.00 10.28 ? 198 PHE A CB  1 
ATOM   554  C CG  . PHE A 1 86  ? -0.110  -10.716 -4.401  1.00 10.34 ? 198 PHE A CG  1 
ATOM   555  C CD1 . PHE A 1 86  ? -0.780  -10.940 -3.205  1.00 10.22 ? 198 PHE A CD1 1 
ATOM   556  C CD2 . PHE A 1 86  ? 1.275   -10.785 -4.410  1.00 10.62 ? 198 PHE A CD2 1 
ATOM   557  C CE1 . PHE A 1 86  ? -0.077  -11.246 -2.044  1.00 10.81 ? 198 PHE A CE1 1 
ATOM   558  C CE2 . PHE A 1 86  ? 1.980   -11.086 -3.256  1.00 10.78 ? 198 PHE A CE2 1 
ATOM   559  C CZ  . PHE A 1 86  ? 1.302   -11.318 -2.073  1.00 10.76 ? 198 PHE A CZ  1 
ATOM   560  N N   . PHE A 1 87  ? -0.819  -8.657  -8.508  1.00 10.23 ? 199 PHE A N   1 
ATOM   561  C CA  . PHE A 1 87  ? -1.477  -8.386  -9.782  1.00 10.53 ? 199 PHE A CA  1 
ATOM   562  C C   . PHE A 1 87  ? -1.155  -9.480  -10.790 1.00 10.81 ? 199 PHE A C   1 
ATOM   563  O O   . PHE A 1 87  ? -0.068  -10.060 -10.759 1.00 10.79 ? 199 PHE A O   1 
ATOM   564  C CB  . PHE A 1 87  ? -1.028  -7.034  -10.341 1.00 10.21 ? 199 PHE A CB  1 
ATOM   565  C CG  . PHE A 1 87  ? -1.202  -5.888  -9.383  1.00 9.94  ? 199 PHE A CG  1 
ATOM   566  C CD1 . PHE A 1 87  ? -0.213  -5.584  -8.456  1.00 9.86  ? 199 PHE A CD1 1 
ATOM   567  C CD2 . PHE A 1 87  ? -2.343  -5.098  -9.423  1.00 9.99  ? 199 PHE A CD2 1 
ATOM   568  C CE1 . PHE A 1 87  ? -0.367  -4.523  -7.574  1.00 9.92  ? 199 PHE A CE1 1 
ATOM   569  C CE2 . PHE A 1 87  ? -2.503  -4.032  -8.543  1.00 10.04 ? 199 PHE A CE2 1 
ATOM   570  C CZ  . PHE A 1 87  ? -1.513  -3.744  -7.620  1.00 9.94  ? 199 PHE A CZ  1 
ATOM   571  N N   . ASP A 1 88  ? -2.099  -9.751  -11.689 1.00 11.33 ? 200 ASP A N   1 
ATOM   572  C CA  . ASP A 1 88  ? -1.885  -10.745 -12.741 1.00 11.85 ? 200 ASP A CA  1 
ATOM   573  C C   . ASP A 1 88  ? -1.098  -10.132 -13.905 1.00 12.18 ? 200 ASP A C   1 
ATOM   574  O O   . ASP A 1 88  ? -0.688  -8.969  -13.841 1.00 11.99 ? 200 ASP A O   1 
ATOM   575  C CB  . ASP A 1 88  ? -3.224  -11.351 -13.214 1.00 12.19 ? 200 ASP A CB  1 
ATOM   576  C CG  . ASP A 1 88  ? -4.095  -10.364 -13.990 1.00 12.77 ? 200 ASP A CG  1 
ATOM   577  O OD1 . ASP A 1 88  ? -3.648  -9.234  -14.277 1.00 13.24 ? 200 ASP A OD1 1 
ATOM   578  O OD2 . ASP A 1 88  ? -5.244  -10.733 -14.321 1.00 15.70 ? 200 ASP A OD2 1 
ATOM   579  N N   . SER A 1 89  ? -0.892  -10.913 -14.965 1.00 12.61 ? 201 SER A N   1 
ATOM   580  C CA  . SER A 1 89  ? -0.061  -10.485 -16.097 1.00 12.97 ? 201 SER A CA  1 
ATOM   581  C C   . SER A 1 89  ? -0.610  -9.252  -16.832 1.00 13.20 ? 201 SER A C   1 
ATOM   582  O O   . SER A 1 89  ? 0.130   -8.579  -17.551 1.00 13.56 ? 201 SER A O   1 
ATOM   583  C CB  . SER A 1 89  ? 0.119   -11.640 -17.089 1.00 13.13 ? 201 SER A CB  1 
ATOM   584  O OG  . SER A 1 89  ? -1.119  -12.026 -17.657 1.00 14.02 ? 201 SER A OG  1 
ATOM   585  N N   . THR A 1 90  ? -1.900  -8.969  -16.655 1.00 13.30 ? 202 THR A N   1 
ATOM   586  C CA  . THR A 1 90  ? -2.532  -7.802  -17.270 1.00 13.46 ? 202 THR A CA  1 
ATOM   587  C C   . THR A 1 90  ? -2.534  -6.580  -16.333 1.00 13.35 ? 202 THR A C   1 
ATOM   588  O O   . THR A 1 90  ? -3.003  -5.505  -16.708 1.00 13.53 ? 202 THR A O   1 
ATOM   589  C CB  . THR A 1 90  ? -3.985  -8.117  -17.700 1.00 13.56 ? 202 THR A CB  1 
ATOM   590  O OG1 . THR A 1 90  ? -4.771  -8.451  -16.550 1.00 14.54 ? 202 THR A OG1 1 
ATOM   591  C CG2 . THR A 1 90  ? -4.011  -9.279  -18.685 1.00 14.15 ? 202 THR A CG2 1 
ATOM   592  N N   . GLY A 1 91  ? -2.002  -6.749  -15.124 1.00 13.12 ? 203 GLY A N   1 
ATOM   593  C CA  . GLY A 1 91  ? -1.918  -5.656  -14.153 1.00 13.09 ? 203 GLY A CA  1 
ATOM   594  C C   . GLY A 1 91  ? -3.180  -5.469  -13.327 1.00 12.95 ? 203 GLY A C   1 
ATOM   595  O O   . GLY A 1 91  ? -3.377  -4.415  -12.717 1.00 12.93 ? 203 GLY A O   1 
ATOM   596  N N   . ASN A 1 92  ? -4.033  -6.492  -13.299 1.00 12.76 ? 204 ASN A N   1 
ATOM   597  C CA  . ASN A 1 92  ? -5.275  -6.441  -12.527 1.00 12.83 ? 204 ASN A CA  1 
ATOM   598  C C   . ASN A 1 92  ? -5.090  -7.054  -11.145 1.00 12.67 ? 204 ASN A C   1 
ATOM   599  O O   . ASN A 1 92  ? -4.435  -8.086  -10.997 1.00 12.37 ? 204 ASN A O   1 
ATOM   600  C CB  . ASN A 1 92  ? -6.401  -7.153  -13.282 1.00 13.00 ? 204 ASN A CB  1 
ATOM   601  C CG  . ASN A 1 92  ? -6.935  -6.330  -14.437 1.00 13.66 ? 204 ASN A CG  1 
ATOM   602  O OD1 . ASN A 1 92  ? -7.706  -5.392  -14.241 1.00 15.42 ? 204 ASN A OD1 1 
ATOM   603  N ND2 . ASN A 1 92  ? -6.527  -6.679  -15.651 1.00 15.65 ? 204 ASN A ND2 1 
ATOM   604  N N   . LEU A 1 93  ? -5.675  -6.410  -10.137 1.00 12.55 ? 205 LEU A N   1 
ATOM   605  C CA  . LEU A 1 93  ? -5.504  -6.821  -8.746  1.00 12.72 ? 205 LEU A CA  1 
ATOM   606  C C   . LEU A 1 93  ? -6.111  -8.196  -8.485  1.00 12.76 ? 205 LEU A C   1 
ATOM   607  O O   . LEU A 1 93  ? -7.283  -8.435  -8.780  1.00 12.69 ? 205 LEU A O   1 
ATOM   608  C CB  . LEU A 1 93  ? -6.145  -5.791  -7.806  1.00 12.61 ? 205 LEU A CB  1 
ATOM   609  C CG  . LEU A 1 93  ? -5.991  -6.037  -6.299  1.00 12.51 ? 205 LEU A CG  1 
ATOM   610  C CD1 . LEU A 1 93  ? -4.545  -5.866  -5.865  1.00 12.51 ? 205 LEU A CD1 1 
ATOM   611  C CD2 . LEU A 1 93  ? -6.899  -5.104  -5.512  1.00 12.66 ? 205 LEU A CD2 1 
ATOM   612  N N   . LEU A 1 94  ? -5.299  -9.095  -7.933  1.00 12.91 ? 206 LEU A N   1 
ATOM   613  C CA  . LEU A 1 94  ? -5.771  -10.400 -7.494  1.00 13.22 ? 206 LEU A CA  1 
ATOM   614  C C   . LEU A 1 94  ? -6.313  -10.258 -6.076  1.00 13.44 ? 206 LEU A C   1 
ATOM   615  O O   . LEU A 1 94  ? -5.582  -10.416 -5.096  1.00 13.34 ? 206 LEU A O   1 
ATOM   616  C CB  . LEU A 1 94  ? -4.637  -11.426 -7.546  1.00 13.16 ? 206 LEU A CB  1 
ATOM   617  C CG  . LEU A 1 94  ? -4.101  -11.721 -8.951  1.00 13.32 ? 206 LEU A CG  1 
ATOM   618  C CD1 . LEU A 1 94  ? -2.737  -12.391 -8.886  1.00 13.06 ? 206 LEU A CD1 1 
ATOM   619  C CD2 . LEU A 1 94  ? -5.089  -12.578 -9.731  1.00 13.88 ? 206 LEU A CD2 1 
ATOM   620  N N   . THR A 1 95  ? -7.604  -9.949  -5.982  1.00 13.81 ? 207 THR A N   1 
ATOM   621  C CA  . THR A 1 95  ? -8.245  -9.626  -4.703  1.00 14.15 ? 207 THR A CA  1 
ATOM   622  C C   . THR A 1 95  ? -8.246  -10.794 -3.709  1.00 14.36 ? 207 THR A C   1 
ATOM   623  O O   . THR A 1 95  ? -8.182  -10.583 -2.497  1.00 14.54 ? 207 THR A O   1 
ATOM   624  C CB  . THR A 1 95  ? -9.698  -9.159  -4.918  1.00 14.31 ? 207 THR A CB  1 
ATOM   625  O OG1 . THR A 1 95  ? -10.409 -10.138 -5.688  1.00 15.13 ? 207 THR A OG1 1 
ATOM   626  C CG2 . THR A 1 95  ? -9.728  -7.824  -5.649  1.00 14.75 ? 207 THR A CG2 1 
ATOM   627  N N   . ARG A 1 96  ? -8.314  -12.017 -4.227  1.00 14.45 ? 208 ARG A N   1 
ATOM   628  C CA  . ARG A 1 96  ? -8.344  -13.218 -3.383  1.00 14.67 ? 208 ARG A CA  1 
ATOM   629  C C   . ARG A 1 96  ? -7.030  -13.464 -2.636  1.00 14.41 ? 208 ARG A C   1 
ATOM   630  O O   . ARG A 1 96  ? -7.019  -14.121 -1.594  1.00 14.99 ? 208 ARG A O   1 
ATOM   631  C CB  . ARG A 1 96  ? -8.688  -14.444 -4.231  1.00 14.90 ? 208 ARG A CB  1 
ATOM   632  C CG  . ARG A 1 96  ? -10.145 -14.510 -4.633  1.00 15.75 ? 208 ARG A CG  1 
ATOM   633  C CD  . ARG A 1 96  ? -10.353 -15.325 -5.900  1.00 16.55 ? 208 ARG A CD  1 
ATOM   634  N NE  . ARG A 1 96  ? -11.690 -15.914 -5.945  1.00 18.47 ? 208 ARG A NE  1 
ATOM   635  C CZ  . ARG A 1 96  ? -12.819 -15.232 -6.137  1.00 19.02 ? 208 ARG A CZ  1 
ATOM   636  N NH1 . ARG A 1 96  ? -13.980 -15.878 -6.154  1.00 19.42 ? 208 ARG A NH1 1 
ATOM   637  N NH2 . ARG A 1 96  ? -12.799 -13.910 -6.305  1.00 19.79 ? 208 ARG A NH2 1 
ATOM   638  N N   . LEU A 1 97  ? -5.929  -12.951 -3.180  1.00 13.89 ? 209 LEU A N   1 
ATOM   639  C CA  . LEU A 1 97  ? -4.607  -13.135 -2.580  1.00 13.40 ? 209 LEU A CA  1 
ATOM   640  C C   . LEU A 1 97  ? -4.102  -11.874 -1.878  1.00 12.92 ? 209 LEU A C   1 
ATOM   641  O O   . LEU A 1 97  ? -3.156  -11.937 -1.089  1.00 13.01 ? 209 LEU A O   1 
ATOM   642  C CB  . LEU A 1 97  ? -3.598  -13.538 -3.657  1.00 13.61 ? 209 LEU A CB  1 
ATOM   643  C CG  . LEU A 1 97  ? -3.896  -14.823 -4.431  1.00 14.05 ? 209 LEU A CG  1 
ATOM   644  C CD1 . LEU A 1 97  ? -2.962  -14.950 -5.624  1.00 14.57 ? 209 LEU A CD1 1 
ATOM   645  C CD2 . LEU A 1 97  ? -3.779  -16.035 -3.526  1.00 14.61 ? 209 LEU A CD2 1 
ATOM   646  N N   . SER A 1 98  ? -4.731  -10.735 -2.167  1.00 12.07 ? 210 SER A N   1 
ATOM   647  C CA  . SER A 1 98  ? -4.212  -9.436  -1.738  1.00 11.53 ? 210 SER A CA  1 
ATOM   648  C C   . SER A 1 98  ? -4.902  -8.900  -0.489  1.00 11.10 ? 210 SER A C   1 
ATOM   649  O O   . SER A 1 98  ? -6.027  -9.290  -0.165  1.00 10.86 ? 210 SER A O   1 
ATOM   650  C CB  . SER A 1 98  ? -4.357  -8.417  -2.870  1.00 11.50 ? 210 SER A CB  1 
ATOM   651  O OG  . SER A 1 98  ? -3.645  -8.829  -4.024  1.00 11.11 ? 210 SER A OG  1 
ATOM   652  N N   . SER A 1 99  ? -4.214  -7.993  0.202   1.00 10.67 ? 211 SER A N   1 
ATOM   653  C CA  . SER A 1 99  ? -4.781  -7.300  1.356   1.00 10.40 ? 211 SER A CA  1 
ATOM   654  C C   . SER A 1 99  ? -5.906  -6.376  0.904   1.00 10.21 ? 211 SER A C   1 
ATOM   655  O O   . SER A 1 99  ? -6.956  -6.294  1.546   1.00 10.19 ? 211 SER A O   1 
ATOM   656  C CB  . SER A 1 99  ? -3.703  -6.487  2.073   1.00 10.31 ? 211 SER A CB  1 
ATOM   657  O OG  . SER A 1 99  ? -2.600  -7.301  2.424   1.00 9.60  ? 211 SER A OG  1 
ATOM   658  N N   . LEU A 1 100 ? -5.668  -5.670  -0.201  1.00 9.97  ? 212 LEU A N   1 
ATOM   659  C CA  . LEU A 1 100 ? -6.675  -4.811  -0.817  1.00 9.91  ? 212 LEU A CA  1 
ATOM   660  C C   . LEU A 1 100 ? -7.692  -5.672  -1.564  1.00 9.94  ? 212 LEU A C   1 
ATOM   661  O O   . LEU A 1 100 ? -7.322  -6.471  -2.424  1.00 9.93  ? 212 LEU A O   1 
ATOM   662  C CB  . LEU A 1 100 ? -6.007  -3.826  -1.780  1.00 9.88  ? 212 LEU A CB  1 
ATOM   663  C CG  . LEU A 1 100 ? -6.911  -2.812  -2.489  1.00 9.72  ? 212 LEU A CG  1 
ATOM   664  C CD1 . LEU A 1 100 ? -7.584  -1.894  -1.483  1.00 9.22  ? 212 LEU A CD1 1 
ATOM   665  C CD2 . LEU A 1 100 ? -6.103  -2.005  -3.498  1.00 9.49  ? 212 LEU A CD2 1 
ATOM   666  N N   . LYS A 1 101 ? -8.972  -5.501  -1.237  1.00 9.90  ? 213 LYS A N   1 
ATOM   667  C CA  . LYS A 1 101 ? -10.035 -6.343  -1.795  1.00 9.94  ? 213 LYS A CA  1 
ATOM   668  C C   . LYS A 1 101 ? -10.830 -5.647  -2.902  1.00 9.85  ? 213 LYS A C   1 
ATOM   669  O O   . LYS A 1 101 ? -11.653 -6.280  -3.569  1.00 10.09 ? 213 LYS A O   1 
ATOM   670  C CB  . LYS A 1 101 ? -10.983 -6.793  -0.679  1.00 10.11 ? 213 LYS A CB  1 
ATOM   671  C CG  . LYS A 1 101 ? -10.298 -7.559  0.448   1.00 10.49 ? 213 LYS A CG  1 
ATOM   672  C CD  . LYS A 1 101 ? -9.595  -8.811  -0.070  1.00 11.11 ? 213 LYS A CD  1 
ATOM   673  C CE  . LYS A 1 101 ? -8.989  -9.625  1.054   1.00 11.46 ? 213 LYS A CE  1 
ATOM   674  N NZ  . LYS A 1 101 ? -8.231  -10.797 0.533   1.00 11.95 ? 213 LYS A NZ  1 
ATOM   675  N N   . THR A 1 102 ? -10.571 -4.356  -3.101  1.00 9.61  ? 214 THR A N   1 
ATOM   676  C CA  . THR A 1 102 ? -11.282 -3.556  -4.089  1.00 9.48  ? 214 THR A CA  1 
ATOM   677  C C   . THR A 1 102 ? -10.357 -3.211  -5.254  1.00 9.56  ? 214 THR A C   1 
ATOM   678  O O   . THR A 1 102 ? -9.399  -2.456  -5.081  1.00 9.58  ? 214 THR A O   1 
ATOM   679  C CB  . THR A 1 102 ? -11.773 -2.247  -3.464  1.00 9.25  ? 214 THR A CB  1 
ATOM   680  O OG1 . THR A 1 102 ? -10.665 -1.567  -2.860  1.00 9.15  ? 214 THR A OG1 1 
ATOM   681  C CG2 . THR A 1 102 ? -12.831 -2.526  -2.405  1.00 9.36  ? 214 THR A CG2 1 
ATOM   682  N N   . PRO A 1 103 ? -10.632 -3.767  -6.451  1.00 9.27  ? 215 PRO A N   1 
ATOM   683  C CA  . PRO A 1 103 ? -9.804  -3.444  -7.613  1.00 9.32  ? 215 PRO A CA  1 
ATOM   684  C C   . PRO A 1 103 ? -9.653  -1.940  -7.847  1.00 9.34  ? 215 PRO A C   1 
ATOM   685  O O   . PRO A 1 103 ? -10.588 -1.170  -7.603  1.00 9.43  ? 215 PRO A O   1 
ATOM   686  C CB  . PRO A 1 103 ? -10.568 -4.086  -8.775  1.00 9.37  ? 215 PRO A CB  1 
ATOM   687  C CG  . PRO A 1 103 ? -11.303 -5.200  -8.166  1.00 9.52  ? 215 PRO A CG  1 
ATOM   688  C CD  . PRO A 1 103 ? -11.687 -4.739  -6.789  1.00 9.29  ? 215 PRO A CD  1 
ATOM   689  N N   . LEU A 1 104 ? -8.475  -1.536  -8.312  1.00 9.28  ? 216 LEU A N   1 
ATOM   690  C CA  . LEU A 1 104 ? -8.203  -0.142  -8.626  1.00 9.38  ? 216 LEU A CA  1 
ATOM   691  C C   . LEU A 1 104 ? -8.881  0.232   -9.934  1.00 9.46  ? 216 LEU A C   1 
ATOM   692  O O   . LEU A 1 104 ? -9.215  -0.637  -10.743 1.00 9.64  ? 216 LEU A O   1 
ATOM   693  C CB  . LEU A 1 104 ? -6.699  0.093   -8.754  1.00 9.34  ? 216 LEU A CB  1 
ATOM   694  C CG  . LEU A 1 104 ? -5.830  -0.284  -7.555  1.00 9.27  ? 216 LEU A CG  1 
ATOM   695  C CD1 . LEU A 1 104 ? -4.358  -0.226  -7.931  1.00 9.14  ? 216 LEU A CD1 1 
ATOM   696  C CD2 . LEU A 1 104 ? -6.120  0.624   -6.374  1.00 9.01  ? 216 LEU A CD2 1 
ATOM   697  N N   . ASN A 1 105 ? -9.077  1.527   -10.144 1.00 9.55  ? 217 ASN A N   1 
ATOM   698  C CA  . ASN A 1 105 ? -9.602  2.017   -11.408 1.00 9.61  ? 217 ASN A CA  1 
ATOM   699  C C   . ASN A 1 105 ? -9.087  3.415   -11.692 1.00 9.61  ? 217 ASN A C   1 
ATOM   700  O O   . ASN A 1 105 ? -8.349  3.988   -10.890 1.00 9.46  ? 217 ASN A O   1 
ATOM   701  C CB  . ASN A 1 105 ? -11.133 1.995   -11.402 1.00 9.75  ? 217 ASN A CB  1 
ATOM   702  C CG  . ASN A 1 105 ? -11.711 1.572   -12.738 1.00 10.48 ? 217 ASN A CG  1 
ATOM   703  O OD1 . ASN A 1 105 ? -11.496 2.231   -13.758 1.00 11.93 ? 217 ASN A OD1 1 
ATOM   704  N ND2 . ASN A 1 105 ? -12.444 0.463   -12.742 1.00 11.40 ? 217 ASN A ND2 1 
ATOM   705  N N   . HIS A 1 106 ? -9.467  3.959   -12.841 1.00 9.72  ? 218 HIS A N   1 
ATOM   706  C CA  . HIS A 1 106 ? -9.033  5.289   -13.227 1.00 9.85  ? 218 HIS A CA  1 
ATOM   707  C C   . HIS A 1 106 ? -9.754  6.368   -12.429 1.00 9.91  ? 218 HIS A C   1 
ATOM   708  O O   . HIS A 1 106 ? -10.674 6.079   -11.658 1.00 9.91  ? 218 HIS A O   1 
ATOM   709  C CB  . HIS A 1 106 ? -9.234  5.496   -14.728 1.00 9.89  ? 218 HIS A CB  1 
ATOM   710  C CG  . HIS A 1 106 ? -8.348  4.634   -15.568 1.00 10.34 ? 218 HIS A CG  1 
ATOM   711  N ND1 . HIS A 1 106 ? -6.982  4.597   -15.403 1.00 11.21 ? 218 HIS A ND1 1 
ATOM   712  C CD2 . HIS A 1 106 ? -8.630  3.771   -16.572 1.00 11.06 ? 218 HIS A CD2 1 
ATOM   713  C CE1 . HIS A 1 106 ? -6.459  3.750   -16.269 1.00 11.10 ? 218 HIS A CE1 1 
ATOM   714  N NE2 . HIS A 1 106 ? -7.437  3.237   -16.993 1.00 11.45 ? 218 HIS A NE2 1 
ATOM   715  N N   . LYS A 1 107 ? -9.299  7.606   -12.591 1.00 9.96  ? 219 LYS A N   1 
ATOM   716  C CA  . LYS A 1 107 ? -9.890  8.747   -11.908 1.00 10.09 ? 219 LYS A CA  1 
ATOM   717  C C   . LYS A 1 107 ? -11.212 9.146   -12.553 1.00 10.28 ? 219 LYS A C   1 
ATOM   718  O O   . LYS A 1 107 ? -11.306 9.267   -13.771 1.00 10.51 ? 219 LYS A O   1 
ATOM   719  C CB  . LYS A 1 107 ? -8.922  9.937   -11.930 1.00 10.12 ? 219 LYS A CB  1 
ATOM   720  C CG  . LYS A 1 107 ? -9.481  11.226  -11.332 1.00 10.10 ? 219 LYS A CG  1 
ATOM   721  C CD  . LYS A 1 107 ? -8.446  12.337  -11.368 1.00 10.21 ? 219 LYS A CD  1 
ATOM   722  C CE  . LYS A 1 107 ? -9.069  13.699  -11.133 1.00 10.11 ? 219 LYS A CE  1 
ATOM   723  N NZ  . LYS A 1 107 ? -9.725  13.798  -9.806  1.00 9.80  ? 219 LYS A NZ  1 
ATOM   724  N N   . SER A 1 108 ? -12.235 9.320   -11.723 1.00 10.28 ? 220 SER A N   1 
ATOM   725  C CA  . SER A 1 108 ? -13.492 9.925   -12.148 1.00 10.36 ? 220 SER A CA  1 
ATOM   726  C C   . SER A 1 108 ? -13.942 10.844  -11.027 1.00 10.26 ? 220 SER A C   1 
ATOM   727  O O   . SER A 1 108 ? -14.573 10.407  -10.067 1.00 10.12 ? 220 SER A O   1 
ATOM   728  C CB  . SER A 1 108 ? -14.546 8.859   -12.437 1.00 10.49 ? 220 SER A CB  1 
ATOM   729  O OG  . SER A 1 108 ? -15.758 9.456   -12.872 1.00 11.44 ? 220 SER A OG  1 
ATOM   730  N N   . GLY A 1 109 ? -13.585 12.118  -11.136 1.00 10.17 ? 221 GLY A N   1 
ATOM   731  C CA  . GLY A 1 109 ? -13.754 13.041  -10.027 1.00 10.16 ? 221 GLY A CA  1 
ATOM   732  C C   . GLY A 1 109 ? -12.922 12.564  -8.844  1.00 10.15 ? 221 GLY A C   1 
ATOM   733  O O   . GLY A 1 109 ? -11.744 12.238  -8.999  1.00 9.98  ? 221 GLY A O   1 
ATOM   734  N N   . GLN A 1 110 ? -13.547 12.487  -7.671  1.00 10.16 ? 222 GLN A N   1 
ATOM   735  C CA  . GLN A 1 110 ? -12.874 12.002  -6.461  1.00 10.30 ? 222 GLN A CA  1 
ATOM   736  C C   . GLN A 1 110 ? -13.091 10.498  -6.267  1.00 10.54 ? 222 GLN A C   1 
ATOM   737  O O   . GLN A 1 110 ? -12.736 9.948   -5.224  1.00 10.35 ? 222 GLN A O   1 
ATOM   738  C CB  . GLN A 1 110 ? -13.397 12.750  -5.235  1.00 10.16 ? 222 GLN A CB  1 
ATOM   739  C CG  . GLN A 1 110 ? -13.275 14.262  -5.334  1.00 9.79  ? 222 GLN A CG  1 
ATOM   740  C CD  . GLN A 1 110 ? -11.838 14.739  -5.268  1.00 9.50  ? 222 GLN A CD  1 
ATOM   741  O OE1 . GLN A 1 110 ? -11.337 15.379  -6.197  1.00 10.40 ? 222 GLN A OE1 1 
ATOM   742  N NE2 . GLN A 1 110 ? -11.164 14.424  -4.172  1.00 7.86  ? 222 GLN A NE2 1 
ATOM   743  N N   . ASN A 1 111 ? -13.666 9.843   -7.276  1.00 10.91 ? 223 ASN A N   1 
ATOM   744  C CA  . ASN A 1 111 ? -14.035 8.437   -7.190  1.00 11.28 ? 223 ASN A CA  1 
ATOM   745  C C   . ASN A 1 111 ? -13.345 7.599   -8.256  1.00 11.43 ? 223 ASN A C   1 
ATOM   746  O O   . ASN A 1 111 ? -12.606 8.124   -9.090  1.00 11.06 ? 223 ASN A O   1 
ATOM   747  C CB  . ASN A 1 111 ? -15.555 8.292   -7.341  1.00 11.35 ? 223 ASN A CB  1 
ATOM   748  C CG  . ASN A 1 111 ? -16.320 8.897   -6.180  1.00 12.27 ? 223 ASN A CG  1 
ATOM   749  O OD1 . ASN A 1 111 ? -15.750 9.193   -5.129  1.00 14.46 ? 223 ASN A OD1 1 
ATOM   750  N ND2 . ASN A 1 111 ? -17.625 9.069   -6.361  1.00 13.43 ? 223 ASN A ND2 1 
ATOM   751  N N   . MET A 1 112 ? -13.582 6.291   -8.209  1.00 11.91 ? 224 MET A N   1 
ATOM   752  C CA  . MET A 1 112 ? -13.098 5.379   -9.241  1.00 12.47 ? 224 MET A CA  1 
ATOM   753  C C   . MET A 1 112 ? -14.012 5.418   -10.457 1.00 12.98 ? 224 MET A C   1 
ATOM   754  O O   . MET A 1 112 ? -15.236 5.505   -10.320 1.00 12.85 ? 224 MET A O   1 
ATOM   755  C CB  . MET A 1 112 ? -13.042 3.950   -8.707  1.00 12.39 ? 224 MET A CB  1 
ATOM   756  C CG  . MET A 1 112 ? -11.912 3.692   -7.740  1.00 12.45 ? 224 MET A CG  1 
ATOM   757  S SD  . MET A 1 112 ? -11.942 2.001   -7.136  1.00 12.64 ? 224 MET A SD  1 
ATOM   758  C CE  . MET A 1 112 ? -13.344 2.068   -6.023  1.00 13.28 ? 224 MET A CE  1 
ATOM   759  N N   . ALA A 1 113 ? -13.415 5.346   -11.644 1.00 13.70 ? 225 ALA A N   1 
ATOM   760  C CA  . ALA A 1 113 ? -14.177 5.213   -12.884 1.00 14.53 ? 225 ALA A CA  1 
ATOM   761  C C   . ALA A 1 113 ? -14.794 3.813   -12.960 1.00 15.23 ? 225 ALA A C   1 
ATOM   762  O O   . ALA A 1 113 ? -14.471 2.949   -12.145 1.00 15.07 ? 225 ALA A O   1 
ATOM   763  C CB  . ALA A 1 113 ? -13.279 5.465   -14.084 1.00 14.41 ? 225 ALA A CB  1 
ATOM   764  N N   . THR A 1 114 ? -15.676 3.596   -13.939 1.00 16.30 ? 226 THR A N   1 
ATOM   765  C CA  . THR A 1 114 ? -16.363 2.299   -14.106 1.00 17.24 ? 226 THR A CA  1 
ATOM   766  C C   . THR A 1 114 ? -15.803 1.500   -15.305 1.00 17.87 ? 226 THR A C   1 
ATOM   767  O O   . THR A 1 114 ? -15.509 2.081   -16.351 1.00 18.39 ? 226 THR A O   1 
ATOM   768  C CB  . THR A 1 114 ? -17.885 2.496   -14.279 1.00 17.40 ? 226 THR A CB  1 
ATOM   769  O OG1 . THR A 1 114 ? -18.155 3.091   -15.554 1.00 18.67 ? 226 THR A OG1 1 
ATOM   770  C CG2 . THR A 1 114 ? -18.440 3.391   -13.176 1.00 17.68 ? 226 THR A CG2 1 
ATOM   771  N N   . GLY A 1 115 ? -15.665 0.170   -15.136 1.00 18.72 ? 227 GLY A N   1 
ATOM   772  C CA  . GLY A 1 115 ? -14.962 -0.719  -16.124 1.00 18.99 ? 227 GLY A CA  1 
ATOM   773  C C   . GLY A 1 115 ? -13.620 -0.052  -16.479 1.00 19.84 ? 227 GLY A C   1 
ATOM   774  O O   . GLY A 1 115 ? -13.109 0.794   -15.682 1.00 20.36 ? 227 GLY A O   1 
ATOM   775  N N   . ALA A 1 116 ? -12.899 -0.517  -17.504 1.00 20.49 ? 228 ALA A N   1 
ATOM   776  C CA  . ALA A 1 116 ? -12.179 -1.785  -17.496 1.00 20.78 ? 228 ALA A CA  1 
ATOM   777  C C   . ALA A 1 116 ? -10.779 -1.175  -17.777 1.00 21.00 ? 228 ALA A C   1 
ATOM   778  O O   . ALA A 1 116 ? -10.639 -0.372  -18.724 1.00 21.30 ? 228 ALA A O   1 
ATOM   779  C CB  . ALA A 1 116 ? -12.614 -2.694  -18.612 1.00 20.89 ? 228 ALA A CB  1 
ATOM   780  N N   . ILE A 1 117 ? -9.773  -1.475  -16.950 1.00 21.08 ? 229 ILE A N   1 
ATOM   781  C CA  . ILE A 1 117 ? -8.498  -0.714  -17.021 1.00 21.05 ? 229 ILE A CA  1 
ATOM   782  C C   . ILE A 1 117 ? -7.552  -1.256  -18.114 1.00 21.03 ? 229 ILE A C   1 
ATOM   783  O O   . ILE A 1 117 ? -7.923  -1.301  -19.287 1.00 21.13 ? 229 ILE A O   1 
ATOM   784  C CB  . ILE A 1 117 ? -7.800  -0.627  -15.618 1.00 21.15 ? 229 ILE A CB  1 
ATOM   785  C CG1 . ILE A 1 117 ? -7.530  -2.023  -15.031 1.00 21.34 ? 229 ILE A CG1 1 
ATOM   786  C CG2 . ILE A 1 117 ? -8.661  0.178   -14.658 1.00 21.38 ? 229 ILE A CG2 1 
ATOM   787  C CD1 . ILE A 1 117 ? -7.069  -1.996  -13.586 1.00 21.28 ? 229 ILE A CD1 1 
ATOM   788  N N   . THR A 1 118 ? -6.327  -1.600  -17.737 1.00 20.88 ? 230 THR A N   1 
ATOM   789  C CA  . THR A 1 118 ? -5.410  -2.353  -18.603 1.00 20.72 ? 230 THR A CA  1 
ATOM   790  C C   . THR A 1 118 ? -4.752  -1.514  -19.726 1.00 20.02 ? 230 THR A C   1 
ATOM   791  O O   . THR A 1 118 ? -4.468  -2.005  -20.823 1.00 20.15 ? 230 THR A O   1 
ATOM   792  C CB  . THR A 1 118 ? -6.019  -3.686  -19.110 1.00 20.85 ? 230 THR A CB  1 
ATOM   793  O OG1 . THR A 1 118 ? -7.385  -3.786  -18.698 1.00 21.59 ? 230 THR A OG1 1 
ATOM   794  C CG2 . THR A 1 118 ? -5.257  -4.859  -18.525 1.00 21.11 ? 230 THR A CG2 1 
ATOM   795  N N   . ASN A 1 119 ? -4.561  -0.235  -19.423 1.00 19.03 ? 231 ASN A N   1 
ATOM   796  C CA  . ASN A 1 119 ? -3.251  0.363   -19.590 1.00 17.93 ? 231 ASN A CA  1 
ATOM   797  C C   . ASN A 1 119 ? -2.588  0.119   -18.220 1.00 17.42 ? 231 ASN A C   1 
ATOM   798  O O   . ASN A 1 119 ? -1.588  0.736   -17.871 1.00 17.48 ? 231 ASN A O   1 
ATOM   799  C CB  . ASN A 1 119 ? -3.320  1.858   -19.924 1.00 18.19 ? 231 ASN A CB  1 
ATOM   800  C CG  . ASN A 1 119 ? -4.029  2.667   -18.857 1.00 18.20 ? 231 ASN A CG  1 
ATOM   801  O OD1 . ASN A 1 119 ? -4.906  2.158   -18.162 1.00 18.84 ? 231 ASN A OD1 1 
ATOM   802  N ND2 . ASN A 1 119 ? -3.661  3.940   -18.733 1.00 18.16 ? 231 ASN A ND2 1 
ATOM   803  N N   . ALA A 1 120 ? -3.191  -0.809  -17.465 1.00 16.47 ? 232 ALA A N   1 
ATOM   804  C CA  . ALA A 1 120 ? -2.841  -1.118  -16.084 1.00 15.60 ? 232 ALA A CA  1 
ATOM   805  C C   . ALA A 1 120 ? -1.492  -1.792  -15.969 1.00 14.73 ? 232 ALA A C   1 
ATOM   806  O O   . ALA A 1 120 ? -0.795  -1.605  -14.981 1.00 14.41 ? 232 ALA A O   1 
ATOM   807  C CB  . ALA A 1 120 ? -3.915  -2.003  -15.451 1.00 15.72 ? 232 ALA A CB  1 
ATOM   808  N N   . LYS A 1 121 ? -1.132  -2.600  -16.965 1.00 13.85 ? 233 LYS A N   1 
ATOM   809  C CA  . LYS A 1 121 ? 0.191   -3.212  -16.988 1.00 13.31 ? 233 LYS A CA  1 
ATOM   810  C C   . LYS A 1 121 ? 1.254   -2.115  -16.911 1.00 12.41 ? 233 LYS A C   1 
ATOM   811  O O   . LYS A 1 121 ? 2.294   -2.296  -16.286 1.00 12.06 ? 233 LYS A O   1 
ATOM   812  C CB  . LYS A 1 121 ? 0.385   -4.064  -18.248 1.00 13.44 ? 233 LYS A CB  1 
ATOM   813  C CG  . LYS A 1 121 ? 1.598   -4.991  -18.193 1.00 13.82 ? 233 LYS A CG  1 
ATOM   814  C CD  . LYS A 1 121 ? 1.703   -5.844  -19.449 1.00 14.13 ? 233 LYS A CD  1 
ATOM   815  C CE  . LYS A 1 121 ? 2.891   -6.789  -19.391 1.00 14.87 ? 233 LYS A CE  1 
ATOM   816  N NZ  . LYS A 1 121 ? 2.623   -7.992  -18.556 1.00 15.57 ? 233 LYS A NZ  1 
ATOM   817  N N   . GLY A 1 122 ? 0.956   -0.964  -17.516 1.00 11.56 ? 234 GLY A N   1 
ATOM   818  C CA  . GLY A 1 122 ? 1.851   0.190   -17.492 1.00 11.09 ? 234 GLY A CA  1 
ATOM   819  C C   . GLY A 1 122 ? 2.013   0.860   -16.134 1.00 10.56 ? 234 GLY A C   1 
ATOM   820  O O   . GLY A 1 122 ? 2.867   1.726   -15.971 1.00 10.15 ? 234 GLY A O   1 
ATOM   821  N N   . PHE A 1 123 ? 1.178   0.483   -15.164 1.00 9.97  ? 235 PHE A N   1 
ATOM   822  C CA  . PHE A 1 123 ? 1.298   0.997   -13.792 1.00 9.69  ? 235 PHE A CA  1 
ATOM   823  C C   . PHE A 1 123 ? 2.097   0.052   -12.890 1.00 9.35  ? 235 PHE A C   1 
ATOM   824  O O   . PHE A 1 123 ? 2.357   0.368   -11.730 1.00 9.43  ? 235 PHE A O   1 
ATOM   825  C CB  . PHE A 1 123 ? -0.087  1.209   -13.172 1.00 9.68  ? 235 PHE A CB  1 
ATOM   826  C CG  . PHE A 1 123 ? -0.859  2.344   -13.773 1.00 9.62  ? 235 PHE A CG  1 
ATOM   827  C CD1 . PHE A 1 123 ? -1.640  2.149   -14.898 1.00 9.93  ? 235 PHE A CD1 1 
ATOM   828  C CD2 . PHE A 1 123 ? -0.833  3.604   -13.189 1.00 9.50  ? 235 PHE A CD2 1 
ATOM   829  C CE1 . PHE A 1 123 ? -2.371  3.192   -15.448 1.00 9.66  ? 235 PHE A CE1 1 
ATOM   830  C CE2 . PHE A 1 123 ? -1.559  4.652   -13.731 1.00 9.80  ? 235 PHE A CE2 1 
ATOM   831  C CZ  . PHE A 1 123 ? -2.328  4.446   -14.863 1.00 9.76  ? 235 PHE A CZ  1 
ATOM   832  N N   . MET A 1 124 ? 2.467   -1.112  -13.415 1.00 8.90  ? 236 MET A N   1 
ATOM   833  C CA  . MET A 1 124 ? 3.095   -2.152  -12.600 1.00 8.88  ? 236 MET A CA  1 
ATOM   834  C C   . MET A 1 124 ? 4.583   -1.897  -12.399 1.00 8.66  ? 236 MET A C   1 
ATOM   835  O O   . MET A 1 124 ? 5.219   -1.230  -13.221 1.00 8.59  ? 236 MET A O   1 
ATOM   836  C CB  . MET A 1 124 ? 2.911   -3.519  -13.255 1.00 8.81  ? 236 MET A CB  1 
ATOM   837  C CG  . MET A 1 124 ? 1.469   -3.989  -13.349 1.00 8.99  ? 236 MET A CG  1 
ATOM   838  S SD  . MET A 1 124 ? 0.712   -4.261  -11.736 1.00 9.20  ? 236 MET A SD  1 
ATOM   839  C CE  . MET A 1 124 ? -0.166  -2.715  -11.511 1.00 9.68  ? 236 MET A CE  1 
ATOM   840  N N   . PRO A 1 125 ? 5.151   -2.433  -11.301 1.00 8.64  ? 237 PRO A N   1 
ATOM   841  C CA  . PRO A 1 125 ? 6.597   -2.348  -11.103 1.00 8.70  ? 237 PRO A CA  1 
ATOM   842  C C   . PRO A 1 125 ? 7.350   -3.193  -12.124 1.00 8.73  ? 237 PRO A C   1 
ATOM   843  O O   . PRO A 1 125 ? 7.043   -4.373  -12.300 1.00 8.82  ? 237 PRO A O   1 
ATOM   844  C CB  . PRO A 1 125 ? 6.797   -2.901  -9.686  1.00 8.71  ? 237 PRO A CB  1 
ATOM   845  C CG  . PRO A 1 125 ? 5.610   -3.757  -9.437  1.00 8.72  ? 237 PRO A CG  1 
ATOM   846  C CD  . PRO A 1 125 ? 4.480   -3.121  -10.182 1.00 8.68  ? 237 PRO A CD  1 
ATOM   847  N N   . SER A 1 126 ? 8.327   -2.584  -12.787 1.00 8.73  ? 238 SER A N   1 
ATOM   848  C CA  . SER A 1 126 ? 9.096   -3.254  -13.835 1.00 8.77  ? 238 SER A CA  1 
ATOM   849  C C   . SER A 1 126 ? 9.748   -4.542  -13.343 1.00 8.90  ? 238 SER A C   1 
ATOM   850  O O   . SER A 1 126 ? 10.419  -4.551  -12.314 1.00 8.97  ? 238 SER A O   1 
ATOM   851  C CB  . SER A 1 126 ? 10.178  -2.316  -14.377 1.00 8.87  ? 238 SER A CB  1 
ATOM   852  O OG  . SER A 1 126 ? 11.117  -3.028  -15.162 1.00 8.52  ? 238 SER A OG  1 
ATOM   853  N N   . THR A 1 127 ? 9.561   -5.625  -14.097 1.00 9.10  ? 239 THR A N   1 
ATOM   854  C CA  . THR A 1 127 ? 10.213  -6.896  -13.791 1.00 9.35  ? 239 THR A CA  1 
ATOM   855  C C   . THR A 1 127 ? 11.676  -6.893  -14.243 1.00 9.41  ? 239 THR A C   1 
ATOM   856  O O   . THR A 1 127 ? 12.436  -7.795  -13.898 1.00 9.81  ? 239 THR A O   1 
ATOM   857  C CB  . THR A 1 127 ? 9.480   -8.081  -14.449 1.00 9.48  ? 239 THR A CB  1 
ATOM   858  O OG1 . THR A 1 127 ? 9.314   -7.831  -15.851 1.00 10.60 ? 239 THR A OG1 1 
ATOM   859  C CG2 . THR A 1 127 ? 8.117   -8.286  -13.805 1.00 9.51  ? 239 THR A CG2 1 
ATOM   860  N N   . THR A 1 128 ? 12.057  -5.880  -15.021 1.00 9.35  ? 240 THR A N   1 
ATOM   861  C CA  . THR A 1 128 ? 13.451  -5.690  -15.421 1.00 9.33  ? 240 THR A CA  1 
ATOM   862  C C   . THR A 1 128 ? 14.226  -4.949  -14.328 1.00 9.20  ? 240 THR A C   1 
ATOM   863  O O   . THR A 1 128 ? 15.363  -5.294  -14.032 1.00 9.36  ? 240 THR A O   1 
ATOM   864  C CB  . THR A 1 128 ? 13.551  -4.913  -16.745 1.00 9.42  ? 240 THR A CB  1 
ATOM   865  O OG1 . THR A 1 128 ? 12.786  -5.588  -17.752 1.00 9.89  ? 240 THR A OG1 1 
ATOM   866  C CG2 . THR A 1 128 ? 15.004  -4.801  -17.202 1.00 9.56  ? 240 THR A CG2 1 
ATOM   867  N N   . ALA A 1 129 ? 13.598  -3.936  -13.734 1.00 8.96  ? 241 ALA A N   1 
ATOM   868  C CA  . ALA A 1 129 ? 14.211  -3.174  -12.638 1.00 8.96  ? 241 ALA A CA  1 
ATOM   869  C C   . ALA A 1 129 ? 14.071  -3.891  -11.292 1.00 8.92  ? 241 ALA A C   1 
ATOM   870  O O   . ALA A 1 129 ? 14.939  -3.768  -10.424 1.00 8.59  ? 241 ALA A O   1 
ATOM   871  C CB  . ALA A 1 129 ? 13.592  -1.786  -12.554 1.00 8.84  ? 241 ALA A CB  1 
ATOM   872  N N   . TYR A 1 130 ? 12.967  -4.621  -11.120 1.00 9.06  ? 242 TYR A N   1 
ATOM   873  C CA  . TYR A 1 130 ? 12.665  -5.305  -9.861  1.00 9.33  ? 242 TYR A CA  1 
ATOM   874  C C   . TYR A 1 130 ? 12.372  -6.780  -10.139 1.00 9.57  ? 242 TYR A C   1 
ATOM   875  O O   . TYR A 1 130 ? 11.225  -7.161  -10.352 1.00 9.25  ? 242 TYR A O   1 
ATOM   876  C CB  . TYR A 1 130 ? 11.477  -4.623  -9.173  1.00 8.96  ? 242 TYR A CB  1 
ATOM   877  C CG  . TYR A 1 130 ? 11.598  -3.120  -9.193  1.00 8.72  ? 242 TYR A CG  1 
ATOM   878  C CD1 . TYR A 1 130 ? 10.805  -2.348  -10.035 1.00 8.46  ? 242 TYR A CD1 1 
ATOM   879  C CD2 . TYR A 1 130 ? 12.560  -2.475  -8.427  1.00 8.68  ? 242 TYR A CD2 1 
ATOM   880  C CE1 . TYR A 1 130 ? 10.943  -0.973  -10.083 1.00 8.17  ? 242 TYR A CE1 1 
ATOM   881  C CE2 . TYR A 1 130 ? 12.705  -1.101  -8.469  1.00 8.54  ? 242 TYR A CE2 1 
ATOM   882  C CZ  . TYR A 1 130 ? 11.893  -0.354  -9.298  1.00 8.72  ? 242 TYR A CZ  1 
ATOM   883  O OH  . TYR A 1 130 ? 12.035  1.012   -9.348  1.00 8.39  ? 242 TYR A OH  1 
ATOM   884  N N   . PRO A 1 131 ? 13.424  -7.616  -10.154 1.00 10.19 ? 243 PRO A N   1 
ATOM   885  C CA  . PRO A 1 131 ? 13.274  -9.011  -10.567 1.00 10.72 ? 243 PRO A CA  1 
ATOM   886  C C   . PRO A 1 131 ? 12.596  -9.896  -9.525  1.00 11.16 ? 243 PRO A C   1 
ATOM   887  O O   . PRO A 1 131 ? 12.356  -9.464  -8.393  1.00 10.87 ? 243 PRO A O   1 
ATOM   888  C CB  . PRO A 1 131 ? 14.722  -9.463  -10.785 1.00 10.68 ? 243 PRO A CB  1 
ATOM   889  C CG  . PRO A 1 131 ? 15.521  -8.620  -9.868  1.00 10.50 ? 243 PRO A CG  1 
ATOM   890  C CD  . PRO A 1 131 ? 14.818  -7.295  -9.788  1.00 10.27 ? 243 PRO A CD  1 
ATOM   891  N N   . PHE A 1 132 ? 12.285  -11.127 -9.926  1.00 11.88 ? 244 PHE A N   1 
ATOM   892  C CA  . PHE A 1 132 ? 11.761  -12.140 -9.021  1.00 12.54 ? 244 PHE A CA  1 
ATOM   893  C C   . PHE A 1 132 ? 12.837  -13.170 -8.677  1.00 13.14 ? 244 PHE A C   1 
ATOM   894  O O   . PHE A 1 132 ? 13.577  -13.614 -9.550  1.00 13.38 ? 244 PHE A O   1 
ATOM   895  C CB  . PHE A 1 132 ? 10.571  -12.868 -9.659  1.00 12.10 ? 244 PHE A CB  1 
ATOM   896  C CG  . PHE A 1 132 ? 9.270   -12.131 -9.539  1.00 11.83 ? 244 PHE A CG  1 
ATOM   897  C CD1 . PHE A 1 132 ? 8.799   -11.349 -10.583 1.00 11.54 ? 244 PHE A CD1 1 
ATOM   898  C CD2 . PHE A 1 132 ? 8.505   -12.232 -8.385  1.00 11.45 ? 244 PHE A CD2 1 
ATOM   899  C CE1 . PHE A 1 132 ? 7.593   -10.674 -10.477 1.00 11.65 ? 244 PHE A CE1 1 
ATOM   900  C CE2 . PHE A 1 132 ? 7.296   -11.557 -8.272  1.00 11.15 ? 244 PHE A CE2 1 
ATOM   901  C CZ  . PHE A 1 132 ? 6.841   -10.778 -9.318  1.00 11.23 ? 244 PHE A CZ  1 
ATOM   902  N N   . ASN A 1 133 ? 12.939  -13.493 -7.387  1.00 13.83 ? 245 ASN A N   1 
ATOM   903  C CA  A ASN A 1 133 ? 13.781  -14.603 -6.916  0.50 14.11 ? 245 ASN A CA  1 
ATOM   904  C CA  B ASN A 1 133 ? 13.781  -14.592 -6.897  0.50 14.09 ? 245 ASN A CA  1 
ATOM   905  C C   . ASN A 1 133 ? 15.278  -14.455 -7.217  1.00 14.41 ? 245 ASN A C   1 
ATOM   906  O O   . ASN A 1 133 ? 16.020  -15.441 -7.185  1.00 14.65 ? 245 ASN A O   1 
ATOM   907  C CB  A ASN A 1 133 ? 13.273  -15.929 -7.500  0.50 14.28 ? 245 ASN A CB  1 
ATOM   908  C CB  B ASN A 1 133 ? 13.255  -15.933 -7.424  0.50 14.22 ? 245 ASN A CB  1 
ATOM   909  C CG  A ASN A 1 133 ? 11.792  -16.144 -7.262  0.50 14.56 ? 245 ASN A CG  1 
ATOM   910  C CG  B ASN A 1 133 ? 13.523  -17.080 -6.466  0.50 14.42 ? 245 ASN A CG  1 
ATOM   911  O OD1 A ASN A 1 133 ? 11.279  -15.846 -6.185  0.50 15.62 ? 245 ASN A OD1 1 
ATOM   912  O OD1 B ASN A 1 133 ? 14.410  -17.900 -6.695  0.50 14.77 ? 245 ASN A OD1 1 
ATOM   913  N ND2 A ASN A 1 133 ? 11.098  -16.664 -8.267  0.50 15.44 ? 245 ASN A ND2 1 
ATOM   914  N ND2 B ASN A 1 133 ? 12.773  -17.124 -5.372  0.50 14.91 ? 245 ASN A ND2 1 
ATOM   915  N N   . ASP A 1 134 ? 15.730  -13.235 -7.498  1.00 14.83 ? 246 ASP A N   1 
ATOM   916  C CA  . ASP A 1 134 ? 17.146  -13.003 -7.806  1.00 14.99 ? 246 ASP A CA  1 
ATOM   917  C C   . ASP A 1 134 ? 17.888  -12.511 -6.559  1.00 15.41 ? 246 ASP A C   1 
ATOM   918  O O   . ASP A 1 134 ? 17.891  -11.318 -6.257  1.00 15.53 ? 246 ASP A O   1 
ATOM   919  C CB  . ASP A 1 134 ? 17.290  -12.002 -8.960  1.00 15.15 ? 246 ASP A CB  1 
ATOM   920  C CG  . ASP A 1 134 ? 18.697  -11.975 -9.543  1.00 15.23 ? 246 ASP A CG  1 
ATOM   921  O OD1 . ASP A 1 134 ? 19.659  -12.299 -8.815  1.00 16.34 ? 246 ASP A OD1 1 
ATOM   922  O OD2 . ASP A 1 134 ? 18.839  -11.620 -10.731 1.00 16.31 ? 246 ASP A OD2 1 
ATOM   923  N N   . ASN A 1 135 ? 18.517  -13.442 -5.843  1.00 15.67 ? 247 ASN A N   1 
ATOM   924  C CA  . ASN A 1 135 ? 19.232  -13.117 -4.602  1.00 15.76 ? 247 ASN A CA  1 
ATOM   925  C C   . ASN A 1 135 ? 20.384  -12.137 -4.822  1.00 15.70 ? 247 ASN A C   1 
ATOM   926  O O   . ASN A 1 135 ? 20.654  -11.288 -3.970  1.00 15.88 ? 247 ASN A O   1 
ATOM   927  C CB  . ASN A 1 135 ? 19.764  -14.391 -3.933  1.00 16.13 ? 247 ASN A CB  1 
ATOM   928  C CG  . ASN A 1 135 ? 18.656  -15.275 -3.389  1.00 17.37 ? 247 ASN A CG  1 
ATOM   929  O OD1 . ASN A 1 135 ? 17.514  -15.220 -3.849  1.00 19.45 ? 247 ASN A OD1 1 
ATOM   930  N ND2 . ASN A 1 135 ? 18.993  -16.107 -2.408  1.00 19.16 ? 247 ASN A ND2 1 
ATOM   931  N N   . SER A 1 136 ? 21.054  -12.254 -5.967  1.00 15.44 ? 248 SER A N   1 
ATOM   932  C CA  . SER A 1 136 ? 22.186  -11.381 -6.290  1.00 15.21 ? 248 SER A CA  1 
ATOM   933  C C   . SER A 1 136 ? 21.752  -9.936  -6.574  1.00 14.97 ? 248 SER A C   1 
ATOM   934  O O   . SER A 1 136 ? 22.575  -9.021  -6.533  1.00 15.37 ? 248 SER A O   1 
ATOM   935  C CB  . SER A 1 136 ? 22.968  -11.935 -7.487  1.00 15.33 ? 248 SER A CB  1 
ATOM   936  O OG  . SER A 1 136 ? 22.208  -11.869 -8.680  1.00 15.93 ? 248 SER A OG  1 
ATOM   937  N N   . ARG A 1 137 ? 20.465  -9.741  -6.870  1.00 14.38 ? 249 ARG A N   1 
ATOM   938  C CA  . ARG A 1 137 ? 19.919  -8.409  -7.147  1.00 13.87 ? 249 ARG A CA  1 
ATOM   939  C C   . ARG A 1 137 ? 18.858  -7.980  -6.125  1.00 13.56 ? 249 ARG A C   1 
ATOM   940  O O   . ARG A 1 137 ? 18.181  -6.973  -6.324  1.00 13.25 ? 249 ARG A O   1 
ATOM   941  C CB  . ARG A 1 137 ? 19.295  -8.378  -8.544  1.00 13.82 ? 249 ARG A CB  1 
ATOM   942  C CG  . ARG A 1 137 ? 20.282  -8.494  -9.691  1.00 13.62 ? 249 ARG A CG  1 
ATOM   943  C CD  . ARG A 1 137 ? 19.569  -8.348  -11.029 1.00 13.35 ? 249 ARG A CD  1 
ATOM   944  N NE  . ARG A 1 137 ? 18.931  -7.037  -11.154 1.00 13.25 ? 249 ARG A NE  1 
ATOM   945  C CZ  . ARG A 1 137 ? 17.995  -6.724  -12.048 1.00 13.18 ? 249 ARG A CZ  1 
ATOM   946  N NH1 . ARG A 1 137 ? 17.554  -7.624  -12.923 1.00 13.70 ? 249 ARG A NH1 1 
ATOM   947  N NH2 . ARG A 1 137 ? 17.489  -5.497  -12.059 1.00 12.85 ? 249 ARG A NH2 1 
ATOM   948  N N   . GLU A 1 138 ? 18.733  -8.723  -5.024  1.00 13.27 ? 250 GLU A N   1 
ATOM   949  C CA  . GLU A 1 138 ? 17.611  -8.527  -4.092  1.00 13.25 ? 250 GLU A CA  1 
ATOM   950  C C   . GLU A 1 138 ? 17.533  -7.119  -3.495  1.00 12.76 ? 250 GLU A C   1 
ATOM   951  O O   . GLU A 1 138 ? 16.441  -6.628  -3.210  1.00 12.68 ? 250 GLU A O   1 
ATOM   952  C CB  . GLU A 1 138 ? 17.645  -9.567  -2.963  1.00 13.39 ? 250 GLU A CB  1 
ATOM   953  C CG  . GLU A 1 138 ? 18.762  -9.373  -1.932  1.00 14.23 ? 250 GLU A CG  1 
ATOM   954  C CD  . GLU A 1 138 ? 18.481  -10.085 -0.619  1.00 14.55 ? 250 GLU A CD  1 
ATOM   955  O OE1 . GLU A 1 138 ? 17.461  -10.800 -0.527  1.00 16.08 ? 250 GLU A OE1 1 
ATOM   956  O OE2 . GLU A 1 138 ? 19.276  -9.915  0.328   1.00 17.50 ? 250 GLU A OE2 1 
ATOM   957  N N   . LYS A 1 139 ? 18.683  -6.474  -3.308  1.00 12.32 ? 251 LYS A N   1 
ATOM   958  C CA  . LYS A 1 139 ? 18.716  -5.134  -2.707  1.00 12.01 ? 251 LYS A CA  1 
ATOM   959  C C   . LYS A 1 139 ? 17.987  -4.110  -3.580  1.00 11.72 ? 251 LYS A C   1 
ATOM   960  O O   . LYS A 1 139 ? 17.475  -3.111  -3.076  1.00 11.76 ? 251 LYS A O   1 
ATOM   961  C CB  . LYS A 1 139 ? 20.160  -4.682  -2.459  1.00 12.03 ? 251 LYS A CB  1 
ATOM   962  C CG  . LYS A 1 139 ? 20.920  -5.545  -1.455  1.00 11.99 ? 251 LYS A CG  1 
ATOM   963  C CD  . LYS A 1 139 ? 22.284  -4.949  -1.121  1.00 12.15 ? 251 LYS A CD  1 
ATOM   964  C CE  . LYS A 1 139 ? 23.185  -5.961  -0.426  1.00 12.50 ? 251 LYS A CE  1 
ATOM   965  N NZ  . LYS A 1 139 ? 22.599  -6.475  0.839   1.00 13.05 ? 251 LYS A NZ  1 
ATOM   966  N N   . GLU A 1 140 ? 17.922  -4.381  -4.884  1.00 11.30 ? 252 GLU A N   1 
ATOM   967  C CA  . GLU A 1 140 ? 17.258  -3.483  -5.833  1.00 11.08 ? 252 GLU A CA  1 
ATOM   968  C C   . GLU A 1 140 ? 15.728  -3.508  -5.713  1.00 10.69 ? 252 GLU A C   1 
ATOM   969  O O   . GLU A 1 140 ? 15.052  -2.619  -6.227  1.00 10.39 ? 252 GLU A O   1 
ATOM   970  C CB  . GLU A 1 140 ? 17.661  -3.841  -7.265  1.00 11.01 ? 252 GLU A CB  1 
ATOM   971  C CG  . GLU A 1 140 ? 19.150  -3.706  -7.538  1.00 11.14 ? 252 GLU A CG  1 
ATOM   972  C CD  . GLU A 1 140 ? 19.543  -4.233  -8.899  1.00 11.39 ? 252 GLU A CD  1 
ATOM   973  O OE1 . GLU A 1 140 ? 18.883  -3.866  -9.892  1.00 12.37 ? 252 GLU A OE1 1 
ATOM   974  O OE2 . GLU A 1 140 ? 20.520  -5.008  -8.980  1.00 12.10 ? 252 GLU A OE2 1 
ATOM   975  N N   . ASN A 1 141 ? 15.192  -4.520  -5.035  1.00 10.61 ? 253 ASN A N   1 
ATOM   976  C CA  . ASN A 1 141 ? 13.741  -4.678  -4.898  1.00 10.52 ? 253 ASN A CA  1 
ATOM   977  C C   . ASN A 1 141 ? 13.125  -3.812  -3.796  1.00 10.37 ? 253 ASN A C   1 
ATOM   978  O O   . ASN A 1 141 ? 11.909  -3.820  -3.615  1.00 9.90  ? 253 ASN A O   1 
ATOM   979  C CB  . ASN A 1 141 ? 13.397  -6.146  -4.623  1.00 10.52 ? 253 ASN A CB  1 
ATOM   980  C CG  . ASN A 1 141 ? 13.712  -7.050  -5.794  1.00 10.56 ? 253 ASN A CG  1 
ATOM   981  O OD1 . ASN A 1 141 ? 14.757  -7.698  -5.829  1.00 11.20 ? 253 ASN A OD1 1 
ATOM   982  N ND2 . ASN A 1 141 ? 12.810  -7.094  -6.767  1.00 9.45  ? 253 ASN A ND2 1 
ATOM   983  N N   . TYR A 1 142 ? 13.955  -3.052  -3.078  1.00 10.43 ? 254 TYR A N   1 
ATOM   984  C CA  . TYR A 1 142 ? 13.507  -2.351  -1.870  1.00 10.63 ? 254 TYR A CA  1 
ATOM   985  C C   . TYR A 1 142 ? 13.491  -0.829  -1.986  1.00 10.66 ? 254 TYR A C   1 
ATOM   986  O O   . TYR A 1 142 ? 14.435  -0.219  -2.489  1.00 10.51 ? 254 TYR A O   1 
ATOM   987  C CB  . TYR A 1 142 ? 14.392  -2.740  -0.690  1.00 10.93 ? 254 TYR A CB  1 
ATOM   988  C CG  . TYR A 1 142 ? 14.174  -4.145  -0.194  1.00 11.04 ? 254 TYR A CG  1 
ATOM   989  C CD1 . TYR A 1 142 ? 14.936  -5.201  -0.681  1.00 11.10 ? 254 TYR A CD1 1 
ATOM   990  C CD2 . TYR A 1 142 ? 13.217  -4.418  0.777   1.00 11.56 ? 254 TYR A CD2 1 
ATOM   991  C CE1 . TYR A 1 142 ? 14.747  -6.495  -0.217  1.00 11.34 ? 254 TYR A CE1 1 
ATOM   992  C CE2 . TYR A 1 142 ? 13.021  -5.707  1.248   1.00 11.75 ? 254 TYR A CE2 1 
ATOM   993  C CZ  . TYR A 1 142 ? 13.786  -6.741  0.745   1.00 11.54 ? 254 TYR A CZ  1 
ATOM   994  O OH  . TYR A 1 142 ? 13.596  -8.021  1.212   1.00 12.21 ? 254 TYR A OH  1 
ATOM   995  N N   . ILE A 1 143 ? 12.408  -0.233  -1.488  1.00 10.80 ? 255 ILE A N   1 
ATOM   996  C CA  . ILE A 1 143 ? 12.307  1.210   -1.300  1.00 11.07 ? 255 ILE A CA  1 
ATOM   997  C C   . ILE A 1 143 ? 11.962  1.464   0.167   1.00 11.00 ? 255 ILE A C   1 
ATOM   998  O O   . ILE A 1 143 ? 11.215  0.691   0.770   1.00 11.00 ? 255 ILE A O   1 
ATOM   999  C CB  . ILE A 1 143 ? 11.209  1.823   -2.191  1.00 11.20 ? 255 ILE A CB  1 
ATOM   1000 C CG1 . ILE A 1 143 ? 11.549  1.634   -3.670  1.00 11.52 ? 255 ILE A CG1 1 
ATOM   1001 C CG2 . ILE A 1 143 ? 11.033  3.305   -1.881  1.00 11.44 ? 255 ILE A CG2 1 
ATOM   1002 C CD1 . ILE A 1 143 ? 10.392  1.922   -4.598  1.00 11.77 ? 255 ILE A CD1 1 
ATOM   1003 N N   . TYR A 1 144 ? 12.516  2.527   0.744   1.00 11.01 ? 256 TYR A N   1 
ATOM   1004 C CA  . TYR A 1 144 ? 12.234  2.873   2.139   1.00 11.06 ? 256 TYR A CA  1 
ATOM   1005 C C   . TYR A 1 144 ? 11.908  4.344   2.290   1.00 11.16 ? 256 TYR A C   1 
ATOM   1006 O O   . TYR A 1 144 ? 12.244  5.159   1.434   1.00 11.54 ? 256 TYR A O   1 
ATOM   1007 C CB  . TYR A 1 144 ? 13.427  2.554   3.033   1.00 11.00 ? 256 TYR A CB  1 
ATOM   1008 C CG  . TYR A 1 144 ? 13.936  1.143   2.931   1.00 11.02 ? 256 TYR A CG  1 
ATOM   1009 C CD1 . TYR A 1 144 ? 14.954  0.819   2.044   1.00 10.63 ? 256 TYR A CD1 1 
ATOM   1010 C CD2 . TYR A 1 144 ? 13.425  0.138   3.743   1.00 10.62 ? 256 TYR A CD2 1 
ATOM   1011 C CE1 . TYR A 1 144 ? 15.441  -0.467  1.956   1.00 10.64 ? 256 TYR A CE1 1 
ATOM   1012 C CE2 . TYR A 1 144 ? 13.905  -1.159  3.664   1.00 10.98 ? 256 TYR A CE2 1 
ATOM   1013 C CZ  . TYR A 1 144 ? 14.916  -1.455  2.769   1.00 10.44 ? 256 TYR A CZ  1 
ATOM   1014 O OH  . TYR A 1 144 ? 15.397  -2.738  2.680   1.00 11.06 ? 256 TYR A OH  1 
ATOM   1015 N N   . GLY A 1 145 ? 11.276  4.678   3.406   1.00 11.15 ? 257 GLY A N   1 
ATOM   1016 C CA  . GLY A 1 145 ? 10.994  6.062   3.740   1.00 10.94 ? 257 GLY A CA  1 
ATOM   1017 C C   . GLY A 1 145 ? 10.335  6.186   5.094   1.00 10.95 ? 257 GLY A C   1 
ATOM   1018 O O   . GLY A 1 145 ? 10.340  5.244   5.892   1.00 10.82 ? 257 GLY A O   1 
ATOM   1019 N N   . THR A 1 146 ? 9.755   7.353   5.347   1.00 10.86 ? 258 THR A N   1 
ATOM   1020 C CA  . THR A 1 146 ? 9.113   7.634   6.616   1.00 10.72 ? 258 THR A CA  1 
ATOM   1021 C C   . THR A 1 146 ? 7.779   8.325   6.390   1.00 10.54 ? 258 THR A C   1 
ATOM   1022 O O   . THR A 1 146 ? 7.664   9.204   5.538   1.00 10.57 ? 258 THR A O   1 
ATOM   1023 C CB  . THR A 1 146 ? 9.998   8.545   7.490   1.00 10.75 ? 258 THR A CB  1 
ATOM   1024 O OG1 . THR A 1 146 ? 11.294  7.953   7.646   1.00 11.39 ? 258 THR A OG1 1 
ATOM   1025 C CG2 . THR A 1 146 ? 9.371   8.757   8.859   1.00 11.02 ? 258 THR A CG2 1 
ATOM   1026 N N   . CYS A 1 147 ? 6.762   7.895   7.130   1.00 10.30 ? 259 CYS A N   1 
ATOM   1027 C CA  . CYS A 1 147 ? 5.509   8.635   7.219   1.00 10.18 ? 259 CYS A CA  1 
ATOM   1028 C C   . CYS A 1 147 ? 5.216   8.861   8.695   1.00 9.90  ? 259 CYS A C   1 
ATOM   1029 O O   . CYS A 1 147 ? 6.038   8.516   9.548   1.00 9.48  ? 259 CYS A O   1 
ATOM   1030 C CB  . CYS A 1 147 ? 4.368   7.894   6.517   1.00 10.23 ? 259 CYS A CB  1 
ATOM   1031 S SG  . CYS A 1 147 ? 3.855   6.363   7.309   1.00 11.15 ? 259 CYS A SG  1 
ATOM   1032 N N   . TYR A 1 148 ? 4.070   9.458   9.006   1.00 9.75  ? 260 TYR A N   1 
ATOM   1033 C CA  . TYR A 1 148 ? 3.813   9.893   10.374  1.00 9.78  ? 260 TYR A CA  1 
ATOM   1034 C C   . TYR A 1 148 ? 2.386   9.650   10.829  1.00 9.54  ? 260 TYR A C   1 
ATOM   1035 O O   . TYR A 1 148 ? 1.437   9.809   10.061  1.00 9.75  ? 260 TYR A O   1 
ATOM   1036 C CB  . TYR A 1 148 ? 4.148   11.381  10.517  1.00 10.18 ? 260 TYR A CB  1 
ATOM   1037 C CG  . TYR A 1 148 ? 5.579   11.706  10.163  1.00 10.58 ? 260 TYR A CG  1 
ATOM   1038 C CD1 . TYR A 1 148 ? 5.960   11.910  8.840   1.00 10.74 ? 260 TYR A CD1 1 
ATOM   1039 C CD2 . TYR A 1 148 ? 6.557   11.786  11.147  1.00 10.73 ? 260 TYR A CD2 1 
ATOM   1040 C CE1 . TYR A 1 148 ? 7.276   12.195  8.507   1.00 10.67 ? 260 TYR A CE1 1 
ATOM   1041 C CE2 . TYR A 1 148 ? 7.878   12.070  10.825  1.00 11.18 ? 260 TYR A CE2 1 
ATOM   1042 C CZ  . TYR A 1 148 ? 8.230   12.276  9.504   1.00 11.04 ? 260 TYR A CZ  1 
ATOM   1043 O OH  . TYR A 1 148 ? 9.538   12.560  9.179   1.00 12.29 ? 260 TYR A OH  1 
ATOM   1044 N N   . TYR A 1 149 ? 2.256   9.251   12.089  1.00 8.98  ? 261 TYR A N   1 
ATOM   1045 C CA  . TYR A 1 149 ? 0.971   9.187   12.762  1.00 9.09  ? 261 TYR A CA  1 
ATOM   1046 C C   . TYR A 1 149 ? 0.811   10.454  13.589  1.00 9.04  ? 261 TYR A C   1 
ATOM   1047 O O   . TYR A 1 149 ? 1.693   10.799  14.372  1.00 9.07  ? 261 TYR A O   1 
ATOM   1048 C CB  . TYR A 1 149 ? 0.901   7.953   13.670  1.00 8.78  ? 261 TYR A CB  1 
ATOM   1049 C CG  . TYR A 1 149 ? -0.214  8.015   14.690  1.00 8.76  ? 261 TYR A CG  1 
ATOM   1050 C CD1 . TYR A 1 149 ? -1.542  7.890   14.301  1.00 8.35  ? 261 TYR A CD1 1 
ATOM   1051 C CD2 . TYR A 1 149 ? 0.059   8.215   16.040  1.00 8.25  ? 261 TYR A CD2 1 
ATOM   1052 C CE1 . TYR A 1 149 ? -2.568  7.958   15.224  1.00 8.59  ? 261 TYR A CE1 1 
ATOM   1053 C CE2 . TYR A 1 149 ? -0.965  8.280   16.975  1.00 8.63  ? 261 TYR A CE2 1 
ATOM   1054 C CZ  . TYR A 1 149 ? -2.277  8.154   16.560  1.00 8.59  ? 261 TYR A CZ  1 
ATOM   1055 O OH  . TYR A 1 149 ? -3.303  8.227   17.474  1.00 8.75  ? 261 TYR A OH  1 
ATOM   1056 N N   . THR A 1 150 ? -0.298  11.162  13.393  1.00 9.02  ? 262 THR A N   1 
ATOM   1057 C CA  . THR A 1 150 ? -0.589  12.357  14.178  1.00 9.20  ? 262 THR A CA  1 
ATOM   1058 C C   . THR A 1 150 ? -1.219  11.930  15.496  1.00 9.31  ? 262 THR A C   1 
ATOM   1059 O O   . THR A 1 150 ? -2.373  11.507  15.532  1.00 8.96  ? 262 THR A O   1 
ATOM   1060 C CB  . THR A 1 150 ? -1.535  13.320  13.427  1.00 9.04  ? 262 THR A CB  1 
ATOM   1061 O OG1 . THR A 1 150 ? -0.920  13.732  12.199  1.00 9.12  ? 262 THR A OG1 1 
ATOM   1062 C CG2 . THR A 1 150 ? -1.836  14.554  14.273  1.00 9.21  ? 262 THR A CG2 1 
ATOM   1063 N N   . ALA A 1 151 ? -0.446  12.025  16.575  1.00 9.75  ? 263 ALA A N   1 
ATOM   1064 C CA  . ALA A 1 151 ? -0.901  11.572  17.887  1.00 10.18 ? 263 ALA A CA  1 
ATOM   1065 C C   . ALA A 1 151 ? -1.934  12.522  18.483  1.00 10.64 ? 263 ALA A C   1 
ATOM   1066 O O   . ALA A 1 151 ? -2.146  13.627  17.977  1.00 10.54 ? 263 ALA A O   1 
ATOM   1067 C CB  . ALA A 1 151 ? 0.283   11.416  18.831  1.00 10.20 ? 263 ALA A CB  1 
ATOM   1068 N N   . SER A 1 152 ? -2.566  12.086  19.568  1.00 11.24 ? 264 SER A N   1 
ATOM   1069 C CA  . SER A 1 152 ? -3.599  12.878  20.237  1.00 11.83 ? 264 SER A CA  1 
ATOM   1070 C C   . SER A 1 152 ? -3.063  14.224  20.731  1.00 12.36 ? 264 SER A C   1 
ATOM   1071 O O   . SER A 1 152 ? -3.814  15.192  20.828  1.00 12.40 ? 264 SER A O   1 
ATOM   1072 C CB  . SER A 1 152 ? -4.206  12.093  21.404  1.00 11.90 ? 264 SER A CB  1 
ATOM   1073 O OG  . SER A 1 152 ? -3.198  11.616  22.273  1.00 12.77 ? 264 SER A OG  1 
ATOM   1074 N N   . ASP A 1 153 ? -1.764  14.284  21.026  1.00 12.99 ? 265 ASP A N   1 
ATOM   1075 C CA  . ASP A 1 153 ? -1.122  15.545  21.424  1.00 13.46 ? 265 ASP A CA  1 
ATOM   1076 C C   . ASP A 1 153 ? -0.592  16.343  20.215  1.00 13.76 ? 265 ASP A C   1 
ATOM   1077 O O   . ASP A 1 153 ? 0.148   17.317  20.383  1.00 14.25 ? 265 ASP A O   1 
ATOM   1078 C CB  . ASP A 1 153 ? 0.004   15.283  22.435  1.00 13.76 ? 265 ASP A CB  1 
ATOM   1079 C CG  . ASP A 1 153 ? 1.231   14.640  21.807  1.00 14.62 ? 265 ASP A CG  1 
ATOM   1080 O OD1 . ASP A 1 153 ? 2.301   14.673  22.450  1.00 16.34 ? 265 ASP A OD1 1 
ATOM   1081 O OD2 . ASP A 1 153 ? 1.133   14.105  20.681  1.00 15.01 ? 265 ASP A OD2 1 
ATOM   1082 N N   . ARG A 1 154 ? -0.973  15.910  19.009  1.00 13.92 ? 266 ARG A N   1 
ATOM   1083 C CA  . ARG A 1 154 ? -0.621  16.581  17.741  1.00 13.93 ? 266 ARG A CA  1 
ATOM   1084 C C   . ARG A 1 154 ? 0.864   16.501  17.349  1.00 13.96 ? 266 ARG A C   1 
ATOM   1085 O O   . ARG A 1 154 ? 1.286   17.151  16.390  1.00 14.17 ? 266 ARG A O   1 
ATOM   1086 C CB  . ARG A 1 154 ? -1.115  18.044  17.722  1.00 14.17 ? 266 ARG A CB  1 
ATOM   1087 C CG  . ARG A 1 154 ? -2.546  18.203  17.209  1.00 14.66 ? 266 ARG A CG  1 
ATOM   1088 C CD  . ARG A 1 154 ? -3.546  17.498  18.110  1.00 15.48 ? 266 ARG A CD  1 
ATOM   1089 N NE  . ARG A 1 154 ? -4.932  17.767  17.723  1.00 15.72 ? 266 ARG A NE  1 
ATOM   1090 C CZ  . ARG A 1 154 ? -5.589  18.899  17.981  1.00 16.24 ? 266 ARG A CZ  1 
ATOM   1091 N NH1 . ARG A 1 154 ? -4.987  19.897  18.615  1.00 15.88 ? 266 ARG A NH1 1 
ATOM   1092 N NH2 . ARG A 1 154 ? -6.852  19.036  17.592  1.00 16.48 ? 266 ARG A NH2 1 
ATOM   1093 N N   . THR A 1 155 ? 1.641   15.684  18.057  1.00 13.74 ? 267 THR A N   1 
ATOM   1094 C CA  . THR A 1 155 ? 3.027   15.437  17.667  1.00 13.63 ? 267 THR A CA  1 
ATOM   1095 C C   . THR A 1 155 ? 3.054   14.442  16.510  1.00 13.25 ? 267 THR A C   1 
ATOM   1096 O O   . THR A 1 155 ? 2.171   13.584  16.396  1.00 13.36 ? 267 THR A O   1 
ATOM   1097 C CB  . THR A 1 155 ? 3.873   14.885  18.832  1.00 13.88 ? 267 THR A CB  1 
ATOM   1098 O OG1 . THR A 1 155 ? 3.321   13.644  19.287  1.00 14.75 ? 267 THR A OG1 1 
ATOM   1099 C CG2 . THR A 1 155 ? 3.918   15.880  19.986  1.00 14.34 ? 267 THR A CG2 1 
ATOM   1100 N N   . ALA A 1 156 ? 4.058   14.570  15.647  1.00 12.69 ? 268 ALA A N   1 
ATOM   1101 C CA  . ALA A 1 156 ? 4.214   13.675  14.505  1.00 12.38 ? 268 ALA A CA  1 
ATOM   1102 C C   . ALA A 1 156 ? 5.065   12.470  14.896  1.00 12.05 ? 268 ALA A C   1 
ATOM   1103 O O   . ALA A 1 156 ? 6.278   12.586  15.086  1.00 12.07 ? 268 ALA A O   1 
ATOM   1104 C CB  . ALA A 1 156 ? 4.845   14.415  13.335  1.00 12.32 ? 268 ALA A CB  1 
ATOM   1105 N N   . PHE A 1 157 ? 4.415   11.317  15.024  1.00 11.61 ? 269 PHE A N   1 
ATOM   1106 C CA  . PHE A 1 157 ? 5.083   10.079  15.412  1.00 11.47 ? 269 PHE A CA  1 
ATOM   1107 C C   . PHE A 1 157 ? 5.609   9.370   14.164  1.00 11.13 ? 269 PHE A C   1 
ATOM   1108 O O   . PHE A 1 157 ? 4.824   8.954   13.315  1.00 10.68 ? 269 PHE A O   1 
ATOM   1109 C CB  . PHE A 1 157 ? 4.098   9.175   16.160  1.00 11.65 ? 269 PHE A CB  1 
ATOM   1110 C CG  . PHE A 1 157 ? 4.674   7.854   16.573  1.00 11.76 ? 269 PHE A CG  1 
ATOM   1111 C CD1 . PHE A 1 157 ? 5.364   7.726   17.770  1.00 12.30 ? 269 PHE A CD1 1 
ATOM   1112 C CD2 . PHE A 1 157 ? 4.503   6.730   15.776  1.00 12.27 ? 269 PHE A CD2 1 
ATOM   1113 C CE1 . PHE A 1 157 ? 5.890   6.498   18.158  1.00 12.31 ? 269 PHE A CE1 1 
ATOM   1114 C CE2 . PHE A 1 157 ? 5.024   5.504   16.157  1.00 12.43 ? 269 PHE A CE2 1 
ATOM   1115 C CZ  . PHE A 1 157 ? 5.717   5.386   17.350  1.00 12.48 ? 269 PHE A CZ  1 
ATOM   1116 N N   . PRO A 1 158 ? 6.943   9.221   14.055  1.00 11.02 ? 270 PRO A N   1 
ATOM   1117 C CA  . PRO A 1 158 ? 7.530   8.643   12.845  1.00 10.97 ? 270 PRO A CA  1 
ATOM   1118 C C   . PRO A 1 158 ? 7.259   7.146   12.686  1.00 10.75 ? 270 PRO A C   1 
ATOM   1119 O O   . PRO A 1 158 ? 7.475   6.372   13.617  1.00 10.66 ? 270 PRO A O   1 
ATOM   1120 C CB  . PRO A 1 158 ? 9.030   8.895   13.028  1.00 11.02 ? 270 PRO A CB  1 
ATOM   1121 C CG  . PRO A 1 158 ? 9.227   8.980   14.488  1.00 11.28 ? 270 PRO A CG  1 
ATOM   1122 C CD  . PRO A 1 158 ? 7.970   9.572   15.053  1.00 11.13 ? 270 PRO A CD  1 
ATOM   1123 N N   . ILE A 1 159 ? 6.784   6.765   11.503  1.00 10.59 ? 271 ILE A N   1 
ATOM   1124 C CA  . ILE A 1 159 ? 6.538   5.373   11.166  1.00 10.73 ? 271 ILE A CA  1 
ATOM   1125 C C   . ILE A 1 159 ? 7.429   4.991   9.999   1.00 10.63 ? 271 ILE A C   1 
ATOM   1126 O O   . ILE A 1 159 ? 7.441   5.667   8.969   1.00 10.71 ? 271 ILE A O   1 
ATOM   1127 C CB  . ILE A 1 159 ? 5.070   5.141   10.764  1.00 10.66 ? 271 ILE A CB  1 
ATOM   1128 C CG1 . ILE A 1 159 ? 4.135   5.500   11.919  1.00 10.89 ? 271 ILE A CG1 1 
ATOM   1129 C CG2 . ILE A 1 159 ? 4.852   3.688   10.343  1.00 10.46 ? 271 ILE A CG2 1 
ATOM   1130 C CD1 . ILE A 1 159 ? 2.667   5.404   11.564  1.00 11.15 ? 271 ILE A CD1 1 
ATOM   1131 N N   . ASP A 1 160 ? 8.189   3.915   10.167  1.00 10.68 ? 272 ASP A N   1 
ATOM   1132 C CA  . ASP A 1 160 ? 9.074   3.433   9.119   1.00 10.77 ? 272 ASP A CA  1 
ATOM   1133 C C   . ASP A 1 160 ? 8.252   2.720   8.058   1.00 10.57 ? 272 ASP A C   1 
ATOM   1134 O O   . ASP A 1 160 ? 7.352   1.943   8.387   1.00 10.55 ? 272 ASP A O   1 
ATOM   1135 C CB  . ASP A 1 160 ? 10.118  2.477   9.700   1.00 10.99 ? 272 ASP A CB  1 
ATOM   1136 C CG  . ASP A 1 160 ? 10.890  3.085   10.857  1.00 12.14 ? 272 ASP A CG  1 
ATOM   1137 O OD1 . ASP A 1 160 ? 11.272  4.270   10.761  1.00 14.06 ? 272 ASP A OD1 1 
ATOM   1138 O OD2 . ASP A 1 160 ? 11.109  2.377   11.866  1.00 14.50 ? 272 ASP A OD2 1 
ATOM   1139 N N   . ILE A 1 161 ? 8.544   3.000   6.787   1.00 10.51 ? 273 ILE A N   1 
ATOM   1140 C CA  A ILE A 1 161 ? 7.859   2.330   5.691   0.50 10.59 ? 273 ILE A CA  1 
ATOM   1141 C CA  B ILE A 1 161 ? 7.863   2.345   5.667   0.50 10.58 ? 273 ILE A CA  1 
ATOM   1142 C C   . ILE A 1 161 ? 8.868   1.641   4.771   1.00 10.51 ? 273 ILE A C   1 
ATOM   1143 O O   . ILE A 1 161 ? 9.887   2.226   4.397   1.00 10.64 ? 273 ILE A O   1 
ATOM   1144 C CB  A ILE A 1 161 ? 6.956   3.307   4.890   0.50 10.63 ? 273 ILE A CB  1 
ATOM   1145 C CB  B ILE A 1 161 ? 7.076   3.349   4.807   0.50 10.63 ? 273 ILE A CB  1 
ATOM   1146 C CG1 A ILE A 1 161 ? 6.075   2.535   3.901   0.50 10.61 ? 273 ILE A CG1 1 
ATOM   1147 C CG1 B ILE A 1 161 ? 5.935   3.959   5.614   0.50 10.87 ? 273 ILE A CG1 1 
ATOM   1148 C CG2 A ILE A 1 161 ? 7.791   4.354   4.169   0.50 11.08 ? 273 ILE A CG2 1 
ATOM   1149 C CG2 B ILE A 1 161 ? 6.519   2.663   3.559   0.50 10.59 ? 273 ILE A CG2 1 
ATOM   1150 C CD1 A ILE A 1 161 ? 4.870   3.315   3.427   0.50 10.66 ? 273 ILE A CD1 1 
ATOM   1151 C CD1 B ILE A 1 161 ? 5.028   4.841   4.795   0.50 10.67 ? 273 ILE A CD1 1 
ATOM   1152 N N   . SER A 1 162 ? 8.579   0.382   4.444   1.00 10.46 ? 274 SER A N   1 
ATOM   1153 C CA  A SER A 1 162 ? 9.411   -0.398  3.538   0.50 10.42 ? 274 SER A CA  1 
ATOM   1154 C CA  B SER A 1 162 ? 9.412   -0.410  3.548   0.50 10.44 ? 274 SER A CA  1 
ATOM   1155 C C   . SER A 1 162 ? 8.548   -0.976  2.430   1.00 10.37 ? 274 SER A C   1 
ATOM   1156 O O   . SER A 1 162 ? 7.548   -1.639  2.696   1.00 10.91 ? 274 SER A O   1 
ATOM   1157 C CB  A SER A 1 162 ? 10.118  -1.527  4.288   0.50 10.49 ? 274 SER A CB  1 
ATOM   1158 C CB  B SER A 1 162 ? 10.075  -1.560  4.310   0.50 10.52 ? 274 SER A CB  1 
ATOM   1159 O OG  A SER A 1 162 ? 10.935  -2.288  3.411   0.50 10.95 ? 274 SER A OG  1 
ATOM   1160 O OG  B SER A 1 162 ? 10.786  -1.089  5.440   0.50 11.16 ? 274 SER A OG  1 
ATOM   1161 N N   . VAL A 1 163 ? 8.932   -0.708  1.187   1.00 9.99  ? 275 VAL A N   1 
ATOM   1162 C CA  . VAL A 1 163 ? 8.218   -1.234  0.034   1.00 9.85  ? 275 VAL A CA  1 
ATOM   1163 C C   . VAL A 1 163 ? 9.104   -2.243  -0.675  1.00 9.58  ? 275 VAL A C   1 
ATOM   1164 O O   . VAL A 1 163 ? 10.239  -1.931  -1.028  1.00 9.71  ? 275 VAL A O   1 
ATOM   1165 C CB  . VAL A 1 163 ? 7.837   -0.118  -0.959  1.00 9.71  ? 275 VAL A CB  1 
ATOM   1166 C CG1 . VAL A 1 163 ? 7.047   -0.690  -2.129  1.00 9.90  ? 275 VAL A CG1 1 
ATOM   1167 C CG2 . VAL A 1 163 ? 7.045   0.973   -0.256  1.00 9.88  ? 275 VAL A CG2 1 
ATOM   1168 N N   . MET A 1 164 ? 8.604   -3.464  -0.845  1.00 9.49  ? 276 MET A N   1 
ATOM   1169 C CA  . MET A 1 164 ? 9.295   -4.463  -1.650  1.00 9.52  ? 276 MET A CA  1 
ATOM   1170 C C   . MET A 1 164 ? 8.503   -4.697  -2.928  1.00 9.07  ? 276 MET A C   1 
ATOM   1171 O O   . MET A 1 164 ? 7.310   -5.004  -2.880  1.00 8.90  ? 276 MET A O   1 
ATOM   1172 C CB  . MET A 1 164 ? 9.468   -5.778  -0.886  1.00 9.42  ? 276 MET A CB  1 
ATOM   1173 C CG  . MET A 1 164 ? 10.414  -6.757  -1.583  1.00 9.76  ? 276 MET A CG  1 
ATOM   1174 S SD  . MET A 1 164 ? 10.735  -8.266  -0.652  1.00 11.21 ? 276 MET A SD  1 
ATOM   1175 C CE  . MET A 1 164 ? 9.179   -9.128  -0.867  1.00 11.27 ? 276 MET A CE  1 
ATOM   1176 N N   . LEU A 1 165 ? 9.169   -4.534  -4.069  1.00 8.82  ? 277 LEU A N   1 
ATOM   1177 C CA  . LEU A 1 165 ? 8.532   -4.701  -5.369  1.00 8.89  ? 277 LEU A CA  1 
ATOM   1178 C C   . LEU A 1 165 ? 8.916   -6.045  -5.965  1.00 8.87  ? 277 LEU A C   1 
ATOM   1179 O O   . LEU A 1 165 ? 10.085  -6.422  -5.944  1.00 8.43  ? 277 LEU A O   1 
ATOM   1180 C CB  . LEU A 1 165 ? 8.951   -3.572  -6.309  1.00 8.71  ? 277 LEU A CB  1 
ATOM   1181 C CG  . LEU A 1 165 ? 8.609   -2.163  -5.820  1.00 8.49  ? 277 LEU A CG  1 
ATOM   1182 C CD1 . LEU A 1 165 ? 9.204   -1.118  -6.747  1.00 8.50  ? 277 LEU A CD1 1 
ATOM   1183 C CD2 . LEU A 1 165 ? 7.100   -1.986  -5.704  1.00 8.99  ? 277 LEU A CD2 1 
ATOM   1184 N N   . ASN A 1 166 ? 7.922   -6.767  -6.483  1.00 9.06  ? 278 ASN A N   1 
ATOM   1185 C CA  . ASN A 1 166 ? 8.138   -8.091  -7.068  1.00 9.61  ? 278 ASN A CA  1 
ATOM   1186 C C   . ASN A 1 166 ? 8.908   -9.005  -6.090  1.00 10.18 ? 278 ASN A C   1 
ATOM   1187 O O   . ASN A 1 166 ? 8.417   -9.260  -4.989  1.00 10.00 ? 278 ASN A O   1 
ATOM   1188 C CB  . ASN A 1 166 ? 8.824   -7.961  -8.440  1.00 9.22  ? 278 ASN A CB  1 
ATOM   1189 C CG  . ASN A 1 166 ? 7.985   -7.154  -9.443  1.00 8.69  ? 278 ASN A CG  1 
ATOM   1190 O OD1 . ASN A 1 166 ? 8.514   -6.545  -10.375 1.00 9.32  ? 278 ASN A OD1 1 
ATOM   1191 N ND2 . ASN A 1 166 ? 6.678   -7.153  -9.246  1.00 7.08  ? 278 ASN A ND2 1 
ATOM   1192 N N   . ARG A 1 167 ? 10.085  -9.499  -6.489  1.00 11.21 ? 279 ARG A N   1 
ATOM   1193 C CA  . ARG A 1 167 ? 10.975  -10.283 -5.597  1.00 11.73 ? 279 ARG A CA  1 
ATOM   1194 C C   . ARG A 1 167 ? 10.471  -11.697 -5.280  1.00 12.30 ? 279 ARG A C   1 
ATOM   1195 O O   . ARG A 1 167 ? 11.175  -12.677 -5.524  1.00 12.46 ? 279 ARG A O   1 
ATOM   1196 C CB  . ARG A 1 167 ? 11.246  -9.526  -4.286  1.00 12.13 ? 279 ARG A CB  1 
ATOM   1197 C CG  . ARG A 1 167 ? 12.193  -10.245 -3.323  1.00 12.53 ? 279 ARG A CG  1 
ATOM   1198 C CD  . ARG A 1 167 ? 13.617  -10.244 -3.821  1.00 14.80 ? 279 ARG A CD  1 
ATOM   1199 N NE  . ARG A 1 167 ? 14.501  -10.982 -2.914  1.00 15.16 ? 279 ARG A NE  1 
ATOM   1200 C CZ  . ARG A 1 167 ? 14.983  -12.207 -3.134  1.00 16.19 ? 279 ARG A CZ  1 
ATOM   1201 N NH1 . ARG A 1 167 ? 14.699  -12.868 -4.250  1.00 17.41 ? 279 ARG A NH1 1 
ATOM   1202 N NH2 . ARG A 1 167 ? 15.775  -12.771 -2.230  1.00 16.40 ? 279 ARG A NH2 1 
ATOM   1203 N N   . ARG A 1 168 ? 9.279   -11.791 -4.697  1.00 12.93 ? 280 ARG A N   1 
ATOM   1204 C CA  . ARG A 1 168 ? 8.729   -13.074 -4.263  1.00 13.43 ? 280 ARG A CA  1 
ATOM   1205 C C   . ARG A 1 168 ? 7.275   -13.207 -4.694  1.00 13.92 ? 280 ARG A C   1 
ATOM   1206 O O   . ARG A 1 168 ? 6.425   -12.430 -4.273  1.00 13.48 ? 280 ARG A O   1 
ATOM   1207 C CB  . ARG A 1 168 ? 8.838   -13.200 -2.742  1.00 13.41 ? 280 ARG A CB  1 
ATOM   1208 C CG  . ARG A 1 168 ? 8.343   -14.532 -2.176  1.00 13.38 ? 280 ARG A CG  1 
ATOM   1209 C CD  . ARG A 1 168 ? 8.725   -14.686 -0.708  1.00 13.91 ? 280 ARG A CD  1 
ATOM   1210 N NE  . ARG A 1 168 ? 8.229   -13.578 0.112   1.00 14.74 ? 280 ARG A NE  1 
ATOM   1211 C CZ  . ARG A 1 168 ? 7.046   -13.553 0.730   1.00 15.06 ? 280 ARG A CZ  1 
ATOM   1212 N NH1 . ARG A 1 168 ? 6.201   -14.576 0.632   1.00 15.58 ? 280 ARG A NH1 1 
ATOM   1213 N NH2 . ARG A 1 168 ? 6.703   -12.491 1.449   1.00 15.36 ? 280 ARG A NH2 1 
ATOM   1214 N N   . ALA A 1 169 ? 6.998   -14.198 -5.535  1.00 14.73 ? 281 ALA A N   1 
ATOM   1215 C CA  . ALA A 1 169 ? 5.640   -14.468 -5.987  1.00 15.44 ? 281 ALA A CA  1 
ATOM   1216 C C   . ALA A 1 169 ? 4.977   -15.487 -5.069  1.00 16.18 ? 281 ALA A C   1 
ATOM   1217 O O   . ALA A 1 169 ? 5.655   -16.288 -4.425  1.00 16.47 ? 281 ALA A O   1 
ATOM   1218 C CB  . ALA A 1 169 ? 5.654   -14.980 -7.418  1.00 15.49 ? 281 ALA A CB  1 
ATOM   1219 N N   . ILE A 1 170 ? 3.650   -15.438 -5.000  1.00 17.04 ? 282 ILE A N   1 
ATOM   1220 C CA  . ILE A 1 170 ? 2.876   -16.426 -4.253  1.00 17.51 ? 282 ILE A CA  1 
ATOM   1221 C C   . ILE A 1 170 ? 2.701   -17.674 -5.110  1.00 18.07 ? 282 ILE A C   1 
ATOM   1222 O O   . ILE A 1 170 ? 2.865   -18.801 -4.634  1.00 18.41 ? 282 ILE A O   1 
ATOM   1223 C CB  . ILE A 1 170 ? 1.476   -15.889 -3.880  1.00 17.69 ? 282 ILE A CB  1 
ATOM   1224 C CG1 . ILE A 1 170 ? 1.587   -14.614 -3.038  1.00 17.99 ? 282 ILE A CG1 1 
ATOM   1225 C CG2 . ILE A 1 170 ? 0.682   -16.948 -3.126  1.00 17.42 ? 282 ILE A CG2 1 
ATOM   1226 C CD1 . ILE A 1 170 ? 2.300   -14.809 -1.721  1.00 18.32 ? 282 ILE A CD1 1 
ATOM   1227 N N   . ASN A 1 171 ? 2.364   -17.456 -6.377  1.00 18.54 ? 283 ASN A N   1 
ATOM   1228 C CA  . ASN A 1 171 ? 2.214   -18.531 -7.350  1.00 18.78 ? 283 ASN A CA  1 
ATOM   1229 C C   . ASN A 1 171 ? 2.455   -17.998 -8.766  1.00 18.98 ? 283 ASN A C   1 
ATOM   1230 O O   . ASN A 1 171 ? 2.816   -16.832 -8.936  1.00 19.07 ? 283 ASN A O   1 
ATOM   1231 C CB  . ASN A 1 171 ? 0.822   -19.172 -7.226  1.00 19.07 ? 283 ASN A CB  1 
ATOM   1232 C CG  . ASN A 1 171 ? -0.304  -18.146 -7.209  1.00 19.49 ? 283 ASN A CG  1 
ATOM   1233 O OD1 . ASN A 1 171 ? -0.155  -17.028 -7.703  1.00 21.17 ? 283 ASN A OD1 1 
ATOM   1234 N ND2 . ASN A 1 171 ? -1.441  -18.530 -6.641  1.00 20.67 ? 283 ASN A ND2 1 
ATOM   1235 N N   . ASP A 1 172 ? 2.265   -18.847 -9.774  1.00 19.11 ? 284 ASP A N   1 
ATOM   1236 C CA  . ASP A 1 172 ? 2.467   -18.441 -11.170 1.00 19.02 ? 284 ASP A CA  1 
ATOM   1237 C C   . ASP A 1 172 ? 1.466   -17.371 -11.634 1.00 18.84 ? 284 ASP A C   1 
ATOM   1238 O O   . ASP A 1 172 ? 1.705   -16.684 -12.630 1.00 19.19 ? 284 ASP A O   1 
ATOM   1239 C CB  . ASP A 1 172 ? 2.398   -19.658 -12.102 1.00 19.39 ? 284 ASP A CB  1 
ATOM   1240 C CG  . ASP A 1 172 ? 3.583   -20.601 -11.930 1.00 20.11 ? 284 ASP A CG  1 
ATOM   1241 O OD1 . ASP A 1 172 ? 4.650   -20.153 -11.453 1.00 21.25 ? 284 ASP A OD1 1 
ATOM   1242 O OD2 . ASP A 1 172 ? 3.449   -21.792 -12.283 1.00 22.07 ? 284 ASP A OD2 1 
ATOM   1243 N N   . GLU A 1 173 ? 0.354   -17.233 -10.912 1.00 18.46 ? 285 GLU A N   1 
ATOM   1244 C CA  . GLU A 1 173 ? -0.663  -16.230 -11.239 1.00 17.96 ? 285 GLU A CA  1 
ATOM   1245 C C   . GLU A 1 173 ? -0.207  -14.803 -10.898 1.00 17.31 ? 285 GLU A C   1 
ATOM   1246 O O   . GLU A 1 173 ? -0.605  -13.850 -11.568 1.00 17.27 ? 285 GLU A O   1 
ATOM   1247 C CB  . GLU A 1 173 ? -1.973  -16.544 -10.509 1.00 18.15 ? 285 GLU A CB  1 
ATOM   1248 C CG  . GLU A 1 173 ? -3.163  -15.714 -10.975 1.00 18.70 ? 285 GLU A CG  1 
ATOM   1249 C CD  . GLU A 1 173 ? -4.480  -16.185 -10.381 1.00 18.87 ? 285 GLU A CD  1 
ATOM   1250 O OE1 . GLU A 1 173 ? -4.480  -16.690 -9.237  1.00 20.78 ? 285 GLU A OE1 1 
ATOM   1251 O OE2 . GLU A 1 173 ? -5.519  -16.043 -11.060 1.00 20.46 ? 285 GLU A OE2 1 
ATOM   1252 N N   . THR A 1 174 ? 0.619   -14.663 -9.862  1.00 16.52 ? 286 THR A N   1 
ATOM   1253 C CA  . THR A 1 174 ? 1.072   -13.341 -9.406  1.00 15.78 ? 286 THR A CA  1 
ATOM   1254 C C   . THR A 1 174 ? 2.270   -12.834 -10.218 1.00 15.14 ? 286 THR A C   1 
ATOM   1255 O O   . THR A 1 174 ? 3.424   -13.118 -9.886  1.00 15.45 ? 286 THR A O   1 
ATOM   1256 C CB  . THR A 1 174 ? 1.438   -13.351 -7.900  1.00 15.85 ? 286 THR A CB  1 
ATOM   1257 O OG1 . THR A 1 174 ? 2.526   -14.255 -7.664  1.00 16.34 ? 286 THR A OG1 1 
ATOM   1258 C CG2 . THR A 1 174 ? 0.242   -13.773 -7.062  1.00 15.66 ? 286 THR A CG2 1 
ATOM   1259 N N   . SER A 1 175 ? 1.982   -12.062 -11.265 1.00 14.06 ? 287 SER A N   1 
ATOM   1260 C CA  . SER A 1 175 ? 3.021   -11.532 -12.159 1.00 13.37 ? 287 SER A CA  1 
ATOM   1261 C C   . SER A 1 175 ? 3.712   -10.283 -11.601 1.00 12.47 ? 287 SER A C   1 
ATOM   1262 O O   . SER A 1 175 ? 4.841   -9.978  -11.984 1.00 12.13 ? 287 SER A O   1 
ATOM   1263 C CB  . SER A 1 175 ? 2.425   -11.211 -13.531 1.00 13.35 ? 287 SER A CB  1 
ATOM   1264 O OG  . SER A 1 175 ? 1.927   -12.380 -14.159 1.00 14.17 ? 287 SER A OG  1 
ATOM   1265 N N   . TYR A 1 176 ? 3.022   -9.554  -10.724 1.00 11.60 ? 288 TYR A N   1 
ATOM   1266 C CA  . TYR A 1 176 ? 3.588   -8.356  -10.093 1.00 11.08 ? 288 TYR A CA  1 
ATOM   1267 C C   . TYR A 1 176 ? 3.203   -8.293  -8.624  1.00 10.49 ? 288 TYR A C   1 
ATOM   1268 O O   . TYR A 1 176 ? 2.123   -8.739  -8.239  1.00 10.07 ? 288 TYR A O   1 
ATOM   1269 C CB  . TYR A 1 176 ? 3.101   -7.089  -10.798 1.00 10.72 ? 288 TYR A CB  1 
ATOM   1270 C CG  . TYR A 1 176 ? 3.336   -7.090  -12.287 1.00 10.85 ? 288 TYR A CG  1 
ATOM   1271 C CD1 . TYR A 1 176 ? 2.343   -7.512  -13.165 1.00 10.47 ? 288 TYR A CD1 1 
ATOM   1272 C CD2 . TYR A 1 176 ? 4.554   -6.682  -12.817 1.00 10.53 ? 288 TYR A CD2 1 
ATOM   1273 C CE1 . TYR A 1 176 ? 2.558   -7.525  -14.536 1.00 10.37 ? 288 TYR A CE1 1 
ATOM   1274 C CE2 . TYR A 1 176 ? 4.778   -6.688  -14.182 1.00 10.67 ? 288 TYR A CE2 1 
ATOM   1275 C CZ  . TYR A 1 176 ? 3.778   -7.110  -15.037 1.00 10.76 ? 288 TYR A CZ  1 
ATOM   1276 O OH  . TYR A 1 176 ? 3.998   -7.120  -16.394 1.00 11.41 ? 288 TYR A OH  1 
ATOM   1277 N N   . CYS A 1 177 ? 4.085   -7.720  -7.810  1.00 10.14 ? 289 CYS A N   1 
ATOM   1278 C CA  . CYS A 1 177 ? 3.852   -7.600  -6.377  1.00 10.05 ? 289 CYS A CA  1 
ATOM   1279 C C   . CYS A 1 177 ? 4.272   -6.230  -5.870  1.00 9.60  ? 289 CYS A C   1 
ATOM   1280 O O   . CYS A 1 177 ? 5.341   -5.731  -6.219  1.00 9.50  ? 289 CYS A O   1 
ATOM   1281 C CB  . CYS A 1 177 ? 4.637   -8.668  -5.613  1.00 10.12 ? 289 CYS A CB  1 
ATOM   1282 S SG  . CYS A 1 177 ? 4.416   -10.334 -6.218  1.00 11.42 ? 289 CYS A SG  1 
ATOM   1283 N N   . ILE A 1 178 ? 3.420   -5.627  -5.048  1.00 9.26  ? 290 ILE A N   1 
ATOM   1284 C CA  . ILE A 1 178 ? 3.788   -4.449  -4.278  1.00 9.20  ? 290 ILE A CA  1 
ATOM   1285 C C   . ILE A 1 178 ? 3.452   -4.738  -2.820  1.00 8.96  ? 290 ILE A C   1 
ATOM   1286 O O   . ILE A 1 178 ? 2.282   -4.871  -2.468  1.00 9.04  ? 290 ILE A O   1 
ATOM   1287 C CB  . ILE A 1 178 ? 3.033   -3.188  -4.744  1.00 9.01  ? 290 ILE A CB  1 
ATOM   1288 C CG1 . ILE A 1 178 ? 3.266   -2.933  -6.236  1.00 9.25  ? 290 ILE A CG1 1 
ATOM   1289 C CG2 . ILE A 1 178 ? 3.468   -1.968  -3.922  1.00 9.26  ? 290 ILE A CG2 1 
ATOM   1290 C CD1 . ILE A 1 178 ? 2.500   -1.740  -6.773  1.00 9.39  ? 290 ILE A CD1 1 
ATOM   1291 N N   . ARG A 1 179 ? 4.480   -4.886  -1.989  1.00 8.94  ? 291 ARG A N   1 
ATOM   1292 C CA  . ARG A 1 179 ? 4.290   -5.132  -0.563  1.00 8.87  ? 291 ARG A CA  1 
ATOM   1293 C C   . ARG A 1 179 ? 4.742   -3.911  0.231   1.00 8.70  ? 291 ARG A C   1 
ATOM   1294 O O   . ARG A 1 179 ? 5.922   -3.572  0.238   1.00 8.70  ? 291 ARG A O   1 
ATOM   1295 C CB  . ARG A 1 179 ? 5.076   -6.363  -0.116  1.00 8.85  ? 291 ARG A CB  1 
ATOM   1296 C CG  . ARG A 1 179 ? 4.558   -7.680  -0.668  1.00 9.09  ? 291 ARG A CG  1 
ATOM   1297 C CD  . ARG A 1 179 ? 5.258   -8.845  0.010   1.00 9.31  ? 291 ARG A CD  1 
ATOM   1298 N NE  . ARG A 1 179 ? 4.766   -10.154 -0.427  1.00 9.39  ? 291 ARG A NE  1 
ATOM   1299 C CZ  . ARG A 1 179 ? 5.243   -10.844 -1.462  1.00 9.76  ? 291 ARG A CZ  1 
ATOM   1300 N NH1 . ARG A 1 179 ? 6.215   -10.351 -2.217  1.00 9.42  ? 291 ARG A NH1 1 
ATOM   1301 N NH2 . ARG A 1 179 ? 4.730   -12.036 -1.747  1.00 10.27 ? 291 ARG A NH2 1 
ATOM   1302 N N   . ILE A 1 180 ? 3.793   -3.261  0.899   1.00 8.60  ? 292 ILE A N   1 
ATOM   1303 C CA  . ILE A 1 180 ? 4.064   -2.038  1.645   1.00 8.67  ? 292 ILE A CA  1 
ATOM   1304 C C   . ILE A 1 180 ? 3.954   -2.316  3.139   1.00 8.66  ? 292 ILE A C   1 
ATOM   1305 O O   . ILE A 1 180 ? 2.878   -2.645  3.632   1.00 8.65  ? 292 ILE A O   1 
ATOM   1306 C CB  . ILE A 1 180 ? 3.069   -0.922  1.264   1.00 8.59  ? 292 ILE A CB  1 
ATOM   1307 C CG1 . ILE A 1 180 ? 3.031   -0.740  -0.259  1.00 8.51  ? 292 ILE A CG1 1 
ATOM   1308 C CG2 . ILE A 1 180 ? 3.445   0.386   1.948   1.00 8.57  ? 292 ILE A CG2 1 
ATOM   1309 C CD1 . ILE A 1 180 ? 1.925   0.172   -0.742  1.00 8.74  ? 292 ILE A CD1 1 
ATOM   1310 N N   . THR A 1 181 ? 5.068   -2.179  3.856   1.00 8.71  ? 293 THR A N   1 
ATOM   1311 C CA  . THR A 1 181 ? 5.107   -2.479  5.287   1.00 8.82  ? 293 THR A CA  1 
ATOM   1312 C C   . THR A 1 181 ? 5.291   -1.221  6.125   1.00 8.73  ? 293 THR A C   1 
ATOM   1313 O O   . THR A 1 181 ? 6.284   -0.520  5.983   1.00 8.79  ? 293 THR A O   1 
ATOM   1314 C CB  . THR A 1 181 ? 6.252   -3.449  5.620   1.00 8.81  ? 293 THR A CB  1 
ATOM   1315 O OG1 . THR A 1 181 ? 6.071   -4.668  4.893   1.00 8.75  ? 293 THR A OG1 1 
ATOM   1316 C CG2 . THR A 1 181 ? 6.289   -3.751  7.119   1.00 9.09  ? 293 THR A CG2 1 
ATOM   1317 N N   . TRP A 1 182 ? 4.316   -0.946  6.989   1.00 8.93  ? 294 TRP A N   1 
ATOM   1318 C CA  . TRP A 1 182 ? 4.434   0.098   8.005   1.00 9.15  ? 294 TRP A CA  1 
ATOM   1319 C C   . TRP A 1 182 ? 4.923   -0.539  9.293   1.00 9.47  ? 294 TRP A C   1 
ATOM   1320 O O   . TRP A 1 182 ? 4.444   -1.603  9.674   1.00 9.49  ? 294 TRP A O   1 
ATOM   1321 C CB  . TRP A 1 182 ? 3.079   0.743   8.276   1.00 8.73  ? 294 TRP A CB  1 
ATOM   1322 C CG  . TRP A 1 182 ? 2.576   1.625   7.188   1.00 8.44  ? 294 TRP A CG  1 
ATOM   1323 C CD1 . TRP A 1 182 ? 2.700   2.981   7.115   1.00 8.26  ? 294 TRP A CD1 1 
ATOM   1324 C CD2 . TRP A 1 182 ? 1.827   1.228   6.033   1.00 8.20  ? 294 TRP A CD2 1 
ATOM   1325 N NE1 . TRP A 1 182 ? 2.090   3.452   5.981   1.00 8.16  ? 294 TRP A NE1 1 
ATOM   1326 C CE2 . TRP A 1 182 ? 1.549   2.396   5.296   1.00 8.15  ? 294 TRP A CE2 1 
ATOM   1327 C CE3 . TRP A 1 182 ? 1.377   -0.003  5.545   1.00 8.09  ? 294 TRP A CE3 1 
ATOM   1328 C CZ2 . TRP A 1 182 ? 0.834   2.372   4.099   1.00 8.26  ? 294 TRP A CZ2 1 
ATOM   1329 C CZ3 . TRP A 1 182 ? 0.667   -0.026  4.352   1.00 8.20  ? 294 TRP A CZ3 1 
ATOM   1330 C CH2 . TRP A 1 182 ? 0.405   1.155   3.643   1.00 8.28  ? 294 TRP A CH2 1 
ATOM   1331 N N   . SER A 1 183 ? 5.852   0.114   9.980   1.00 9.97  ? 295 SER A N   1 
ATOM   1332 C CA  . SER A 1 183 ? 6.352   -0.417  11.240  1.00 10.60 ? 295 SER A CA  1 
ATOM   1333 C C   . SER A 1 183 ? 6.948   0.659   12.128  1.00 10.93 ? 295 SER A C   1 
ATOM   1334 O O   . SER A 1 183 ? 7.361   1.716   11.654  1.00 10.91 ? 295 SER A O   1 
ATOM   1335 C CB  . SER A 1 183 ? 7.403   -1.501  10.979  1.00 10.64 ? 295 SER A CB  1 
ATOM   1336 O OG  . SER A 1 183 ? 8.554   -0.958  10.359  1.00 11.65 ? 295 SER A OG  1 
ATOM   1337 N N   . TRP A 1 184 ? 6.978   0.383   13.426  1.00 11.57 ? 296 TRP A N   1 
ATOM   1338 C CA  . TRP A 1 184 ? 7.740   1.199   14.355  1.00 12.34 ? 296 TRP A CA  1 
ATOM   1339 C C   . TRP A 1 184 ? 8.252   0.356   15.518  1.00 12.78 ? 296 TRP A C   1 
ATOM   1340 O O   . TRP A 1 184 ? 7.666   -0.671  15.868  1.00 12.59 ? 296 TRP A O   1 
ATOM   1341 C CB  . TRP A 1 184 ? 6.925   2.401   14.851  1.00 12.66 ? 296 TRP A CB  1 
ATOM   1342 C CG  . TRP A 1 184 ? 5.690   2.063   15.622  1.00 12.94 ? 296 TRP A CG  1 
ATOM   1343 C CD1 . TRP A 1 184 ? 5.613   1.738   16.946  1.00 13.25 ? 296 TRP A CD1 1 
ATOM   1344 C CD2 . TRP A 1 184 ? 4.345   2.068   15.132  1.00 13.44 ? 296 TRP A CD2 1 
ATOM   1345 N NE1 . TRP A 1 184 ? 4.305   1.524   17.306  1.00 13.26 ? 296 TRP A NE1 1 
ATOM   1346 C CE2 . TRP A 1 184 ? 3.505   1.723   16.212  1.00 13.11 ? 296 TRP A CE2 1 
ATOM   1347 C CE3 . TRP A 1 184 ? 3.767   2.327   13.883  1.00 13.31 ? 296 TRP A CE3 1 
ATOM   1348 C CZ2 . TRP A 1 184 ? 2.117   1.622   16.079  1.00 13.35 ? 296 TRP A CZ2 1 
ATOM   1349 C CZ3 . TRP A 1 184 ? 2.385   2.228   13.754  1.00 13.28 ? 296 TRP A CZ3 1 
ATOM   1350 C CH2 . TRP A 1 184 ? 1.579   1.879   14.846  1.00 13.34 ? 296 TRP A CH2 1 
ATOM   1351 N N   . ASN A 1 185 ? 9.377   0.788   16.074  1.00 13.49 ? 297 ASN A N   1 
ATOM   1352 C CA  . ASN A 1 185 ? 10.047  0.087   17.155  1.00 14.14 ? 297 ASN A CA  1 
ATOM   1353 C C   . ASN A 1 185 ? 10.652  1.136   18.074  1.00 14.78 ? 297 ASN A C   1 
ATOM   1354 O O   . ASN A 1 185 ? 11.824  1.493   17.950  1.00 15.02 ? 297 ASN A O   1 
ATOM   1355 C CB  . ASN A 1 185 ? 11.130  -0.839  16.587  1.00 14.06 ? 297 ASN A CB  1 
ATOM   1356 C CG  . ASN A 1 185 ? 11.888  -1.597  17.666  1.00 14.21 ? 297 ASN A CG  1 
ATOM   1357 O OD1 . ASN A 1 185 ? 13.120  -1.647  17.652  1.00 15.04 ? 297 ASN A OD1 1 
ATOM   1358 N ND2 . ASN A 1 185 ? 11.158  -2.195  18.599  1.00 14.51 ? 297 ASN A ND2 1 
ATOM   1359 N N   . THR A 1 186 ? 9.819   1.656   18.971  1.00 15.53 ? 298 THR A N   1 
ATOM   1360 C CA  . THR A 1 186 ? 10.163  2.829   19.762  1.00 16.12 ? 298 THR A CA  1 
ATOM   1361 C C   . THR A 1 186 ? 10.181  2.521   21.252  1.00 16.60 ? 298 THR A C   1 
ATOM   1362 O O   . THR A 1 186 ? 9.750   1.451   21.684  1.00 16.71 ? 298 THR A O   1 
ATOM   1363 C CB  . THR A 1 186 ? 9.162   3.969   19.497  1.00 16.26 ? 298 THR A CB  1 
ATOM   1364 O OG1 . THR A 1 186 ? 7.828   3.507   19.749  1.00 16.75 ? 298 THR A OG1 1 
ATOM   1365 C CG2 . THR A 1 186 ? 9.265   4.443   18.051  1.00 16.45 ? 298 THR A CG2 1 
ATOM   1366 N N   . GLY A 1 187 ? 10.687  3.472   22.033  1.00 17.08 ? 299 GLY A N   1 
ATOM   1367 C CA  . GLY A 1 187 ? 10.755  3.330   23.482  1.00 17.47 ? 299 GLY A CA  1 
ATOM   1368 C C   . GLY A 1 187 ? 9.395   3.428   24.148  1.00 17.86 ? 299 GLY A C   1 
ATOM   1369 O O   . GLY A 1 187 ? 9.212   2.951   25.268  1.00 18.17 ? 299 GLY A O   1 
ATOM   1370 N N   . ASP A 1 188 ? 8.444   4.063   23.464  1.00 18.32 ? 300 ASP A N   1 
ATOM   1371 C CA  . ASP A 1 188 ? 7.086   4.223   23.979  1.00 18.56 ? 300 ASP A CA  1 
ATOM   1372 C C   . ASP A 1 188 ? 6.073   4.181   22.843  1.00 18.68 ? 300 ASP A C   1 
ATOM   1373 O O   . ASP A 1 188 ? 6.383   4.553   21.710  1.00 18.73 ? 300 ASP A O   1 
ATOM   1374 C CB  . ASP A 1 188 ? 6.954   5.555   24.714  1.00 18.94 ? 300 ASP A CB  1 
ATOM   1375 C CG  . ASP A 1 188 ? 7.921   5.685   25.878  1.00 19.75 ? 300 ASP A CG  1 
ATOM   1376 O OD1 . ASP A 1 188 ? 8.885   6.471   25.767  1.00 21.89 ? 300 ASP A OD1 1 
ATOM   1377 O OD2 . ASP A 1 188 ? 7.729   4.987   26.895  1.00 21.34 ? 300 ASP A OD2 1 
ATOM   1378 N N   . ALA A 1 189 ? 4.861   3.730   23.150  1.00 18.69 ? 301 ALA A N   1 
ATOM   1379 C CA  . ALA A 1 189 ? 3.767   3.755   22.186  1.00 18.82 ? 301 ALA A CA  1 
ATOM   1380 C C   . ALA A 1 189 ? 3.270   5.192   22.032  1.00 18.93 ? 301 ALA A C   1 
ATOM   1381 O O   . ALA A 1 189 ? 3.329   5.973   22.982  1.00 19.12 ? 301 ALA A O   1 
ATOM   1382 C CB  . ALA A 1 189 ? 2.640   2.850   22.641  1.00 18.68 ? 301 ALA A CB  1 
ATOM   1383 N N   . PRO A 1 190 ? 2.783   5.550   20.829  1.00 19.12 ? 302 PRO A N   1 
ATOM   1384 C CA  . PRO A 1 190 ? 2.283   6.911   20.597  1.00 19.20 ? 302 PRO A CA  1 
ATOM   1385 C C   . PRO A 1 190 ? 1.030   7.264   21.406  1.00 19.30 ? 302 PRO A C   1 
ATOM   1386 O O   . PRO A 1 190 ? 0.776   8.444   21.655  1.00 19.46 ? 302 PRO A O   1 
ATOM   1387 C CB  . PRO A 1 190 ? 1.974   6.926   19.093  1.00 19.25 ? 302 PRO A CB  1 
ATOM   1388 C CG  . PRO A 1 190 ? 1.821   5.513   18.706  1.00 19.18 ? 302 PRO A CG  1 
ATOM   1389 C CD  . PRO A 1 190 ? 2.702   4.717   19.617  1.00 19.11 ? 302 PRO A CD  1 
ATOM   1390 N N   . GLU A 1 191 ? 0.259   6.252   21.802  1.00 19.30 ? 303 GLU A N   1 
ATOM   1391 C CA  . GLU A 1 191 ? -0.975  6.471   22.555  1.00 19.35 ? 303 GLU A CA  1 
ATOM   1392 C C   . GLU A 1 191 ? -1.097  5.535   23.746  1.00 19.62 ? 303 GLU A C   1 
ATOM   1393 O O   . GLU A 1 191 ? -0.410  4.517   23.829  1.00 19.42 ? 303 GLU A O   1 
ATOM   1394 C CB  . GLU A 1 191 ? -2.194  6.254   21.653  1.00 19.10 ? 303 GLU A CB  1 
ATOM   1395 C CG  . GLU A 1 191 ? -2.245  7.131   20.412  1.00 18.11 ? 303 GLU A CG  1 
ATOM   1396 C CD  . GLU A 1 191 ? -2.560  8.586   20.713  1.00 16.90 ? 303 GLU A CD  1 
ATOM   1397 O OE1 . GLU A 1 191 ? -2.739  8.945   21.897  1.00 16.45 ? 303 GLU A OE1 1 
ATOM   1398 O OE2 . GLU A 1 191 ? -2.635  9.376   19.753  1.00 15.48 ? 303 GLU A OE2 1 
ATOM   1399 N N   . VAL A 1 192 ? -1.977  5.906   24.671  1.00 20.01 ? 304 VAL A N   1 
ATOM   1400 C CA  . VAL A 1 192 ? -2.475  4.987   25.686  1.00 20.34 ? 304 VAL A CA  1 
ATOM   1401 C C   . VAL A 1 192 ? -3.920  4.662   25.320  1.00 20.58 ? 304 VAL A C   1 
ATOM   1402 O O   . VAL A 1 192 ? -4.508  5.317   24.459  1.00 20.69 ? 304 VAL A O   1 
ATOM   1403 C CB  . VAL A 1 192 ? -2.412  5.590   27.105  1.00 20.44 ? 304 VAL A CB  1 
ATOM   1404 C CG1 . VAL A 1 192 ? -0.969  5.809   27.524  1.00 20.72 ? 304 VAL A CG1 1 
ATOM   1405 C CG2 . VAL A 1 192 ? -3.199  6.893   27.176  1.00 20.69 ? 304 VAL A CG2 1 
ATOM   1406 N N   . GLN A 1 193 ? -4.492  3.655   25.971  1.00 20.85 ? 305 GLN A N   1 
ATOM   1407 C CA  . GLN A 1 193 ? -5.849  3.209   25.645  1.00 20.93 ? 305 GLN A CA  1 
ATOM   1408 C C   . GLN A 1 193 ? -6.879  4.338   25.783  1.00 20.93 ? 305 GLN A C   1 
ATOM   1409 O O   . GLN A 1 193 ? -7.835  4.410   25.009  1.00 21.24 ? 305 GLN A O   1 
ATOM   1410 C CB  . GLN A 1 193 ? -6.248  2.022   26.524  1.00 21.03 ? 305 GLN A CB  1 
ATOM   1411 C CG  . GLN A 1 193 ? -7.524  1.319   26.073  1.00 21.36 ? 305 GLN A CG  1 
ATOM   1412 C CD  . GLN A 1 193 ? -7.775  0.015   26.814  1.00 21.74 ? 305 GLN A CD  1 
ATOM   1413 O OE1 . GLN A 1 193 ? -7.103  -0.295  27.801  1.00 23.66 ? 305 GLN A OE1 1 
ATOM   1414 N NE2 . GLN A 1 193 ? -8.748  -0.755  26.340  1.00 23.03 ? 305 GLN A NE2 1 
ATOM   1415 N N   . THR A 1 194 ? -6.666  5.219   26.759  1.00 20.81 ? 306 THR A N   1 
ATOM   1416 C CA  . THR A 1 194 ? -7.592  6.325   27.026  1.00 20.61 ? 306 THR A CA  1 
ATOM   1417 C C   . THR A 1 194 ? -7.504  7.457   25.989  1.00 20.38 ? 306 THR A C   1 
ATOM   1418 O O   . THR A 1 194 ? -8.444  8.244   25.849  1.00 20.65 ? 306 THR A O   1 
ATOM   1419 C CB  . THR A 1 194 ? -7.351  6.929   28.429  1.00 20.68 ? 306 THR A CB  1 
ATOM   1420 O OG1 . THR A 1 194 ? -5.980  7.329   28.554  1.00 21.16 ? 306 THR A OG1 1 
ATOM   1421 C CG2 . THR A 1 194 ? -7.681  5.915   29.513  1.00 20.93 ? 306 THR A CG2 1 
ATOM   1422 N N   . SER A 1 195 ? -6.383  7.536   25.271  1.00 19.89 ? 307 SER A N   1 
ATOM   1423 C CA  . SER A 1 195 ? -6.155  8.612   24.296  1.00 19.38 ? 307 SER A CA  1 
ATOM   1424 C C   . SER A 1 195 ? -6.269  8.149   22.835  1.00 18.91 ? 307 SER A C   1 
ATOM   1425 O O   . SER A 1 195 ? -6.363  8.976   21.928  1.00 18.92 ? 307 SER A O   1 
ATOM   1426 C CB  . SER A 1 195 ? -4.777  9.237   24.520  1.00 19.43 ? 307 SER A CB  1 
ATOM   1427 O OG  . SER A 1 195 ? -3.746  8.282   24.330  1.00 19.84 ? 307 SER A OG  1 
ATOM   1428 N N   . ALA A 1 196 ? -6.256  6.835   22.614  1.00 18.22 ? 308 ALA A N   1 
ATOM   1429 C CA  . ALA A 1 196 ? -6.258  6.283   21.254  1.00 17.79 ? 308 ALA A CA  1 
ATOM   1430 C C   . ALA A 1 196 ? -7.618  6.443   20.575  1.00 17.35 ? 308 ALA A C   1 
ATOM   1431 O O   . ALA A 1 196 ? -8.659  6.252   21.205  1.00 17.59 ? 308 ALA A O   1 
ATOM   1432 C CB  . ALA A 1 196 ? -5.857  4.815   21.286  1.00 17.75 ? 308 ALA A CB  1 
ATOM   1433 N N   . THR A 1 197 ? -7.599  6.789   19.285  1.00 16.62 ? 309 THR A N   1 
ATOM   1434 C CA  . THR A 1 197 ? -8.827  6.961   18.503  1.00 16.05 ? 309 THR A CA  1 
ATOM   1435 C C   . THR A 1 197 ? -8.760  6.172   17.192  1.00 15.48 ? 309 THR A C   1 
ATOM   1436 O O   . THR A 1 197 ? -9.257  5.049   17.115  1.00 15.57 ? 309 THR A O   1 
ATOM   1437 C CB  . THR A 1 197 ? -9.104  8.453   18.195  1.00 16.07 ? 309 THR A CB  1 
ATOM   1438 O OG1 . THR A 1 197 ? -7.963  9.036   17.554  1.00 15.99 ? 309 THR A OG1 1 
ATOM   1439 C CG2 . THR A 1 197 ? -9.411  9.218   19.474  1.00 16.32 ? 309 THR A CG2 1 
ATOM   1440 N N   . THR A 1 198 ? -8.140  6.762   16.171  1.00 14.66 ? 310 THR A N   1 
ATOM   1441 C CA  . THR A 1 198 ? -8.042  6.140   14.850  1.00 14.11 ? 310 THR A CA  1 
ATOM   1442 C C   . THR A 1 198 ? -6.593  6.113   14.380  1.00 13.34 ? 310 THR A C   1 
ATOM   1443 O O   . THR A 1 198 ? -5.894  7.127   14.444  1.00 13.29 ? 310 THR A O   1 
ATOM   1444 C CB  . THR A 1 198 ? -8.881  6.910   13.803  1.00 14.21 ? 310 THR A CB  1 
ATOM   1445 O OG1 . THR A 1 198 ? -10.255 6.942   14.210  1.00 15.33 ? 310 THR A OG1 1 
ATOM   1446 C CG2 . THR A 1 198 ? -8.776  6.250   12.433  1.00 14.63 ? 310 THR A CG2 1 
ATOM   1447 N N   . LEU A 1 199 ? -6.144  4.952   13.908  1.00 12.18 ? 311 LEU A N   1 
ATOM   1448 C CA  . LEU A 1 199 ? -4.812  4.831   13.322  1.00 11.72 ? 311 LEU A CA  1 
ATOM   1449 C C   . LEU A 1 199 ? -4.844  5.314   11.875  1.00 11.00 ? 311 LEU A C   1 
ATOM   1450 O O   . LEU A 1 199 ? -5.347  4.622   10.986  1.00 10.84 ? 311 LEU A O   1 
ATOM   1451 C CB  . LEU A 1 199 ? -4.304  3.385   13.396  1.00 11.62 ? 311 LEU A CB  1 
ATOM   1452 C CG  . LEU A 1 199 ? -2.951  3.088   12.724  1.00 11.95 ? 311 LEU A CG  1 
ATOM   1453 C CD1 . LEU A 1 199 ? -1.927  4.188   12.990  1.00 12.57 ? 311 LEU A CD1 1 
ATOM   1454 C CD2 . LEU A 1 199 ? -2.413  1.735   13.177  1.00 11.88 ? 311 LEU A CD2 1 
ATOM   1455 N N   . VAL A 1 200 ? -4.333  6.523   11.659  1.00 10.15 ? 312 VAL A N   1 
ATOM   1456 C CA  . VAL A 1 200 ? -4.196  7.093   10.325  1.00 9.75  ? 312 VAL A CA  1 
ATOM   1457 C C   . VAL A 1 200 ? -2.725  7.382   10.072  1.00 9.23  ? 312 VAL A C   1 
ATOM   1458 O O   . VAL A 1 200 ? -2.039  7.901   10.944  1.00 9.15  ? 312 VAL A O   1 
ATOM   1459 C CB  . VAL A 1 200 ? -4.993  8.407   10.190  1.00 9.57  ? 312 VAL A CB  1 
ATOM   1460 C CG1 . VAL A 1 200 ? -4.772  9.033   8.816   1.00 9.76  ? 312 VAL A CG1 1 
ATOM   1461 C CG2 . VAL A 1 200 ? -6.473  8.159   10.438  1.00 9.59  ? 312 VAL A CG2 1 
ATOM   1462 N N   . THR A 1 201 ? -2.237  7.022   8.887   1.00 8.82  ? 313 THR A N   1 
ATOM   1463 C CA  . THR A 1 201 ? -0.869  7.356   8.502   1.00 8.45  ? 313 THR A CA  1 
ATOM   1464 C C   . THR A 1 201 ? -0.884  8.511   7.512   1.00 8.28  ? 313 THR A C   1 
ATOM   1465 O O   . THR A 1 201 ? -1.810  8.640   6.710   1.00 8.01  ? 313 THR A O   1 
ATOM   1466 C CB  . THR A 1 201 ? -0.127  6.149   7.882   1.00 8.26  ? 313 THR A CB  1 
ATOM   1467 O OG1 . THR A 1 201 ? -0.784  5.735   6.679   1.00 8.04  ? 313 THR A OG1 1 
ATOM   1468 C CG2 . THR A 1 201 ? -0.076  4.986   8.865   1.00 8.09  ? 313 THR A CG2 1 
ATOM   1469 N N   . SER A 1 202 ? 0.130   9.368   7.585   1.00 8.15  ? 314 SER A N   1 
ATOM   1470 C CA  . SER A 1 202 ? 0.261   10.468  6.637   1.00 8.33  ? 314 SER A CA  1 
ATOM   1471 C C   . SER A 1 202 ? 0.683   9.896   5.283   1.00 8.45  ? 314 SER A C   1 
ATOM   1472 O O   . SER A 1 202 ? 1.362   8.869   5.232   1.00 8.36  ? 314 SER A O   1 
ATOM   1473 C CB  . SER A 1 202 ? 1.274   11.507  7.132   1.00 8.34  ? 314 SER A CB  1 
ATOM   1474 O OG  . SER A 1 202 ? 2.594   10.993  7.137   1.00 8.13  ? 314 SER A OG  1 
ATOM   1475 N N   . PRO A 1 203 ? 0.273   10.547  4.181   1.00 8.68  ? 315 PRO A N   1 
ATOM   1476 C CA  . PRO A 1 203 ? 0.586   10.001  2.862   1.00 8.86  ? 315 PRO A CA  1 
ATOM   1477 C C   . PRO A 1 203 ? 2.083   9.796   2.635   1.00 9.03  ? 315 PRO A C   1 
ATOM   1478 O O   . PRO A 1 203 ? 2.884   10.694  2.909   1.00 9.33  ? 315 PRO A O   1 
ATOM   1479 C CB  . PRO A 1 203 ? 0.036   11.063  1.901   1.00 8.94  ? 315 PRO A CB  1 
ATOM   1480 C CG  . PRO A 1 203 ? -0.977  11.800  2.681   1.00 9.19  ? 315 PRO A CG  1 
ATOM   1481 C CD  . PRO A 1 203 ? -0.496  11.800  4.087   1.00 8.81  ? 315 PRO A CD  1 
ATOM   1482 N N   . PHE A 1 204 ? 2.448   8.601   2.178   1.00 9.13  ? 316 PHE A N   1 
ATOM   1483 C CA  . PHE A 1 204 ? 3.812   8.318   1.772   1.00 9.02  ? 316 PHE A CA  1 
ATOM   1484 C C   . PHE A 1 204 ? 3.859   8.233   0.262   1.00 8.99  ? 316 PHE A C   1 
ATOM   1485 O O   . PHE A 1 204 ? 3.065   7.515   -0.351  1.00 8.97  ? 316 PHE A O   1 
ATOM   1486 C CB  . PHE A 1 204 ? 4.305   7.006   2.376   1.00 9.36  ? 316 PHE A CB  1 
ATOM   1487 C CG  . PHE A 1 204 ? 5.700   6.631   1.950   1.00 9.31  ? 316 PHE A CG  1 
ATOM   1488 C CD1 . PHE A 1 204 ? 6.774   7.453   2.256   1.00 9.81  ? 316 PHE A CD1 1 
ATOM   1489 C CD2 . PHE A 1 204 ? 5.940   5.457   1.245   1.00 9.67  ? 316 PHE A CD2 1 
ATOM   1490 C CE1 . PHE A 1 204 ? 8.059   7.119   1.861   1.00 9.79  ? 316 PHE A CE1 1 
ATOM   1491 C CE2 . PHE A 1 204 ? 7.226   5.114   0.854   1.00 9.84  ? 316 PHE A CE2 1 
ATOM   1492 C CZ  . PHE A 1 204 ? 8.286   5.947   1.164   1.00 10.03 ? 316 PHE A CZ  1 
ATOM   1493 N N   . THR A 1 205 ? 4.776   8.983   -0.339  1.00 8.97  ? 317 THR A N   1 
ATOM   1494 C CA  . THR A 1 205 ? 4.949   8.960   -1.777  1.00 8.98  ? 317 THR A CA  1 
ATOM   1495 C C   . THR A 1 205 ? 6.282   8.321   -2.125  1.00 8.97  ? 317 THR A C   1 
ATOM   1496 O O   . THR A 1 205 ? 7.325   8.729   -1.613  1.00 9.17  ? 317 THR A O   1 
ATOM   1497 C CB  . THR A 1 205 ? 4.882   10.372  -2.369  1.00 9.16  ? 317 THR A CB  1 
ATOM   1498 O OG1 . THR A 1 205 ? 3.604   10.946  -2.081  1.00 9.98  ? 317 THR A OG1 1 
ATOM   1499 C CG2 . THR A 1 205 ? 5.085   10.333  -3.877  1.00 9.27  ? 317 THR A CG2 1 
ATOM   1500 N N   . PHE A 1 206 ? 6.236   7.292   -2.969  1.00 8.69  ? 318 PHE A N   1 
ATOM   1501 C CA  . PHE A 1 206 ? 7.444   6.656   -3.475  1.00 8.76  ? 318 PHE A CA  1 
ATOM   1502 C C   . PHE A 1 206 ? 7.361   6.508   -4.985  1.00 8.73  ? 318 PHE A C   1 
ATOM   1503 O O   . PHE A 1 206 ? 6.312   6.740   -5.589  1.00 8.24  ? 318 PHE A O   1 
ATOM   1504 C CB  . PHE A 1 206 ? 7.699   5.299   -2.792  1.00 8.62  ? 318 PHE A CB  1 
ATOM   1505 C CG  . PHE A 1 206 ? 6.616   4.275   -3.017  1.00 8.74  ? 318 PHE A CG  1 
ATOM   1506 C CD1 . PHE A 1 206 ? 6.785   3.260   -3.952  1.00 8.37  ? 318 PHE A CD1 1 
ATOM   1507 C CD2 . PHE A 1 206 ? 5.450   4.293   -2.260  1.00 8.47  ? 318 PHE A CD2 1 
ATOM   1508 C CE1 . PHE A 1 206 ? 5.802   2.301   -4.150  1.00 8.74  ? 318 PHE A CE1 1 
ATOM   1509 C CE2 . PHE A 1 206 ? 4.460   3.338   -2.455  1.00 8.47  ? 318 PHE A CE2 1 
ATOM   1510 C CZ  . PHE A 1 206 ? 4.639   2.337   -3.401  1.00 8.53  ? 318 PHE A CZ  1 
ATOM   1511 N N   . TYR A 1 207 ? 8.488   6.152   -5.588  1.00 9.10  ? 319 TYR A N   1 
ATOM   1512 C CA  . TYR A 1 207 ? 8.606   6.094   -7.033  1.00 9.20  ? 319 TYR A CA  1 
ATOM   1513 C C   . TYR A 1 207 ? 9.244   4.791   -7.451  1.00 8.85  ? 319 TYR A C   1 
ATOM   1514 O O   . TYR A 1 207 ? 10.101  4.254   -6.748  1.00 8.77  ? 319 TYR A O   1 
ATOM   1515 C CB  . TYR A 1 207 ? 9.461   7.256   -7.539  1.00 10.15 ? 319 TYR A CB  1 
ATOM   1516 C CG  . TYR A 1 207 ? 8.947   8.606   -7.122  1.00 11.18 ? 319 TYR A CG  1 
ATOM   1517 C CD1 . TYR A 1 207 ? 8.192   9.382   -7.990  1.00 12.39 ? 319 TYR A CD1 1 
ATOM   1518 C CD2 . TYR A 1 207 ? 9.204   9.103   -5.847  1.00 12.12 ? 319 TYR A CD2 1 
ATOM   1519 C CE1 . TYR A 1 207 ? 7.710   10.624  -7.604  1.00 12.33 ? 319 TYR A CE1 1 
ATOM   1520 C CE2 . TYR A 1 207 ? 8.722   10.336  -5.450  1.00 11.98 ? 319 TYR A CE2 1 
ATOM   1521 C CZ  . TYR A 1 207 ? 7.979   11.094  -6.334  1.00 11.92 ? 319 TYR A CZ  1 
ATOM   1522 O OH  . TYR A 1 207 ? 7.505   12.323  -5.938  1.00 12.97 ? 319 TYR A OH  1 
ATOM   1523 N N   . TYR A 1 208 ? 8.820   4.276   -8.597  1.00 8.49  ? 320 TYR A N   1 
ATOM   1524 C CA  . TYR A 1 208 ? 9.465   3.110   -9.175  1.00 8.39  ? 320 TYR A CA  1 
ATOM   1525 C C   . TYR A 1 208 ? 9.406   3.137   -10.689 1.00 8.25  ? 320 TYR A C   1 
ATOM   1526 O O   . TYR A 1 208 ? 8.552   3.802   -11.280 1.00 8.01  ? 320 TYR A O   1 
ATOM   1527 C CB  . TYR A 1 208 ? 8.867   1.801   -8.626  1.00 8.25  ? 320 TYR A CB  1 
ATOM   1528 C CG  . TYR A 1 208 ? 7.369   1.611   -8.816  1.00 8.14  ? 320 TYR A CG  1 
ATOM   1529 C CD1 . TYR A 1 208 ? 6.852   1.114   -10.010 1.00 7.92  ? 320 TYR A CD1 1 
ATOM   1530 C CD2 . TYR A 1 208 ? 6.481   1.866   -7.776  1.00 7.76  ? 320 TYR A CD2 1 
ATOM   1531 C CE1 . TYR A 1 208 ? 5.484   0.909   -10.174 1.00 8.00  ? 320 TYR A CE1 1 
ATOM   1532 C CE2 . TYR A 1 208 ? 5.115   1.665   -7.928  1.00 8.04  ? 320 TYR A CE2 1 
ATOM   1533 C CZ  . TYR A 1 208 ? 4.622   1.186   -9.127  1.00 7.97  ? 320 TYR A CZ  1 
ATOM   1534 O OH  . TYR A 1 208 ? 3.266   0.980   -9.278  1.00 8.14  ? 320 TYR A OH  1 
ATOM   1535 N N   . ILE A 1 209 ? 10.353  2.436   -11.306 1.00 8.43  ? 321 ILE A N   1 
ATOM   1536 C CA  . ILE A 1 209 ? 10.401  2.294   -12.750 1.00 8.81  ? 321 ILE A CA  1 
ATOM   1537 C C   . ILE A 1 209 ? 9.268   1.372   -13.171 1.00 9.07  ? 321 ILE A C   1 
ATOM   1538 O O   . ILE A 1 209 ? 9.133   0.265   -12.646 1.00 8.83  ? 321 ILE A O   1 
ATOM   1539 C CB  . ILE A 1 209 ? 11.754  1.719   -13.206 1.00 8.60  ? 321 ILE A CB  1 
ATOM   1540 C CG1 . ILE A 1 209 ? 12.873  2.721   -12.915 1.00 8.82  ? 321 ILE A CG1 1 
ATOM   1541 C CG2 . ILE A 1 209 ? 11.719  1.379   -14.689 1.00 8.47  ? 321 ILE A CG2 1 
ATOM   1542 C CD1 . ILE A 1 209 ? 14.259  2.140   -13.031 1.00 8.98  ? 321 ILE A CD1 1 
ATOM   1543 N N   . ARG A 1 210 ? 8.447   1.832   -14.106 1.00 9.60  ? 322 ARG A N   1 
ATOM   1544 C CA  . ARG A 1 210 ? 7.223   1.118   -14.450 1.00 10.29 ? 322 ARG A CA  1 
ATOM   1545 C C   . ARG A 1 210 ? 7.408   0.141   -15.607 1.00 10.75 ? 322 ARG A C   1 
ATOM   1546 O O   . ARG A 1 210 ? 8.231   0.352   -16.506 1.00 10.38 ? 322 ARG A O   1 
ATOM   1547 C CB  . ARG A 1 210 ? 6.090   2.108   -14.763 1.00 10.35 ? 322 ARG A CB  1 
ATOM   1548 C CG  . ARG A 1 210 ? 6.229   2.848   -16.086 1.00 10.38 ? 322 ARG A CG  1 
ATOM   1549 C CD  . ARG A 1 210 ? 5.226   3.987   -16.182 1.00 10.80 ? 322 ARG A CD  1 
ATOM   1550 N NE  . ARG A 1 210 ? 5.234   4.622   -17.498 1.00 11.00 ? 322 ARG A NE  1 
ATOM   1551 C CZ  . ARG A 1 210 ? 4.668   4.115   -18.592 1.00 11.88 ? 322 ARG A CZ  1 
ATOM   1552 N NH1 . ARG A 1 210 ? 4.039   2.945   -18.555 1.00 12.06 ? 322 ARG A NH1 1 
ATOM   1553 N NH2 . ARG A 1 210 ? 4.740   4.780   -19.739 1.00 12.53 ? 322 ARG A NH2 1 
ATOM   1554 N N   . GLU A 1 211 ? 6.643   -0.943  -15.550 1.00 11.54 ? 323 GLU A N   1 
ATOM   1555 C CA  . GLU A 1 211 ? 6.526   -1.882  -16.649 1.00 12.19 ? 323 GLU A CA  1 
ATOM   1556 C C   . GLU A 1 211 ? 5.858   -1.169  -17.822 1.00 12.67 ? 323 GLU A C   1 
ATOM   1557 O O   . GLU A 1 211 ? 5.096   -0.225  -17.626 1.00 12.26 ? 323 GLU A O   1 
ATOM   1558 C CB  . GLU A 1 211 ? 5.671   -3.073  -16.205 1.00 12.30 ? 323 GLU A CB  1 
ATOM   1559 C CG  . GLU A 1 211 ? 5.640   -4.249  -17.166 1.00 12.44 ? 323 GLU A CG  1 
ATOM   1560 C CD  . GLU A 1 211 ? 6.734   -5.265  -16.896 1.00 13.47 ? 323 GLU A CD  1 
ATOM   1561 O OE1 . GLU A 1 211 ? 7.853   -4.862  -16.519 1.00 13.08 ? 323 GLU A OE1 1 
ATOM   1562 O OE2 . GLU A 1 211 ? 6.474   -6.473  -17.066 1.00 15.09 ? 323 GLU A OE2 1 
ATOM   1563 N N   . ASP A 1 212 ? 6.164   -1.600  -19.039 1.00 13.45 ? 324 ASP A N   1 
ATOM   1564 C CA  . ASP A 1 212 ? 5.495   -1.069  -20.223 1.00 14.29 ? 324 ASP A CA  1 
ATOM   1565 C C   . ASP A 1 212 ? 4.233   -1.878  -20.512 1.00 15.08 ? 324 ASP A C   1 
ATOM   1566 O O   . ASP A 1 212 ? 4.125   -3.037  -20.114 1.00 15.29 ? 324 ASP A O   1 
ATOM   1567 C CB  . ASP A 1 212 ? 6.439   -1.081  -21.420 1.00 14.28 ? 324 ASP A CB  1 
ATOM   1568 C CG  . ASP A 1 212 ? 7.589   -0.111  -21.255 1.00 14.18 ? 324 ASP A CG  1 
ATOM   1569 O OD1 . ASP A 1 212 ? 8.745   -0.570  -21.153 1.00 13.61 ? 324 ASP A OD1 1 
ATOM   1570 O OD2 . ASP A 1 212 ? 7.332   1.111   -21.187 1.00 15.20 ? 324 ASP A OD2 1 
ATOM   1571 N N   . ASP A 1 213 ? 3.283   -1.256  -21.206 1.00 16.04 ? 325 ASP A N   1 
ATOM   1572 C CA  . ASP A 1 213 ? 1.956   -1.850  -21.429 1.00 16.57 ? 325 ASP A CA  1 
ATOM   1573 C C   . ASP A 1 213 ? 1.994   -3.153  -22.227 1.00 17.20 ? 325 ASP A C   1 
ATOM   1574 O O   . ASP A 1 213 ? 3.006   -3.524  -22.813 1.00 17.62 ? 325 ASP A O   1 
ATOM   1575 C CB  . ASP A 1 213 ? 1.038   -0.844  -22.129 1.00 17.15 ? 325 ASP A CB  1 
ATOM   1576 C CG  . ASP A 1 213 ? 0.568   0.255   -21.200 1.00 18.08 ? 325 ASP A CG  1 
ATOM   1577 O OD1 . ASP A 1 213 ? -0.034  -0.072  -20.157 1.00 20.54 ? 325 ASP A OD1 1 
ATOM   1578 O OD2 . ASP A 1 213 ? 0.787   1.442   -21.516 1.00 20.42 ? 325 ASP A OD2 1 
ATOM   1579 O OXT . ASP A 1 213 ? 0.995   -3.872  -22.298 1.00 17.83 ? 325 ASP A OXT 1 
HETATM 1580 O O   . HOH B 2 .   ? 6.898   -7.702  -3.173  1.00 8.18  ? 1   HOH A O   1 
HETATM 1581 O O   . HOH B 2 .   ? 1.256   6.221   4.698   1.00 7.04  ? 2   HOH A O   1 
HETATM 1582 O O   . HOH B 2 .   ? -21.512 1.388   2.963   1.00 30.62 ? 3   HOH A O   1 
HETATM 1583 O O   . HOH B 2 .   ? 8.784   -0.784  7.619   1.00 12.00 ? 4   HOH A O   1 
HETATM 1584 O O   . HOH B 2 .   ? -8.967  9.554   1.174   1.00 12.48 ? 5   HOH A O   1 
HETATM 1585 O O   . HOH B 2 .   ? 5.940   -5.128  -20.320 1.00 17.75 ? 6   HOH A O   1 
HETATM 1586 O O   . HOH B 2 .   ? -5.077  6.282   18.090  1.00 15.82 ? 7   HOH A O   1 
HETATM 1587 O O   . HOH B 2 .   ? 21.075  -14.994 -7.117  1.00 37.25 ? 8   HOH A O   1 
HETATM 1588 O O   . HOH B 2 .   ? -11.238 9.535   14.662  1.00 24.25 ? 9   HOH A O   1 
HETATM 1589 O O   . HOH B 2 .   ? -8.186  11.538  3.236   1.00 13.83 ? 10  HOH A O   1 
HETATM 1590 O O   . HOH B 2 .   ? 6.319   10.864  1.401   1.00 13.55 ? 11  HOH A O   1 
HETATM 1591 O O   . HOH B 2 .   ? -19.413 10.781  -4.651  1.00 17.07 ? 12  HOH A O   1 
HETATM 1592 O O   . HOH B 2 .   ? 3.697   -1.879  24.003  1.00 20.27 ? 13  HOH A O   1 
HETATM 1593 O O   . HOH B 2 .   ? -6.270  15.353  19.823  1.00 24.97 ? 14  HOH A O   1 
HETATM 1594 O O   . HOH B 2 .   ? 0.068   18.070  14.095  1.00 22.14 ? 15  HOH A O   1 
HETATM 1595 O O   . HOH B 2 .   ? 3.267   -13.303 0.791   1.00 20.34 ? 16  HOH A O   1 
HETATM 1596 O O   . HOH B 2 .   ? 10.344  -0.282  12.350  1.00 18.72 ? 17  HOH A O   1 
HETATM 1597 O O   . HOH B 2 .   ? -8.736  -4.779  -11.840 1.00 21.33 ? 18  HOH A O   1 
HETATM 1598 O O   . HOH B 2 .   ? 6.163   11.036  4.162   1.00 16.05 ? 19  HOH A O   1 
HETATM 1599 O O   . HOH B 2 .   ? 5.088   2.336   -22.077 1.00 33.34 ? 20  HOH A O   1 
HETATM 1600 O O   . HOH B 2 .   ? 14.880  -8.791  -14.352 1.00 20.86 ? 21  HOH A O   1 
HETATM 1601 O O   . HOH B 2 .   ? 3.680   12.416  5.220   1.00 17.26 ? 22  HOH A O   1 
HETATM 1602 O O   . HOH B 2 .   ? 11.919  7.716   0.802   1.00 18.73 ? 23  HOH A O   1 
HETATM 1603 O O   . HOH B 2 .   ? 10.385  -1.120  21.003  1.00 19.60 ? 24  HOH A O   1 
HETATM 1604 O O   . HOH B 2 .   ? 8.790   -15.886 -6.422  1.00 23.07 ? 25  HOH A O   1 
HETATM 1605 O O   . HOH B 2 .   ? 11.642  0.473   7.254   1.00 28.30 ? 26  HOH A O   1 
HETATM 1606 O O   . HOH B 2 .   ? 10.004  -5.358  -18.126 1.00 12.67 ? 27  HOH A O   1 
HETATM 1607 O O   . HOH B 2 .   ? -4.575  -2.707  -10.938 1.00 19.35 ? 28  HOH A O   1 
HETATM 1608 O O   . HOH B 2 .   ? -9.887  0.272   -5.154  1.00 12.42 ? 29  HOH A O   1 
HETATM 1609 O O   . HOH B 2 .   ? 17.051  -0.595  -2.808  1.00 10.97 ? 30  HOH A O   1 
HETATM 1610 O O   . HOH B 2 .   ? -14.975 -2.960  8.220   1.00 15.27 ? 31  HOH A O   1 
HETATM 1611 O O   . HOH B 2 .   ? -10.277 9.392   27.531  1.00 18.73 ? 32  HOH A O   1 
HETATM 1612 O O   . HOH B 2 .   ? -3.723  16.232  -13.650 1.00 21.45 ? 33  HOH A O   1 
HETATM 1613 O O   . HOH B 2 .   ? -15.888 -0.505  7.017   1.00 12.10 ? 34  HOH A O   1 
HETATM 1614 O O   . HOH B 2 .   ? 21.234  -11.653 -11.879 1.00 27.46 ? 35  HOH A O   1 
HETATM 1615 O O   . HOH B 2 .   ? -0.993  20.385  21.239  1.00 14.09 ? 36  HOH A O   1 
HETATM 1616 O O   . HOH B 2 .   ? -5.483  -4.387  18.861  1.00 26.62 ? 37  HOH A O   1 
HETATM 1617 O O   . HOH B 2 .   ? -1.111  -13.920 -14.238 1.00 29.75 ? 38  HOH A O   1 
HETATM 1618 O O   . HOH B 2 .   ? -1.039  -7.853  6.070   1.00 7.68  ? 39  HOH A O   1 
HETATM 1619 O O   . HOH B 2 .   ? -5.552  11.415  -13.667 1.00 13.80 ? 40  HOH A O   1 
HETATM 1620 O O   . HOH B 2 .   ? -15.620 -3.790  4.573   1.00 17.37 ? 41  HOH A O   1 
HETATM 1621 O O   . HOH B 2 .   ? -2.703  21.449  19.374  1.00 12.08 ? 42  HOH A O   1 
HETATM 1622 O O   . HOH B 2 .   ? 10.998  5.462   -4.233  1.00 13.17 ? 43  HOH A O   1 
HETATM 1623 O O   . HOH B 2 .   ? 22.103  -5.384  -11.195 1.00 14.23 ? 44  HOH A O   1 
HETATM 1624 O O   . HOH B 2 .   ? -6.343  13.963  -13.725 1.00 16.01 ? 45  HOH A O   1 
HETATM 1625 O O   . HOH B 2 .   ? 10.537  9.703   3.823   1.00 18.01 ? 46  HOH A O   1 
HETATM 1626 O O   . HOH B 2 .   ? -3.085  -8.508  4.763   1.00 14.09 ? 47  HOH A O   1 
HETATM 1627 O O   . HOH B 2 .   ? -16.468 10.882  -2.968  1.00 18.78 ? 48  HOH A O   1 
HETATM 1628 O O   . HOH B 2 .   ? -17.294 1.447   0.392   1.00 12.36 ? 49  HOH A O   1 
HETATM 1629 O O   . HOH B 2 .   ? 10.730  2.941   14.642  1.00 13.59 ? 50  HOH A O   1 
HETATM 1630 O O   . HOH B 2 .   ? 6.079   -11.187 -14.174 1.00 15.09 ? 51  HOH A O   1 
HETATM 1631 O O   . HOH B 2 .   ? -11.884 2.067   17.053  1.00 21.68 ? 52  HOH A O   1 
HETATM 1632 O O   . HOH B 2 .   ? 10.049  7.679   -1.295  1.00 26.94 ? 53  HOH A O   1 
HETATM 1633 O O   . HOH B 2 .   ? -6.974  -3.562  -9.973  1.00 18.28 ? 54  HOH A O   1 
HETATM 1634 O O   . HOH B 2 .   ? -13.580 4.948   -3.774  1.00 15.67 ? 55  HOH A O   1 
HETATM 1635 O O   . HOH B 2 .   ? -8.807  14.703  -14.658 1.00 22.43 ? 56  HOH A O   1 
HETATM 1636 O O   . HOH B 2 .   ? 7.156   -4.830  2.470   1.00 15.10 ? 57  HOH A O   1 
HETATM 1637 O O   . HOH B 2 .   ? 3.562   11.923  0.527   1.00 15.55 ? 58  HOH A O   1 
HETATM 1638 O O   . HOH B 2 .   ? -2.273  10.342  11.728  1.00 9.67  ? 59  HOH A O   1 
HETATM 1639 O O   . HOH B 2 .   ? -5.924  10.124  18.948  1.00 20.65 ? 60  HOH A O   1 
HETATM 1640 O O   . HOH B 2 .   ? 14.595  1.378   -9.014  1.00 13.59 ? 61  HOH A O   1 
HETATM 1641 O O   . HOH B 2 .   ? 15.807  -0.145  -7.146  1.00 15.54 ? 62  HOH A O   1 
HETATM 1642 O O   . HOH B 2 .   ? -16.434 6.063   -15.303 1.00 26.75 ? 63  HOH A O   1 
HETATM 1643 O O   . HOH B 2 .   ? 15.345  -10.440 -6.582  1.00 14.20 ? 64  HOH A O   1 
HETATM 1644 O O   . HOH B 2 .   ? -11.219 1.578   -3.004  1.00 8.90  ? 65  HOH A O   1 
HETATM 1645 O O   . HOH B 2 .   ? 21.546  -6.807  -4.522  1.00 13.01 ? 66  HOH A O   1 
HETATM 1646 O O   . HOH B 2 .   ? -0.589  11.828  10.169  1.00 11.79 ? 67  HOH A O   1 
HETATM 1647 O O   . HOH B 2 .   ? -15.301 10.063  -0.279  1.00 19.00 ? 68  HOH A O   1 
HETATM 1648 O O   . HOH B 2 .   ? -9.151  -7.433  -10.499 1.00 20.49 ? 69  HOH A O   1 
HETATM 1649 O O   . HOH B 2 .   ? 1.750   13.969  25.107  1.00 18.02 ? 70  HOH A O   1 
HETATM 1650 O O   . HOH B 2 .   ? -10.519 -2.629  -12.063 1.00 19.93 ? 71  HOH A O   1 
HETATM 1651 O O   . HOH B 2 .   ? -18.102 -3.261  5.285   1.00 16.54 ? 72  HOH A O   1 
HETATM 1652 O O   . HOH B 2 .   ? 12.973  -7.599  3.888   1.00 20.11 ? 73  HOH A O   1 
HETATM 1653 O O   . HOH B 2 .   ? 0.037   -9.962  5.109   1.00 19.26 ? 74  HOH A O   1 
HETATM 1654 O O   . HOH B 2 .   ? -15.380 3.092   -2.992  1.00 19.42 ? 75  HOH A O   1 
HETATM 1655 O O   . HOH B 2 .   ? -15.152 5.123   -6.093  1.00 17.09 ? 76  HOH A O   1 
HETATM 1656 O O   . HOH B 2 .   ? -17.482 3.563   -1.372  1.00 26.12 ? 77  HOH A O   1 
HETATM 1657 O O   . HOH B 2 .   ? -14.458 7.546   -3.413  1.00 14.58 ? 78  HOH A O   1 
HETATM 1658 O O   . HOH B 2 .   ? 6.011   16.540  16.293  1.00 20.33 ? 79  HOH A O   1 
HETATM 1659 O O   . HOH B 2 .   ? 0.347   2.499   25.481  1.00 25.90 ? 80  HOH A O   1 
HETATM 1660 O O   . HOH B 2 .   ? -12.141 13.268  -13.396 1.00 17.43 ? 81  HOH A O   1 
HETATM 1661 O O   . HOH B 2 .   ? -3.480  10.898  6.157   1.00 9.12  ? 82  HOH A O   1 
HETATM 1662 O O   . HOH B 2 .   ? 22.273  -5.723  -7.035  1.00 13.63 ? 83  HOH A O   1 
HETATM 1663 O O   . HOH B 2 .   ? -15.778 2.210   7.408   1.00 13.72 ? 84  HOH A O   1 
HETATM 1664 O O   . HOH B 2 .   ? 2.805   -5.766  18.866  1.00 27.89 ? 85  HOH A O   1 
HETATM 1665 O O   . HOH B 2 .   ? 4.615   2.619   25.774  1.00 29.43 ? 86  HOH A O   1 
HETATM 1666 O O   . HOH B 2 .   ? 8.224   -3.811  -19.823 1.00 13.55 ? 87  HOH A O   1 
HETATM 1667 O O   . HOH B 2 .   ? -8.008  14.238  -7.638  1.00 9.17  ? 88  HOH A O   1 
HETATM 1668 O O   . HOH B 2 .   ? 7.445   -7.718  2.069   1.00 24.67 ? 89  HOH A O   1 
HETATM 1669 O O   . HOH B 2 .   ? 9.825   -4.700  2.845   1.00 20.77 ? 90  HOH A O   1 
HETATM 1670 O O   . HOH B 2 .   ? -0.520  11.332  22.481  1.00 22.32 ? 91  HOH A O   1 
HETATM 1671 O O   . HOH B 2 .   ? -15.346 3.886   9.507   1.00 21.82 ? 92  HOH A O   1 
HETATM 1672 O O   . HOH B 2 .   ? 4.318   -3.804  21.268  1.00 13.75 ? 93  HOH A O   1 
HETATM 1673 O O   . HOH B 2 .   ? 9.477   -2.925  -22.128 1.00 14.72 ? 94  HOH A O   1 
HETATM 1674 O O   . HOH B 2 .   ? 12.025  -14.954 -3.824  1.00 25.77 ? 95  HOH A O   1 
HETATM 1675 O O   . HOH B 2 .   ? -16.955 8.155   2.569   1.00 20.91 ? 96  HOH A O   1 
HETATM 1676 O O   . HOH B 2 .   ? -11.617 -9.196  3.979   1.00 22.11 ? 97  HOH A O   1 
HETATM 1677 O O   . HOH B 2 .   ? 12.323  3.012   6.545   1.00 21.84 ? 98  HOH A O   1 
HETATM 1678 O O   . HOH B 2 .   ? 0.599   -7.683  7.984   1.00 18.41 ? 99  HOH A O   1 
HETATM 1679 O O   . HOH B 2 .   ? 4.002   -6.912  8.478   1.00 25.07 ? 100 HOH A O   1 
HETATM 1680 O O   . HOH B 2 .   ? -4.680  -4.009  21.288  1.00 25.64 ? 101 HOH A O   1 
HETATM 1681 O O   . HOH B 2 .   ? 12.059  5.554   20.805  1.00 22.75 ? 102 HOH A O   1 
HETATM 1682 O O   . HOH B 2 .   ? 4.726   13.795  22.312  1.00 29.09 ? 103 HOH A O   1 
HETATM 1683 O O   . HOH B 2 .   ? 2.939   -6.098  14.785  1.00 27.71 ? 104 HOH A O   1 
HETATM 1684 O O   . HOH B 2 .   ? 14.643  -10.152 0.062   1.00 16.85 ? 105 HOH A O   1 
HETATM 1685 O O   . HOH B 2 .   ? -11.837 -4.945  16.061  1.00 21.85 ? 106 HOH A O   1 
HETATM 1686 O O   . HOH B 2 .   ? -17.080 -4.473  7.504   1.00 23.68 ? 107 HOH A O   1 
HETATM 1687 O O   . HOH B 2 .   ? -1.854  -7.258  20.635  1.00 23.05 ? 108 HOH A O   1 
HETATM 1688 O O   . HOH B 2 .   ? -12.380 5.292   10.421  1.00 24.51 ? 109 HOH A O   1 
HETATM 1689 O O   . HOH B 2 .   ? 5.612   -9.649  13.337  1.00 28.04 ? 110 HOH A O   1 
HETATM 1690 O O   . HOH B 2 .   ? -7.226  -14.939 11.348  1.00 34.72 ? 111 HOH A O   1 
HETATM 1691 O O   . HOH B 2 .   ? -14.973 -6.516  4.815   1.00 32.37 ? 112 HOH A O   1 
HETATM 1692 O O   . HOH B 2 .   ? -1.046  13.984  -15.178 1.00 27.03 ? 326 HOH A O   1 
HETATM 1693 O O   . HOH B 2 .   ? -15.408 9.296   6.454   1.00 27.22 ? 327 HOH A O   1 
HETATM 1694 O O   . HOH B 2 .   ? -17.308 7.838   5.154   1.00 27.00 ? 328 HOH A O   1 
HETATM 1695 O O   . HOH B 2 .   ? -14.107 -2.714  15.389  1.00 24.55 ? 329 HOH A O   1 
HETATM 1696 O O   . HOH B 2 .   ? 8.282   10.995  -0.500  1.00 28.24 ? 330 HOH A O   1 
HETATM 1697 O O   . HOH B 2 .   ? 8.636   13.781  14.203  1.00 29.84 ? 331 HOH A O   1 
HETATM 1698 O O   . HOH B 2 .   ? 12.111  -11.512 -12.926 1.00 32.79 ? 332 HOH A O   1 
HETATM 1699 O O   . HOH B 2 .   ? 4.625   -10.940 3.443   1.00 28.70 ? 333 HOH A O   1 
HETATM 1700 O O   . HOH B 2 .   ? -13.117 -8.567  -3.312  1.00 21.53 ? 334 HOH A O   1 
HETATM 1701 O O   . HOH B 2 .   ? -16.540 5.696   6.563   1.00 33.07 ? 335 HOH A O   1 
HETATM 1702 O O   . HOH B 2 .   ? -7.960  17.465  19.664  1.00 26.54 ? 336 HOH A O   1 
HETATM 1703 O O   . HOH B 2 .   ? -12.825 8.517   -15.981 1.00 26.04 ? 337 HOH A O   1 
HETATM 1704 O O   . HOH B 2 .   ? 23.224  -9.889  -11.228 1.00 26.96 ? 338 HOH A O   1 
HETATM 1705 O O   . HOH B 2 .   ? 9.579   5.388   14.992  1.00 30.45 ? 339 HOH A O   1 
HETATM 1706 O O   . HOH B 2 .   ? 0.528   11.801  -15.534 1.00 33.27 ? 340 HOH A O   1 
HETATM 1707 O O   . HOH B 2 .   ? -12.461 -5.669  10.778  1.00 28.22 ? 341 HOH A O   1 
HETATM 1708 O O   . HOH B 2 .   ? -2.344  0.663   -22.838 1.00 36.88 ? 342 HOH A O   1 
HETATM 1709 O O   . HOH B 2 .   ? -5.399  -13.917 -13.906 1.00 29.84 ? 343 HOH A O   1 
HETATM 1710 O O   . HOH B 2 .   ? 5.617   -16.973 -1.659  1.00 31.70 ? 344 HOH A O   1 
HETATM 1711 O O   . HOH B 2 .   ? -14.444 -3.268  10.962  1.00 32.47 ? 345 HOH A O   1 
HETATM 1712 O O   . HOH B 2 .   ? -10.425 -1.073  22.906  1.00 30.08 ? 346 HOH A O   1 
HETATM 1713 O O   . HOH B 2 .   ? 9.088   12.798  -2.940  0.33 47.99 ? 347 HOH A O   1 
HETATM 1714 O O   . HOH B 2 .   ? -2.354  -10.957 1.407   1.00 25.43 ? 348 HOH A O   1 
HETATM 1715 O O   . HOH B 2 .   ? -19.533 7.955   1.748   1.00 34.49 ? 349 HOH A O   1 
HETATM 1716 O O   . HOH B 2 .   ? -10.668 -12.184 -0.313  1.00 25.37 ? 350 HOH A O   1 
HETATM 1717 O O   . HOH B 2 .   ? 2.642   -9.449  7.729   1.00 27.10 ? 351 HOH A O   1 
HETATM 1718 O O   . HOH B 2 .   ? -11.311 4.240   18.599  1.00 28.63 ? 352 HOH A O   1 
HETATM 1719 O O   . HOH B 2 .   ? 4.617   11.430  18.753  1.00 34.23 ? 353 HOH A O   1 
HETATM 1720 O O   . HOH B 2 .   ? 5.891   7.586   22.081  1.00 34.81 ? 354 HOH A O   1 
HETATM 1721 O O   . HOH B 2 .   ? -17.092 7.136   -2.551  1.00 30.56 ? 355 HOH A O   1 
HETATM 1722 O O   . HOH B 2 .   ? 4.819   -9.001  6.194   1.00 31.84 ? 356 HOH A O   1 
HETATM 1723 O O   . HOH B 2 .   ? 2.469   6.800   -20.866 1.00 60.64 ? 357 HOH A O   1 
HETATM 1724 O O   . HOH B 2 .   ? -10.996 -12.196 8.145   1.00 32.03 ? 358 HOH A O   1 
HETATM 1725 O O   . HOH B 2 .   ? 2.420   18.495  19.410  1.00 36.94 ? 359 HOH A O   1 
HETATM 1726 O O   . HOH B 2 .   ? -15.717 -0.831  -12.555 1.00 29.46 ? 360 HOH A O   1 
HETATM 1727 O O   . HOH B 2 .   ? 10.512  12.654  6.660   1.00 36.51 ? 361 HOH A O   1 
HETATM 1728 O O   . HOH B 2 .   ? -2.259  1.451   27.000  1.00 29.35 ? 362 HOH A O   1 
HETATM 1729 O O   . HOH B 2 .   ? -13.265 -2.919  -11.356 1.00 26.77 ? 363 HOH A O   1 
HETATM 1730 O O   . HOH B 2 .   ? 24.020  -8.955  -8.819  1.00 33.35 ? 364 HOH A O   1 
HETATM 1731 O O   . HOH B 2 .   ? -7.827  -10.137 -14.749 1.00 28.56 ? 365 HOH A O   1 
HETATM 1732 O O   . HOH B 2 .   ? -7.554  1.707   -19.214 1.00 28.69 ? 366 HOH A O   1 
HETATM 1733 O O   . HOH B 2 .   ? 20.386  -7.835  1.700   1.00 27.99 ? 367 HOH A O   1 
HETATM 1734 O O   . HOH B 2 .   ? 17.074  -11.778 -12.774 1.00 32.15 ? 368 HOH A O   1 
HETATM 1735 O O   . HOH B 2 .   ? -15.569 -2.239  13.137  1.00 32.24 ? 369 HOH A O   1 
HETATM 1736 O O   . HOH B 2 .   ? -20.677 7.157   -6.458  1.00 32.76 ? 370 HOH A O   1 
HETATM 1737 O O   . HOH B 2 .   ? 1.848   11.614  -18.066 1.00 34.59 ? 371 HOH A O   1 
HETATM 1738 O O   . HOH B 2 .   ? 11.892  6.739   14.790  1.00 30.48 ? 372 HOH A O   1 
HETATM 1739 O O   . HOH B 2 .   ? -14.196 2.945   13.283  1.00 34.21 ? 373 HOH A O   1 
HETATM 1740 O O   . HOH B 2 .   ? -19.019 8.034   -8.712  1.00 32.55 ? 374 HOH A O   1 
HETATM 1741 O O   . HOH B 2 .   ? 6.115   -13.994 -10.988 1.00 25.76 ? 375 HOH A O   1 
HETATM 1742 O O   . HOH B 2 .   ? 14.275  -13.070 -12.293 1.00 40.18 ? 376 HOH A O   1 
HETATM 1743 O O   . HOH B 2 .   ? -2.054  -14.297 -0.150  1.00 34.02 ? 377 HOH A O   1 
HETATM 1744 O O   . HOH B 2 .   ? 0.029   -8.017  10.590  1.00 31.79 ? 378 HOH A O   1 
HETATM 1745 O O   . HOH B 2 .   ? 4.735   9.600   20.697  1.00 43.50 ? 379 HOH A O   1 
HETATM 1746 O O   . HOH B 2 .   ? 9.934   -3.218  7.401   1.00 33.26 ? 380 HOH A O   1 
HETATM 1747 O O   . HOH B 2 .   ? 11.371  2.427   26.848  1.00 43.25 ? 381 HOH A O   1 
HETATM 1748 O O   . HOH B 2 .   ? -1.309  -11.408 -20.384 1.00 33.08 ? 382 HOH A O   1 
HETATM 1749 O O   . HOH B 2 .   ? 4.346   -9.769  -19.704 1.00 38.37 ? 383 HOH A O   1 
HETATM 1750 O O   . HOH B 2 .   ? 10.214  10.661  1.314   1.00 35.07 ? 384 HOH A O   1 
HETATM 1751 O O   . HOH B 2 .   ? 1.879   -15.678 1.503   1.00 39.01 ? 385 HOH A O   1 
HETATM 1752 O O   . HOH B 2 .   ? -9.263  -14.892 0.058   1.00 35.98 ? 386 HOH A O   1 
HETATM 1753 O O   . HOH B 2 .   ? 4.300   -13.228 4.873   1.00 25.43 ? 387 HOH A O   1 
HETATM 1754 O O   . HOH B 2 .   ? 9.754   14.908  11.845  1.00 48.98 ? 388 HOH A O   1 
HETATM 1755 O O   . HOH B 2 .   ? -0.734  -5.868  12.549  1.00 24.81 ? 389 HOH A O   1 
HETATM 1756 O O   . HOH B 2 .   ? 8.495   6.950   21.463  1.00 38.49 ? 390 HOH A O   1 
HETATM 1757 O O   . HOH B 2 .   ? -6.929  -15.272 -7.658  1.00 33.38 ? 391 HOH A O   1 
HETATM 1758 O O   . HOH B 2 .   ? 22.564  -9.061  -3.261  1.00 32.41 ? 392 HOH A O   1 
HETATM 1759 O O   . HOH B 2 .   ? -12.171 5.150   -17.511 1.00 41.06 ? 393 HOH A O   1 
HETATM 1760 O O   . HOH B 2 .   ? -9.385  -4.602  -16.385 1.00 34.91 ? 394 HOH A O   1 
HETATM 1761 O O   . HOH B 2 .   ? -2.500  -6.629  -20.578 1.00 41.63 ? 395 HOH A O   1 
HETATM 1762 O O   . HOH B 2 .   ? -6.379  2.772   -21.396 1.00 38.49 ? 396 HOH A O   1 
HETATM 1763 O O   . HOH B 2 .   ? -11.986 2.688   -16.482 1.00 23.25 ? 397 HOH A O   1 
HETATM 1764 O O   . HOH B 2 .   ? -2.165  -3.275  -19.928 1.00 30.39 ? 398 HOH A O   1 
# 
